data_3D8M
# 
_entry.id   3D8M 
# 
_audit_conform.dict_name       mmcif_pdbx.dic 
_audit_conform.dict_version    5.380 
_audit_conform.dict_location   http://mmcif.pdb.org/dictionaries/ascii/mmcif_pdbx.dic 
# 
loop_
_database_2.database_id 
_database_2.database_code 
_database_2.pdbx_database_accession 
_database_2.pdbx_DOI 
PDB   3D8M         pdb_00003d8m 10.2210/pdb3d8m/pdb 
RCSB  RCSB047729   ?            ?                   
WWPDB D_1000047729 ?            ?                   
# 
loop_
_pdbx_database_related.db_name 
_pdbx_database_related.db_id 
_pdbx_database_related.details 
_pdbx_database_related.content_type 
PDB 1ZRU 'phage p2 native protein in complex with glycerol'                       unspecified 
PDB 2BSD 'native protein of head domain'                                          unspecified 
PDB 2BSE 'phage p2 native protein head domain in complex with a llama VHH domain' unspecified 
PDB 2F0C 'native protein of heck and shoulder domains'                            unspecified 
# 
_pdbx_database_status.status_code                     REL 
_pdbx_database_status.entry_id                        3D8M 
_pdbx_database_status.recvd_initial_deposition_date   2008-05-23 
_pdbx_database_status.deposit_site                    RCSB 
_pdbx_database_status.process_site                    PDBJ 
_pdbx_database_status.status_code_sf                  REL 
_pdbx_database_status.status_code_mr                  ? 
_pdbx_database_status.SG_entry                        ? 
_pdbx_database_status.pdb_format_compatible           Y 
_pdbx_database_status.status_code_cs                  ? 
_pdbx_database_status.methods_development_category    ? 
_pdbx_database_status.status_code_nmr_data            ? 
# 
loop_
_audit_author.name 
_audit_author.pdbx_ordinal 
'Siponen, M.I.'  1 
'Blangy, S.'     2 
'Spinelli, S.'   3 
'Cambillau, C.'  4 
'Campanacci, V.' 5 
# 
_citation.id                        primary 
_citation.title                     
'Crystal structure of a chimeric receptor binding protein constructed from two lactococcal phages' 
_citation.journal_abbrev            J.Bacteriol. 
_citation.journal_volume            191 
_citation.page_first                3220 
_citation.page_last                 3225 
_citation.year                      2009 
_citation.journal_id_ASTM           JOBAAY 
_citation.country                   US 
_citation.journal_id_ISSN           0021-9193 
_citation.journal_id_CSD            0767 
_citation.book_publisher            ? 
_citation.pdbx_database_id_PubMed   19286807 
_citation.pdbx_database_id_DOI      10.1128/JB.01637-08 
# 
loop_
_citation_author.citation_id 
_citation_author.name 
_citation_author.ordinal 
_citation_author.identifier_ORCID 
primary 'Siponen, M.'    1 ? 
primary 'Spinelli, S.'   2 ? 
primary 'Blangy, S.'     3 ? 
primary 'Moineau, S.'    4 ? 
primary 'Cambillau, C.'  5 ? 
primary 'Campanacci, V.' 6 ? 
# 
_cell.entry_id           3D8M 
_cell.length_a           85.833 
_cell.length_b           85.833 
_cell.length_c           85.833 
_cell.angle_alpha        90.00 
_cell.angle_beta         90.00 
_cell.angle_gamma        90.00 
_cell.Z_PDB              12 
_cell.pdbx_unique_axis   ? 
_cell.length_a_esd       ? 
_cell.length_b_esd       ? 
_cell.length_c_esd       ? 
_cell.angle_alpha_esd    ? 
_cell.angle_beta_esd     ? 
_cell.angle_gamma_esd    ? 
# 
_symmetry.entry_id                         3D8M 
_symmetry.space_group_name_H-M             'P 21 3' 
_symmetry.pdbx_full_space_group_name_H-M   ? 
_symmetry.cell_setting                     ? 
_symmetry.Int_Tables_number                198 
_symmetry.space_group_name_Hall            ? 
# 
_entity.id                         1 
_entity.type                       polymer 
_entity.src_method                 man 
_entity.pdbx_description           'Baseplate protein, Receptor binding protein' 
_entity.formula_weight             17872.090 
_entity.pdbx_number_of_molecules   1 
_entity.pdbx_ec                    ? 
_entity.pdbx_mutation              ? 
_entity.pdbx_fragment              'UNP residues 1-62, UNP residues 162-264' 
_entity.details                    ? 
# 
_entity_name_com.entity_id   1 
_entity_name_com.name        BPP 
# 
_entity_poly.entity_id                      1 
_entity_poly.type                           'polypeptide(L)' 
_entity_poly.nstd_linkage                   no 
_entity_poly.nstd_monomer                   no 
_entity_poly.pdbx_seq_one_letter_code       
;MASIKKVYRGMKNGAETINDDLEAINSELTSGGNVVHKTGDETIAGKKTFTGNVEVNGSLTLPVQTLTVEAGNGLQLQLT
KKNNDLVIVRFFGSVSNIQKGWNMSGTWVDRPFRPAAVQSLVGHFAGRDTSFHIDINPNGSITWWGANIDKTPIATRGNG
SYFIK
;
_entity_poly.pdbx_seq_one_letter_code_can   
;MASIKKVYRGMKNGAETINDDLEAINSELTSGGNVVHKTGDETIAGKKTFTGNVEVNGSLTLPVQTLTVEAGNGLQLQLT
KKNNDLVIVRFFGSVSNIQKGWNMSGTWVDRPFRPAAVQSLVGHFAGRDTSFHIDINPNGSITWWGANIDKTPIATRGNG
SYFIK
;
_entity_poly.pdbx_strand_id                 A 
_entity_poly.pdbx_target_identifier         ? 
# 
loop_
_entity_poly_seq.entity_id 
_entity_poly_seq.num 
_entity_poly_seq.mon_id 
_entity_poly_seq.hetero 
1 1   MET n 
1 2   ALA n 
1 3   SER n 
1 4   ILE n 
1 5   LYS n 
1 6   LYS n 
1 7   VAL n 
1 8   TYR n 
1 9   ARG n 
1 10  GLY n 
1 11  MET n 
1 12  LYS n 
1 13  ASN n 
1 14  GLY n 
1 15  ALA n 
1 16  GLU n 
1 17  THR n 
1 18  ILE n 
1 19  ASN n 
1 20  ASP n 
1 21  ASP n 
1 22  LEU n 
1 23  GLU n 
1 24  ALA n 
1 25  ILE n 
1 26  ASN n 
1 27  SER n 
1 28  GLU n 
1 29  LEU n 
1 30  THR n 
1 31  SER n 
1 32  GLY n 
1 33  GLY n 
1 34  ASN n 
1 35  VAL n 
1 36  VAL n 
1 37  HIS n 
1 38  LYS n 
1 39  THR n 
1 40  GLY n 
1 41  ASP n 
1 42  GLU n 
1 43  THR n 
1 44  ILE n 
1 45  ALA n 
1 46  GLY n 
1 47  LYS n 
1 48  LYS n 
1 49  THR n 
1 50  PHE n 
1 51  THR n 
1 52  GLY n 
1 53  ASN n 
1 54  VAL n 
1 55  GLU n 
1 56  VAL n 
1 57  ASN n 
1 58  GLY n 
1 59  SER n 
1 60  LEU n 
1 61  THR n 
1 62  LEU n 
1 63  PRO n 
1 64  VAL n 
1 65  GLN n 
1 66  THR n 
1 67  LEU n 
1 68  THR n 
1 69  VAL n 
1 70  GLU n 
1 71  ALA n 
1 72  GLY n 
1 73  ASN n 
1 74  GLY n 
1 75  LEU n 
1 76  GLN n 
1 77  LEU n 
1 78  GLN n 
1 79  LEU n 
1 80  THR n 
1 81  LYS n 
1 82  LYS n 
1 83  ASN n 
1 84  ASN n 
1 85  ASP n 
1 86  LEU n 
1 87  VAL n 
1 88  ILE n 
1 89  VAL n 
1 90  ARG n 
1 91  PHE n 
1 92  PHE n 
1 93  GLY n 
1 94  SER n 
1 95  VAL n 
1 96  SER n 
1 97  ASN n 
1 98  ILE n 
1 99  GLN n 
1 100 LYS n 
1 101 GLY n 
1 102 TRP n 
1 103 ASN n 
1 104 MET n 
1 105 SER n 
1 106 GLY n 
1 107 THR n 
1 108 TRP n 
1 109 VAL n 
1 110 ASP n 
1 111 ARG n 
1 112 PRO n 
1 113 PHE n 
1 114 ARG n 
1 115 PRO n 
1 116 ALA n 
1 117 ALA n 
1 118 VAL n 
1 119 GLN n 
1 120 SER n 
1 121 LEU n 
1 122 VAL n 
1 123 GLY n 
1 124 HIS n 
1 125 PHE n 
1 126 ALA n 
1 127 GLY n 
1 128 ARG n 
1 129 ASP n 
1 130 THR n 
1 131 SER n 
1 132 PHE n 
1 133 HIS n 
1 134 ILE n 
1 135 ASP n 
1 136 ILE n 
1 137 ASN n 
1 138 PRO n 
1 139 ASN n 
1 140 GLY n 
1 141 SER n 
1 142 ILE n 
1 143 THR n 
1 144 TRP n 
1 145 TRP n 
1 146 GLY n 
1 147 ALA n 
1 148 ASN n 
1 149 ILE n 
1 150 ASP n 
1 151 LYS n 
1 152 THR n 
1 153 PRO n 
1 154 ILE n 
1 155 ALA n 
1 156 THR n 
1 157 ARG n 
1 158 GLY n 
1 159 ASN n 
1 160 GLY n 
1 161 SER n 
1 162 TYR n 
1 163 PHE n 
1 164 ILE n 
1 165 LYS n 
# 
loop_
_entity_src_gen.entity_id 
_entity_src_gen.pdbx_src_id 
_entity_src_gen.pdbx_alt_source_flag 
_entity_src_gen.pdbx_seq_type 
_entity_src_gen.pdbx_beg_seq_num 
_entity_src_gen.pdbx_end_seq_num 
_entity_src_gen.gene_src_common_name 
_entity_src_gen.gene_src_genus 
_entity_src_gen.pdbx_gene_src_gene 
_entity_src_gen.gene_src_species 
_entity_src_gen.gene_src_strain 
_entity_src_gen.gene_src_tissue 
_entity_src_gen.gene_src_tissue_fraction 
_entity_src_gen.gene_src_details 
_entity_src_gen.pdbx_gene_src_fragment 
_entity_src_gen.pdbx_gene_src_scientific_name 
_entity_src_gen.pdbx_gene_src_ncbi_taxonomy_id 
_entity_src_gen.pdbx_gene_src_variant 
_entity_src_gen.pdbx_gene_src_cell_line 
_entity_src_gen.pdbx_gene_src_atcc 
_entity_src_gen.pdbx_gene_src_organ 
_entity_src_gen.pdbx_gene_src_organelle 
_entity_src_gen.pdbx_gene_src_cell 
_entity_src_gen.pdbx_gene_src_cellular_location 
_entity_src_gen.host_org_common_name 
_entity_src_gen.pdbx_host_org_scientific_name 
_entity_src_gen.pdbx_host_org_ncbi_taxonomy_id 
_entity_src_gen.host_org_genus 
_entity_src_gen.pdbx_host_org_gene 
_entity_src_gen.pdbx_host_org_organ 
_entity_src_gen.host_org_species 
_entity_src_gen.pdbx_host_org_tissue 
_entity_src_gen.pdbx_host_org_tissue_fraction 
_entity_src_gen.pdbx_host_org_strain 
_entity_src_gen.pdbx_host_org_variant 
_entity_src_gen.pdbx_host_org_cell_line 
_entity_src_gen.pdbx_host_org_atcc 
_entity_src_gen.pdbx_host_org_culture_collection 
_entity_src_gen.pdbx_host_org_cell 
_entity_src_gen.pdbx_host_org_organelle 
_entity_src_gen.pdbx_host_org_cellular_location 
_entity_src_gen.pdbx_host_org_vector_type 
_entity_src_gen.pdbx_host_org_vector 
_entity_src_gen.host_org_details 
_entity_src_gen.expression_system_id 
_entity_src_gen.plasmid_name 
_entity_src_gen.plasmid_details 
_entity_src_gen.pdbx_description 
1 1 sample ? 1  62  ? ? 'ORF49, ORF18' ? TP901-1 ? ? ? ? 'Lactococcus phage TP901-1' 35345  ? ? ? ? ? ? ? ? 'Escherichia coli' 562 
? ? ? ? ? ? C41pLysRos ? ? ? ? ? ? ? plasmid ? ? ? 'pDEST17 O/I' ? ? 
1 2 sample ? 63 165 ? ? 'ORF49, ORF18' ? p2      ? ? ? ? 'Lactococcus phage p2'      254252 ? ? ? ? ? ? ? ? 'Escherichia coli' 562 
? ? ? ? ? ? C41pLysRos ? ? ? ? ? ? ? plasmid ? ? ? 'pDEST17 O/I' ? ? 
# 
loop_
_struct_ref.id 
_struct_ref.db_name 
_struct_ref.db_code 
_struct_ref.pdbx_db_accession 
_struct_ref.entity_id 
_struct_ref.pdbx_seq_one_letter_code 
_struct_ref.pdbx_align_begin 
_struct_ref.pdbx_db_isoform 
1 UNP Q9G096_9CAUD Q9G096 1 MASIKKVYRGMKNGAETINDDLEAINSELTSGGNVVHKTGDETIAGKKTFTGNVEVNGSLTL 1   ? 
2 UNP Q1RNF7_9CAUD Q1RNF7 1 
;PVQTLTVEAGNGLQLQLTKKNNDLVIVRFFGSVSNIQKGWNMSGTWVDRPFRPAAVQSLVGHFAGRDTSFHIDINPNGSI
TWWGANIDKTPIATRGNGSYFIK
;
162 ? 
# 
loop_
_struct_ref_seq.align_id 
_struct_ref_seq.ref_id 
_struct_ref_seq.pdbx_PDB_id_code 
_struct_ref_seq.pdbx_strand_id 
_struct_ref_seq.seq_align_beg 
_struct_ref_seq.pdbx_seq_align_beg_ins_code 
_struct_ref_seq.seq_align_end 
_struct_ref_seq.pdbx_seq_align_end_ins_code 
_struct_ref_seq.pdbx_db_accession 
_struct_ref_seq.db_align_beg 
_struct_ref_seq.pdbx_db_align_beg_ins_code 
_struct_ref_seq.db_align_end 
_struct_ref_seq.pdbx_db_align_end_ins_code 
_struct_ref_seq.pdbx_auth_seq_align_beg 
_struct_ref_seq.pdbx_auth_seq_align_end 
1 1 3D8M A 1  ? 62  ? Q9G096 1   ? 62  ? 1  62  
2 2 3D8M A 63 ? 165 ? Q1RNF7 162 ? 264 ? 63 165 
# 
loop_
_chem_comp.id 
_chem_comp.type 
_chem_comp.mon_nstd_flag 
_chem_comp.name 
_chem_comp.pdbx_synonyms 
_chem_comp.formula 
_chem_comp.formula_weight 
ALA 'L-peptide linking' y ALANINE         ? 'C3 H7 N O2'     89.093  
ARG 'L-peptide linking' y ARGININE        ? 'C6 H15 N4 O2 1' 175.209 
ASN 'L-peptide linking' y ASPARAGINE      ? 'C4 H8 N2 O3'    132.118 
ASP 'L-peptide linking' y 'ASPARTIC ACID' ? 'C4 H7 N O4'     133.103 
GLN 'L-peptide linking' y GLUTAMINE       ? 'C5 H10 N2 O3'   146.144 
GLU 'L-peptide linking' y 'GLUTAMIC ACID' ? 'C5 H9 N O4'     147.129 
GLY 'peptide linking'   y GLYCINE         ? 'C2 H5 N O2'     75.067  
HIS 'L-peptide linking' y HISTIDINE       ? 'C6 H10 N3 O2 1' 156.162 
ILE 'L-peptide linking' y ISOLEUCINE      ? 'C6 H13 N O2'    131.173 
LEU 'L-peptide linking' y LEUCINE         ? 'C6 H13 N O2'    131.173 
LYS 'L-peptide linking' y LYSINE          ? 'C6 H15 N2 O2 1' 147.195 
MET 'L-peptide linking' y METHIONINE      ? 'C5 H11 N O2 S'  149.211 
PHE 'L-peptide linking' y PHENYLALANINE   ? 'C9 H11 N O2'    165.189 
PRO 'L-peptide linking' y PROLINE         ? 'C5 H9 N O2'     115.130 
SER 'L-peptide linking' y SERINE          ? 'C3 H7 N O3'     105.093 
THR 'L-peptide linking' y THREONINE       ? 'C4 H9 N O3'     119.119 
TRP 'L-peptide linking' y TRYPTOPHAN      ? 'C11 H12 N2 O2'  204.225 
TYR 'L-peptide linking' y TYROSINE        ? 'C9 H11 N O3'    181.189 
VAL 'L-peptide linking' y VALINE          ? 'C5 H11 N O2'    117.146 
# 
_exptl.entry_id          3D8M 
_exptl.method            'X-RAY DIFFRACTION' 
_exptl.crystals_number   1 
# 
_exptl_crystal.id                    1 
_exptl_crystal.density_meas          ? 
_exptl_crystal.density_Matthews      2.95 
_exptl_crystal.density_percent_sol   58.28 
_exptl_crystal.description           ? 
_exptl_crystal.F_000                 ? 
_exptl_crystal.preparation           ? 
# 
_exptl_crystal_grow.crystal_id      1 
_exptl_crystal_grow.method          'VAPOR DIFFUSION, SITTING DROP' 
_exptl_crystal_grow.temp            293 
_exptl_crystal_grow.temp_details    ? 
_exptl_crystal_grow.pH              5.5 
_exptl_crystal_grow.pdbx_details    '0.1M Sodium Cacodylate, 12% MPEG2000, pH5.5, VAPOR DIFFUSION, SITTING DROP, temperature 293K' 
_exptl_crystal_grow.pdbx_pH_range   . 
# 
_diffrn.id                     1 
_diffrn.ambient_temp           100 
_diffrn.ambient_temp_details   ? 
_diffrn.crystal_id             1 
# 
_diffrn_detector.diffrn_id              1 
_diffrn_detector.detector               CCD 
_diffrn_detector.type                   'ADSC QUANTUM 210' 
_diffrn_detector.pdbx_collection_date   2007-04-28 
_diffrn_detector.details                'toroidal mirror' 
# 
_diffrn_radiation.diffrn_id                        1 
_diffrn_radiation.wavelength_id                    1 
_diffrn_radiation.pdbx_monochromatic_or_laue_m_l   M 
_diffrn_radiation.monochromator                    'Si 111' 
_diffrn_radiation.pdbx_diffrn_protocol             'SINGLE WAVELENGTH' 
_diffrn_radiation.pdbx_scattering_type             x-ray 
# 
_diffrn_radiation_wavelength.id           1 
_diffrn_radiation_wavelength.wavelength   0.9340 
_diffrn_radiation_wavelength.wt           1.0 
# 
_diffrn_source.diffrn_id                   1 
_diffrn_source.source                      SYNCHROTRON 
_diffrn_source.type                        'ESRF BEAMLINE ID14-1' 
_diffrn_source.pdbx_synchrotron_site       ESRF 
_diffrn_source.pdbx_synchrotron_beamline   ID14-1 
_diffrn_source.pdbx_wavelength             ? 
_diffrn_source.pdbx_wavelength_list        0.9340 
# 
_reflns.entry_id                     3D8M 
_reflns.observed_criterion_sigma_F   ? 
_reflns.observed_criterion_sigma_I   0 
_reflns.d_resolution_high            3.35 
_reflns.d_resolution_low             85.75 
_reflns.number_all                   3206 
_reflns.number_obs                   3206 
_reflns.percent_possible_obs         100 
_reflns.pdbx_Rmerge_I_obs            0.245 
_reflns.pdbx_Rsym_value              0.245 
_reflns.pdbx_netI_over_sigmaI        15.9 
_reflns.B_iso_Wilson_estimate        20.5 
_reflns.pdbx_redundancy              19.9 
_reflns.R_free_details               ? 
_reflns.limit_h_max                  ? 
_reflns.limit_h_min                  ? 
_reflns.limit_k_max                  ? 
_reflns.limit_k_min                  ? 
_reflns.limit_l_max                  ? 
_reflns.limit_l_min                  ? 
_reflns.observed_criterion_F_max     ? 
_reflns.observed_criterion_F_min     ? 
_reflns.pdbx_chi_squared             ? 
_reflns.pdbx_scaling_rejects         ? 
_reflns.pdbx_ordinal                 1 
_reflns.pdbx_diffrn_id               1 
# 
_reflns_shell.d_res_high             3.35 
_reflns_shell.d_res_low              3.53 
_reflns_shell.percent_possible_all   100 
_reflns_shell.Rmerge_I_obs           0.509 
_reflns_shell.pdbx_Rsym_value        0.509 
_reflns_shell.meanI_over_sigI_obs    6.6 
_reflns_shell.pdbx_redundancy        20.5 
_reflns_shell.percent_possible_obs   ? 
_reflns_shell.number_unique_all      450 
_reflns_shell.number_measured_all    ? 
_reflns_shell.number_measured_obs    ? 
_reflns_shell.number_unique_obs      ? 
_reflns_shell.pdbx_chi_squared       ? 
_reflns_shell.pdbx_ordinal           1 
_reflns_shell.pdbx_diffrn_id         1 
# 
_refine.entry_id                                 3D8M 
_refine.ls_number_reflns_obs                     2744 
_refine.ls_number_reflns_all                     2744 
_refine.pdbx_ls_sigma_I                          ? 
_refine.pdbx_ls_sigma_F                          0 
_refine.pdbx_data_cutoff_high_absF               ? 
_refine.pdbx_data_cutoff_low_absF                ? 
_refine.pdbx_data_cutoff_high_rms_absF           ? 
_refine.ls_d_res_low                             60.69 
_refine.ls_d_res_high                            3.35 
_refine.ls_percent_reflns_obs                    99.97 
_refine.ls_R_factor_obs                          0.22853 
_refine.ls_R_factor_all                          0.22853 
_refine.ls_R_factor_R_work                       0.22108 
_refine.ls_R_factor_R_free                       0.27437 
_refine.ls_R_factor_R_free_error                 ? 
_refine.ls_R_factor_R_free_error_details         ? 
_refine.ls_percent_reflns_R_free                 14.1 
_refine.ls_number_reflns_R_free                  450 
_refine.ls_number_parameters                     ? 
_refine.ls_number_restraints                     ? 
_refine.occupancy_min                            ? 
_refine.occupancy_max                            ? 
_refine.correlation_coeff_Fo_to_Fc               0.866 
_refine.correlation_coeff_Fo_to_Fc_free          0.785 
_refine.B_iso_mean                               27.928 
_refine.aniso_B[1][1]                            ? 
_refine.aniso_B[2][2]                            ? 
_refine.aniso_B[3][3]                            ? 
_refine.aniso_B[1][2]                            ? 
_refine.aniso_B[1][3]                            ? 
_refine.aniso_B[2][3]                            ? 
_refine.solvent_model_details                    'BABINET MODEL WITH MASK' 
_refine.solvent_model_param_ksol                 ? 
_refine.solvent_model_param_bsol                 ? 
_refine.pdbx_solvent_vdw_probe_radii             1.20 
_refine.pdbx_solvent_ion_probe_radii             0.80 
_refine.pdbx_solvent_shrinkage_radii             0.80 
_refine.pdbx_ls_cross_valid_method               THROUGHOUT 
_refine.details                                  'HYDROGENS HAVE BEEN ADDED IN THE RIDING POSITIONS' 
_refine.pdbx_starting_model                      'PDB ENTRY 2BSD, 2F0C' 
_refine.pdbx_method_to_determine_struct          'MOLECULAR REPLACEMENT' 
_refine.pdbx_isotropic_thermal_model             ? 
_refine.pdbx_stereochemistry_target_values       'MAXIMUM LIKELIHOOD' 
_refine.pdbx_stereochem_target_val_spec_case     ? 
_refine.pdbx_R_Free_selection_details            RANDOM 
_refine.pdbx_overall_ESU_R                       ? 
_refine.pdbx_overall_ESU_R_Free                  0.623 
_refine.overall_SU_ML                            0.425 
_refine.overall_SU_B                             60.213 
_refine.ls_redundancy_reflns_obs                 ? 
_refine.B_iso_min                                ? 
_refine.B_iso_max                                ? 
_refine.overall_SU_R_Cruickshank_DPI             ? 
_refine.overall_SU_R_free                        ? 
_refine.ls_wR_factor_R_free                      ? 
_refine.ls_wR_factor_R_work                      ? 
_refine.overall_FOM_free_R_set                   ? 
_refine.overall_FOM_work_R_set                   ? 
_refine.pdbx_overall_phase_error                 ? 
_refine.pdbx_refine_id                           'X-RAY DIFFRACTION' 
_refine.pdbx_TLS_residual_ADP_flag               'LIKELY RESIDUAL' 
_refine.pdbx_diffrn_id                           1 
_refine.pdbx_overall_SU_R_free_Cruickshank_DPI   ? 
_refine.pdbx_overall_SU_R_Blow_DPI               ? 
_refine.pdbx_overall_SU_R_free_Blow_DPI          ? 
# 
_refine_analyze.entry_id                        3D8M 
_refine_analyze.Luzzati_coordinate_error_obs    ? 
_refine_analyze.Luzzati_sigma_a_obs             ? 
_refine_analyze.Luzzati_d_res_low_obs           ? 
_refine_analyze.Luzzati_coordinate_error_free   0.623 
_refine_analyze.Luzzati_sigma_a_free            ? 
_refine_analyze.Luzzati_d_res_low_free          ? 
_refine_analyze.number_disordered_residues      ? 
_refine_analyze.occupancy_sum_non_hydrogen      ? 
_refine_analyze.occupancy_sum_hydrogen          ? 
_refine_analyze.pdbx_Luzzati_d_res_high_obs     ? 
_refine_analyze.pdbx_refine_id                  'X-RAY DIFFRACTION' 
# 
_refine_hist.pdbx_refine_id                   'X-RAY DIFFRACTION' 
_refine_hist.cycle_id                         LAST 
_refine_hist.pdbx_number_atoms_protein        1137 
_refine_hist.pdbx_number_atoms_nucleic_acid   0 
_refine_hist.pdbx_number_atoms_ligand         0 
_refine_hist.number_atoms_solvent             0 
_refine_hist.number_atoms_total               1137 
_refine_hist.d_res_high                       3.35 
_refine_hist.d_res_low                        60.69 
# 
loop_
_refine_ls_restr.type 
_refine_ls_restr.dev_ideal 
_refine_ls_restr.dev_ideal_target 
_refine_ls_restr.weight 
_refine_ls_restr.number 
_refine_ls_restr.pdbx_refine_id 
_refine_ls_restr.pdbx_restraint_function 
r_bond_refined_d         0.013  0.022  ? 1160 'X-RAY DIFFRACTION' ? 
r_angle_refined_deg      1.307  1.923  ? 1578 'X-RAY DIFFRACTION' ? 
r_dihedral_angle_1_deg   5.469  5.000  ? 148  'X-RAY DIFFRACTION' ? 
r_dihedral_angle_2_deg   40.170 25.192 ? 52   'X-RAY DIFFRACTION' ? 
r_dihedral_angle_3_deg   19.889 15.000 ? 186  'X-RAY DIFFRACTION' ? 
r_dihedral_angle_4_deg   22.051 15.000 ? 5    'X-RAY DIFFRACTION' ? 
r_chiral_restr           0.096  0.200  ? 180  'X-RAY DIFFRACTION' ? 
r_gen_planes_refined     0.004  0.020  ? 884  'X-RAY DIFFRACTION' ? 
r_nbd_refined            0.268  0.200  ? 542  'X-RAY DIFFRACTION' ? 
r_nbtor_refined          0.312  0.200  ? 790  'X-RAY DIFFRACTION' ? 
r_xyhbond_nbd_refined    0.192  0.200  ? 37   'X-RAY DIFFRACTION' ? 
r_symmetry_vdw_refined   0.255  0.200  ? 93   'X-RAY DIFFRACTION' ? 
r_symmetry_hbond_refined 0.178  0.200  ? 12   'X-RAY DIFFRACTION' ? 
r_mcbond_it              0.624  1.500  ? 744  'X-RAY DIFFRACTION' ? 
r_mcangle_it             0.784  2.000  ? 1185 'X-RAY DIFFRACTION' ? 
r_scbond_it              1.177  3.000  ? 470  'X-RAY DIFFRACTION' ? 
r_scangle_it             1.914  4.500  ? 393  'X-RAY DIFFRACTION' ? 
# 
_refine_ls_shell.pdbx_total_number_of_bins_used   20 
_refine_ls_shell.d_res_high                       3.351 
_refine_ls_shell.d_res_low                        3.438 
_refine_ls_shell.number_reflns_R_work             205 
_refine_ls_shell.R_factor_R_work                  0.269 
_refine_ls_shell.percent_reflns_obs               100.00 
_refine_ls_shell.R_factor_R_free                  0.343 
_refine_ls_shell.R_factor_R_free_error            ? 
_refine_ls_shell.percent_reflns_R_free            ? 
_refine_ls_shell.number_reflns_R_free             31 
_refine_ls_shell.number_reflns_all                ? 
_refine_ls_shell.R_factor_all                     ? 
_refine_ls_shell.number_reflns_obs                31 
_refine_ls_shell.redundancy_reflns_obs            ? 
_refine_ls_shell.pdbx_refine_id                   'X-RAY DIFFRACTION' 
# 
_struct.entry_id                  3D8M 
_struct.title                     
'Crystal structure of a chimeric receptor binding protein from lactococcal phages subspecies TP901-1 and p2' 
_struct.pdbx_model_details        ? 
_struct.pdbx_CASP_flag            N 
_struct.pdbx_model_type_details   ? 
# 
_struct_keywords.entry_id        3D8M 
_struct_keywords.pdbx_keywords   'VIRUS/VIRAL PROTEIN' 
_struct_keywords.text            
'lactococcal phage p2, lactococcal phage TP901-1, receptor binding protein, VIRUS-VIRAL PROTEIN COMPLEX' 
# 
_struct_asym.id                            A 
_struct_asym.pdbx_blank_PDB_chainid_flag   N 
_struct_asym.pdbx_modified                 N 
_struct_asym.entity_id                     1 
_struct_asym.details                       ? 
# 
_struct_biol.id        1 
_struct_biol.details   ? 
# 
loop_
_struct_conf.conf_type_id 
_struct_conf.id 
_struct_conf.pdbx_PDB_helix_id 
_struct_conf.beg_label_comp_id 
_struct_conf.beg_label_asym_id 
_struct_conf.beg_label_seq_id 
_struct_conf.pdbx_beg_PDB_ins_code 
_struct_conf.end_label_comp_id 
_struct_conf.end_label_asym_id 
_struct_conf.end_label_seq_id 
_struct_conf.pdbx_end_PDB_ins_code 
_struct_conf.beg_auth_comp_id 
_struct_conf.beg_auth_asym_id 
_struct_conf.beg_auth_seq_id 
_struct_conf.end_auth_comp_id 
_struct_conf.end_auth_asym_id 
_struct_conf.end_auth_seq_id 
_struct_conf.pdbx_PDB_helix_class 
_struct_conf.details 
_struct_conf.pdbx_PDB_helix_length 
HELX_P HELX_P1 1 ASN A 19  ? LEU A 29  ? ASN A 19  LEU A 29  1 ? 11 
HELX_P HELX_P2 2 ASP A 110 ? ARG A 114 ? ASP A 110 ARG A 114 5 ? 5  
# 
_struct_conf_type.id          HELX_P 
_struct_conf_type.criteria    ? 
_struct_conf_type.reference   ? 
# 
_struct_sheet.id               A 
_struct_sheet.type             ? 
_struct_sheet.number_strands   7 
_struct_sheet.details          ? 
# 
loop_
_struct_sheet_order.sheet_id 
_struct_sheet_order.range_id_1 
_struct_sheet_order.range_id_2 
_struct_sheet_order.offset 
_struct_sheet_order.sense 
A 1 2 ? anti-parallel 
A 2 3 ? anti-parallel 
A 3 4 ? anti-parallel 
A 4 5 ? anti-parallel 
A 5 6 ? anti-parallel 
A 6 7 ? anti-parallel 
# 
loop_
_struct_sheet_range.sheet_id 
_struct_sheet_range.id 
_struct_sheet_range.beg_label_comp_id 
_struct_sheet_range.beg_label_asym_id 
_struct_sheet_range.beg_label_seq_id 
_struct_sheet_range.pdbx_beg_PDB_ins_code 
_struct_sheet_range.end_label_comp_id 
_struct_sheet_range.end_label_asym_id 
_struct_sheet_range.end_label_seq_id 
_struct_sheet_range.pdbx_end_PDB_ins_code 
_struct_sheet_range.beg_auth_comp_id 
_struct_sheet_range.beg_auth_asym_id 
_struct_sheet_range.beg_auth_seq_id 
_struct_sheet_range.end_auth_comp_id 
_struct_sheet_range.end_auth_asym_id 
_struct_sheet_range.end_auth_seq_id 
A 1 VAL A 64  ? GLY A 72  ? VAL A 64  GLY A 72  
A 2 LEU A 75  ? LYS A 82  ? LEU A 75  LYS A 82  
A 3 LEU A 86  ? VAL A 95  ? LEU A 86  VAL A 95  
A 4 ILE A 154 ? PHE A 163 ? ILE A 154 PHE A 163 
A 5 GLN A 119 ? PHE A 125 ? GLN A 119 PHE A 125 
A 6 SER A 131 ? ILE A 136 ? SER A 131 ILE A 136 
A 7 ILE A 142 ? TRP A 144 ? ILE A 142 TRP A 144 
# 
loop_
_pdbx_struct_sheet_hbond.sheet_id 
_pdbx_struct_sheet_hbond.range_id_1 
_pdbx_struct_sheet_hbond.range_id_2 
_pdbx_struct_sheet_hbond.range_1_label_atom_id 
_pdbx_struct_sheet_hbond.range_1_label_comp_id 
_pdbx_struct_sheet_hbond.range_1_label_asym_id 
_pdbx_struct_sheet_hbond.range_1_label_seq_id 
_pdbx_struct_sheet_hbond.range_1_PDB_ins_code 
_pdbx_struct_sheet_hbond.range_1_auth_atom_id 
_pdbx_struct_sheet_hbond.range_1_auth_comp_id 
_pdbx_struct_sheet_hbond.range_1_auth_asym_id 
_pdbx_struct_sheet_hbond.range_1_auth_seq_id 
_pdbx_struct_sheet_hbond.range_2_label_atom_id 
_pdbx_struct_sheet_hbond.range_2_label_comp_id 
_pdbx_struct_sheet_hbond.range_2_label_asym_id 
_pdbx_struct_sheet_hbond.range_2_label_seq_id 
_pdbx_struct_sheet_hbond.range_2_PDB_ins_code 
_pdbx_struct_sheet_hbond.range_2_auth_atom_id 
_pdbx_struct_sheet_hbond.range_2_auth_comp_id 
_pdbx_struct_sheet_hbond.range_2_auth_asym_id 
_pdbx_struct_sheet_hbond.range_2_auth_seq_id 
A 1 2 N LEU A 67  ? N LEU A 67  O LEU A 79  ? O LEU A 79  
A 2 3 N GLN A 78  ? N GLN A 78  O ARG A 90  ? O ARG A 90  
A 3 4 N GLY A 93  ? N GLY A 93  O THR A 156 ? O THR A 156 
A 4 5 O ARG A 157 ? O ARG A 157 N HIS A 124 ? N HIS A 124 
A 5 6 N GLN A 119 ? N GLN A 119 O ILE A 136 ? O ILE A 136 
A 6 7 N ASP A 135 ? N ASP A 135 O THR A 143 ? O THR A 143 
# 
_atom_sites.entry_id                    3D8M 
_atom_sites.fract_transf_matrix[1][1]   0.01144506 
_atom_sites.fract_transf_matrix[1][2]   0.00188690 
_atom_sites.fract_transf_matrix[1][3]   -0.00109367 
_atom_sites.fract_transf_matrix[2][1]   0.00211809 
_atom_sites.fract_transf_matrix[2][2]   -0.01100919 
_atom_sites.fract_transf_matrix[2][3]   0.00317132 
_atom_sites.fract_transf_matrix[3][1]   -0.00051982 
_atom_sites.fract_transf_matrix[3][2]   -0.00331408 
_atom_sites.fract_transf_matrix[3][3]   -0.01115762 
_atom_sites.fract_transf_vector[1]      0.068579 
_atom_sites.fract_transf_vector[2]      0.432050 
_atom_sites.fract_transf_vector[3]      -0.049425 
# 
loop_
_atom_type.symbol 
C 
N 
O 
S 
# 
loop_
_atom_site.group_PDB 
_atom_site.id 
_atom_site.type_symbol 
_atom_site.label_atom_id 
_atom_site.label_alt_id 
_atom_site.label_comp_id 
_atom_site.label_asym_id 
_atom_site.label_entity_id 
_atom_site.label_seq_id 
_atom_site.pdbx_PDB_ins_code 
_atom_site.Cartn_x 
_atom_site.Cartn_y 
_atom_site.Cartn_z 
_atom_site.occupancy 
_atom_site.B_iso_or_equiv 
_atom_site.pdbx_formal_charge 
_atom_site.auth_seq_id 
_atom_site.auth_comp_id 
_atom_site.auth_asym_id 
_atom_site.auth_atom_id 
_atom_site.pdbx_PDB_model_num 
ATOM 1    N N   . THR A 1 17  ? 33.623  -17.146 41.779  1.00 20.38 ? 17  THR A N   1 
ATOM 2    C CA  . THR A 1 17  ? 33.878  -16.110 40.739  1.00 20.41 ? 17  THR A CA  1 
ATOM 3    C C   . THR A 1 17  ? 34.207  -16.742 39.377  1.00 20.07 ? 17  THR A C   1 
ATOM 4    O O   . THR A 1 17  ? 34.026  -16.133 38.325  1.00 19.98 ? 17  THR A O   1 
ATOM 5    C CB  . THR A 1 17  ? 34.983  -15.152 41.200  1.00 20.66 ? 17  THR A CB  1 
ATOM 6    O OG1 . THR A 1 17  ? 35.631  -14.572 40.058  1.00 20.74 ? 17  THR A OG1 1 
ATOM 7    C CG2 . THR A 1 17  ? 36.006  -15.905 42.081  1.00 20.97 ? 17  THR A CG2 1 
ATOM 8    N N   . ILE A 1 18  ? 34.699  -17.971 39.424  1.00 19.76 ? 18  ILE A N   1 
ATOM 9    C CA  . ILE A 1 18  ? 34.868  -18.797 38.237  1.00 19.23 ? 18  ILE A CA  1 
ATOM 10   C C   . ILE A 1 18  ? 33.491  -19.289 37.806  1.00 19.00 ? 18  ILE A C   1 
ATOM 11   O O   . ILE A 1 18  ? 33.250  -19.532 36.640  1.00 18.76 ? 18  ILE A O   1 
ATOM 12   C CB  . ILE A 1 18  ? 35.789  -20.005 38.557  1.00 19.33 ? 18  ILE A CB  1 
ATOM 13   C CG1 . ILE A 1 18  ? 37.149  -19.504 39.103  1.00 19.08 ? 18  ILE A CG1 1 
ATOM 14   C CG2 . ILE A 1 18  ? 35.933  -20.936 37.328  1.00 18.50 ? 18  ILE A CG2 1 
ATOM 15   C CD1 . ILE A 1 18  ? 37.684  -20.303 40.299  1.00 18.17 ? 18  ILE A CD1 1 
ATOM 16   N N   . ASN A 1 19  ? 32.592  -19.408 38.777  1.00 18.96 ? 19  ASN A N   1 
ATOM 17   C CA  . ASN A 1 19  ? 31.290  -20.008 38.589  1.00 19.02 ? 19  ASN A CA  1 
ATOM 18   C C   . ASN A 1 19  ? 30.257  -18.974 38.233  1.00 19.69 ? 19  ASN A C   1 
ATOM 19   O O   . ASN A 1 19  ? 29.091  -19.310 38.012  1.00 19.88 ? 19  ASN A O   1 
ATOM 20   C CB  . ASN A 1 19  ? 30.849  -20.710 39.862  1.00 18.60 ? 19  ASN A CB  1 
ATOM 21   C CG  . ASN A 1 19  ? 31.988  -21.386 40.558  1.00 17.83 ? 19  ASN A CG  1 
ATOM 22   O OD1 . ASN A 1 19  ? 32.756  -20.747 41.273  1.00 16.49 ? 19  ASN A OD1 1 
ATOM 23   N ND2 . ASN A 1 19  ? 32.119  -22.688 40.344  1.00 17.39 ? 19  ASN A ND2 1 
ATOM 24   N N   . ASP A 1 20  ? 30.674  -17.713 38.194  1.00 20.34 ? 20  ASP A N   1 
ATOM 25   C CA  . ASP A 1 20  ? 29.762  -16.638 37.817  1.00 21.10 ? 20  ASP A CA  1 
ATOM 26   C C   . ASP A 1 20  ? 29.538  -16.654 36.328  1.00 21.30 ? 20  ASP A C   1 
ATOM 27   O O   . ASP A 1 20  ? 28.402  -16.556 35.874  1.00 21.27 ? 20  ASP A O   1 
ATOM 28   C CB  . ASP A 1 20  ? 30.303  -15.284 38.242  1.00 21.41 ? 20  ASP A CB  1 
ATOM 29   C CG  . ASP A 1 20  ? 30.541  -15.193 39.730  1.00 22.39 ? 20  ASP A CG  1 
ATOM 30   O OD1 . ASP A 1 20  ? 29.667  -15.637 40.507  1.00 23.11 ? 20  ASP A OD1 1 
ATOM 31   O OD2 . ASP A 1 20  ? 31.600  -14.659 40.130  1.00 23.52 ? 20  ASP A OD2 1 
ATOM 32   N N   . ASP A 1 21  ? 30.636  -16.781 35.583  1.00 21.76 ? 21  ASP A N   1 
ATOM 33   C CA  . ASP A 1 21  ? 30.585  -17.041 34.151  1.00 22.39 ? 21  ASP A CA  1 
ATOM 34   C C   . ASP A 1 21  ? 29.405  -17.956 33.862  1.00 22.20 ? 21  ASP A C   1 
ATOM 35   O O   . ASP A 1 21  ? 28.595  -17.651 32.989  1.00 22.80 ? 21  ASP A O   1 
ATOM 36   C CB  . ASP A 1 21  ? 31.887  -17.691 33.657  1.00 22.84 ? 21  ASP A CB  1 
ATOM 37   C CG  . ASP A 1 21  ? 32.787  -16.716 32.845  1.00 24.75 ? 21  ASP A CG  1 
ATOM 38   O OD1 . ASP A 1 21  ? 32.260  -15.860 32.071  1.00 26.61 ? 21  ASP A OD1 1 
ATOM 39   O OD2 . ASP A 1 21  ? 34.036  -16.830 32.955  1.00 27.19 ? 21  ASP A OD2 1 
ATOM 40   N N   . LEU A 1 22  ? 29.295  -19.043 34.631  1.00 21.40 ? 22  LEU A N   1 
ATOM 41   C CA  . LEU A 1 22  ? 28.241  -20.044 34.459  1.00 20.62 ? 22  LEU A CA  1 
ATOM 42   C C   . LEU A 1 22  ? 26.888  -19.479 34.814  1.00 20.23 ? 22  LEU A C   1 
ATOM 43   O O   . LEU A 1 22  ? 25.981  -19.478 34.000  1.00 20.47 ? 22  LEU A O   1 
ATOM 44   C CB  . LEU A 1 22  ? 28.518  -21.280 35.312  1.00 20.58 ? 22  LEU A CB  1 
ATOM 45   C CG  . LEU A 1 22  ? 29.834  -22.023 35.055  1.00 20.28 ? 22  LEU A CG  1 
ATOM 46   C CD1 . LEU A 1 22  ? 30.210  -22.887 36.262  1.00 20.23 ? 22  LEU A CD1 1 
ATOM 47   C CD2 . LEU A 1 22  ? 29.745  -22.850 33.775  1.00 19.32 ? 22  LEU A CD2 1 
ATOM 48   N N   . GLU A 1 23  ? 26.755  -18.990 36.034  1.00 19.80 ? 23  GLU A N   1 
ATOM 49   C CA  . GLU A 1 23  ? 25.519  -18.373 36.460  1.00 19.55 ? 23  GLU A CA  1 
ATOM 50   C C   . GLU A 1 23  ? 25.038  -17.345 35.442  1.00 18.96 ? 23  GLU A C   1 
ATOM 51   O O   . GLU A 1 23  ? 23.871  -17.337 35.056  1.00 18.81 ? 23  GLU A O   1 
ATOM 52   C CB  . GLU A 1 23  ? 25.731  -17.746 37.836  1.00 19.92 ? 23  GLU A CB  1 
ATOM 53   C CG  . GLU A 1 23  ? 25.190  -16.342 37.983  1.00 21.61 ? 23  GLU A CG  1 
ATOM 54   C CD  . GLU A 1 23  ? 24.660  -16.056 39.374  1.00 24.08 ? 23  GLU A CD  1 
ATOM 55   O OE1 . GLU A 1 23  ? 25.435  -16.199 40.374  1.00 26.06 ? 23  GLU A OE1 1 
ATOM 56   O OE2 . GLU A 1 23  ? 23.459  -15.675 39.460  1.00 24.28 ? 23  GLU A OE2 1 
ATOM 57   N N   . ALA A 1 24  ? 25.964  -16.504 34.992  1.00 18.59 ? 24  ALA A N   1 
ATOM 58   C CA  . ALA A 1 24  ? 25.665  -15.403 34.089  1.00 18.19 ? 24  ALA A CA  1 
ATOM 59   C C   . ALA A 1 24  ? 25.278  -15.900 32.710  1.00 17.90 ? 24  ALA A C   1 
ATOM 60   O O   . ALA A 1 24  ? 24.541  -15.243 31.991  1.00 18.11 ? 24  ALA A O   1 
ATOM 61   C CB  . ALA A 1 24  ? 26.868  -14.478 33.994  1.00 18.31 ? 24  ALA A CB  1 
ATOM 62   N N   . ILE A 1 25  ? 25.803  -17.059 32.343  1.00 17.50 ? 25  ILE A N   1 
ATOM 63   C CA  . ILE A 1 25  ? 25.513  -17.672 31.069  1.00 17.13 ? 25  ILE A CA  1 
ATOM 64   C C   . ILE A 1 25  ? 24.149  -18.352 31.127  1.00 17.62 ? 25  ILE A C   1 
ATOM 65   O O   . ILE A 1 25  ? 23.344  -18.195 30.230  1.00 17.50 ? 25  ILE A O   1 
ATOM 66   C CB  . ILE A 1 25  ? 26.647  -18.619 30.677  1.00 16.68 ? 25  ILE A CB  1 
ATOM 67   C CG1 . ILE A 1 25  ? 27.842  -17.792 30.187  1.00 16.27 ? 25  ILE A CG1 1 
ATOM 68   C CG2 . ILE A 1 25  ? 26.196  -19.578 29.619  1.00 16.75 ? 25  ILE A CG2 1 
ATOM 69   C CD1 . ILE A 1 25  ? 29.178  -18.484 30.239  1.00 14.73 ? 25  ILE A CD1 1 
ATOM 70   N N   . ASN A 1 26  ? 23.878  -19.071 32.212  1.00 18.64 ? 26  ASN A N   1 
ATOM 71   C CA  . ASN A 1 26  ? 22.546  -19.615 32.488  1.00 19.62 ? 26  ASN A CA  1 
ATOM 72   C C   . ASN A 1 26  ? 21.469  -18.525 32.660  1.00 20.56 ? 26  ASN A C   1 
ATOM 73   O O   . ASN A 1 26  ? 20.307  -18.814 32.974  1.00 20.95 ? 26  ASN A O   1 
ATOM 74   C CB  . ASN A 1 26  ? 22.579  -20.496 33.744  1.00 19.36 ? 26  ASN A CB  1 
ATOM 75   C CG  . ASN A 1 26  ? 23.411  -21.758 33.573  1.00 18.92 ? 26  ASN A CG  1 
ATOM 76   O OD1 . ASN A 1 26  ? 23.293  -22.495 32.585  1.00 17.75 ? 26  ASN A OD1 1 
ATOM 77   N ND2 . ASN A 1 26  ? 24.248  -22.022 34.567  1.00 19.38 ? 26  ASN A ND2 1 
ATOM 78   N N   . SER A 1 27  ? 21.864  -17.265 32.462  1.00 21.70 ? 27  SER A N   1 
ATOM 79   C CA  . SER A 1 27  ? 20.913  -16.163 32.519  1.00 22.75 ? 27  SER A CA  1 
ATOM 80   C C   . SER A 1 27  ? 20.604  -15.687 31.086  1.00 23.38 ? 27  SER A C   1 
ATOM 81   O O   . SER A 1 27  ? 19.437  -15.518 30.714  1.00 23.33 ? 27  SER A O   1 
ATOM 82   C CB  . SER A 1 27  ? 21.468  -15.043 33.421  1.00 22.72 ? 27  SER A CB  1 
ATOM 83   O OG  . SER A 1 27  ? 20.996  -13.733 33.004  1.00 23.20 ? 27  SER A OG  1 
ATOM 84   N N   . GLU A 1 28  ? 21.658  -15.500 30.290  1.00 24.20 ? 28  GLU A N   1 
ATOM 85   C CA  . GLU A 1 28  ? 21.533  -15.187 28.868  1.00 25.26 ? 28  GLU A CA  1 
ATOM 86   C C   . GLU A 1 28  ? 20.858  -16.332 28.090  1.00 25.10 ? 28  GLU A C   1 
ATOM 87   O O   . GLU A 1 28  ? 20.446  -16.155 26.947  1.00 25.67 ? 28  GLU A O   1 
ATOM 88   C CB  . GLU A 1 28  ? 22.900  -14.846 28.246  1.00 25.74 ? 28  GLU A CB  1 
ATOM 89   C CG  . GLU A 1 28  ? 23.498  -13.473 28.634  1.00 27.83 ? 28  GLU A CG  1 
ATOM 90   C CD  . GLU A 1 28  ? 24.694  -13.050 27.740  1.00 31.16 ? 28  GLU A CD  1 
ATOM 91   O OE1 . GLU A 1 28  ? 24.470  -12.623 26.566  1.00 31.60 ? 28  GLU A OE1 1 
ATOM 92   O OE2 . GLU A 1 28  ? 25.856  -13.143 28.227  1.00 31.88 ? 28  GLU A OE2 1 
ATOM 93   N N   . LEU A 1 29  ? 20.754  -17.501 28.712  1.00 24.66 ? 29  LEU A N   1 
ATOM 94   C CA  . LEU A 1 29  ? 20.051  -18.624 28.114  1.00 24.39 ? 29  LEU A CA  1 
ATOM 95   C C   . LEU A 1 29  ? 18.584  -18.568 28.495  1.00 24.67 ? 29  LEU A C   1 
ATOM 96   O O   . LEU A 1 29  ? 17.855  -19.536 28.294  1.00 24.55 ? 29  LEU A O   1 
ATOM 97   C CB  . LEU A 1 29  ? 20.643  -19.939 28.611  1.00 24.22 ? 29  LEU A CB  1 
ATOM 98   C CG  . LEU A 1 29  ? 22.050  -20.350 28.179  1.00 23.38 ? 29  LEU A CG  1 
ATOM 99   C CD1 . LEU A 1 29  ? 22.533  -21.501 29.043  1.00 21.81 ? 29  LEU A CD1 1 
ATOM 100  C CD2 . LEU A 1 29  ? 22.095  -20.709 26.696  1.00 22.56 ? 29  LEU A CD2 1 
ATOM 101  N N   . THR A 1 30  ? 18.172  -17.433 29.064  1.00 25.20 ? 30  THR A N   1 
ATOM 102  C CA  . THR A 1 30  ? 16.821  -17.238 29.606  1.00 25.37 ? 30  THR A CA  1 
ATOM 103  C C   . THR A 1 30  ? 16.243  -15.898 29.115  1.00 25.79 ? 30  THR A C   1 
ATOM 104  O O   . THR A 1 30  ? 15.087  -15.841 28.665  1.00 25.98 ? 30  THR A O   1 
ATOM 105  C CB  . THR A 1 30  ? 16.823  -17.331 31.156  1.00 25.24 ? 30  THR A CB  1 
ATOM 106  O OG1 . THR A 1 30  ? 17.039  -18.688 31.556  1.00 24.24 ? 30  THR A OG1 1 
ATOM 107  C CG2 . THR A 1 30  ? 15.518  -16.823 31.752  1.00 25.38 ? 30  THR A CG2 1 
ATOM 108  N N   . SER A 1 31  ? 17.048  -14.836 29.189  1.00 25.82 ? 31  SER A N   1 
ATOM 109  C CA  . SER A 1 31  ? 16.694  -13.545 28.597  1.00 26.06 ? 31  SER A CA  1 
ATOM 110  C C   . SER A 1 31  ? 17.901  -12.622 28.642  1.00 26.14 ? 31  SER A C   1 
ATOM 111  O O   . SER A 1 31  ? 18.977  -13.025 29.076  1.00 26.35 ? 31  SER A O   1 
ATOM 112  C CB  . SER A 1 31  ? 15.498  -12.902 29.305  1.00 25.91 ? 31  SER A CB  1 
ATOM 113  O OG  . SER A 1 31  ? 15.838  -12.562 30.635  1.00 26.71 ? 31  SER A OG  1 
ATOM 114  N N   . GLY A 1 32  ? 17.724  -11.381 28.197  1.00 26.26 ? 32  GLY A N   1 
ATOM 115  C CA  . GLY A 1 32  ? 18.825  -10.436 28.169  1.00 26.04 ? 32  GLY A CA  1 
ATOM 116  C C   . GLY A 1 32  ? 19.845  -10.878 27.143  1.00 25.96 ? 32  GLY A C   1 
ATOM 117  O O   . GLY A 1 32  ? 19.598  -11.806 26.357  1.00 25.83 ? 32  GLY A O   1 
ATOM 118  N N   . GLY A 1 33  ? 20.993  -10.205 27.156  1.00 25.84 ? 33  GLY A N   1 
ATOM 119  C CA  . GLY A 1 33  ? 22.064  -10.484 26.211  1.00 25.57 ? 33  GLY A CA  1 
ATOM 120  C C   . GLY A 1 33  ? 21.618  -10.301 24.773  1.00 25.25 ? 33  GLY A C   1 
ATOM 121  O O   . GLY A 1 33  ? 20.533  -9.759  24.517  1.00 24.98 ? 33  GLY A O   1 
ATOM 122  N N   . ASN A 1 34  ? 22.454  -10.766 23.845  1.00 24.83 ? 34  ASN A N   1 
ATOM 123  C CA  . ASN A 1 34  ? 22.204  -10.615 22.419  1.00 24.43 ? 34  ASN A CA  1 
ATOM 124  C C   . ASN A 1 34  ? 21.485  -11.831 21.813  1.00 24.48 ? 34  ASN A C   1 
ATOM 125  O O   . ASN A 1 34  ? 21.559  -12.075 20.603  1.00 24.22 ? 34  ASN A O   1 
ATOM 126  C CB  . ASN A 1 34  ? 23.525  -10.344 21.696  1.00 24.31 ? 34  ASN A CB  1 
ATOM 127  C CG  . ASN A 1 34  ? 23.324  -9.684  20.361  1.00 23.93 ? 34  ASN A CG  1 
ATOM 128  O OD1 . ASN A 1 34  ? 22.518  -8.772  20.236  1.00 24.38 ? 34  ASN A OD1 1 
ATOM 129  N ND2 . ASN A 1 34  ? 24.054  -10.140 19.351  1.00 22.97 ? 34  ASN A ND2 1 
ATOM 130  N N   . VAL A 1 35  ? 20.775  -12.572 22.670  1.00 24.56 ? 35  VAL A N   1 
ATOM 131  C CA  . VAL A 1 35  ? 20.137  -13.834 22.290  1.00 24.53 ? 35  VAL A CA  1 
ATOM 132  C C   . VAL A 1 35  ? 18.625  -13.745 22.238  1.00 24.52 ? 35  VAL A C   1 
ATOM 133  O O   . VAL A 1 35  ? 17.976  -13.270 23.165  1.00 24.25 ? 35  VAL A O   1 
ATOM 134  C CB  . VAL A 1 35  ? 20.537  -14.996 23.236  1.00 24.49 ? 35  VAL A CB  1 
ATOM 135  C CG1 . VAL A 1 35  ? 19.718  -16.250 22.944  1.00 24.22 ? 35  VAL A CG1 1 
ATOM 136  C CG2 . VAL A 1 35  ? 22.014  -15.302 23.115  1.00 24.73 ? 35  VAL A CG2 1 
ATOM 137  N N   . VAL A 1 36  ? 18.076  -14.226 21.136  1.00 24.92 ? 36  VAL A N   1 
ATOM 138  C CA  . VAL A 1 36  ? 16.645  -14.297 20.972  1.00 25.70 ? 36  VAL A CA  1 
ATOM 139  C C   . VAL A 1 36  ? 16.116  -15.523 21.699  1.00 26.07 ? 36  VAL A C   1 
ATOM 140  O O   . VAL A 1 36  ? 16.663  -16.612 21.571  1.00 26.43 ? 36  VAL A O   1 
ATOM 141  C CB  . VAL A 1 36  ? 16.256  -14.369 19.488  1.00 25.82 ? 36  VAL A CB  1 
ATOM 142  C CG1 . VAL A 1 36  ? 14.777  -14.049 19.318  1.00 25.84 ? 36  VAL A CG1 1 
ATOM 143  C CG2 . VAL A 1 36  ? 17.122  -13.426 18.652  1.00 25.60 ? 36  VAL A CG2 1 
ATOM 144  N N   . HIS A 1 37  ? 15.038  -15.341 22.447  1.00 26.43 ? 37  HIS A N   1 
ATOM 145  C CA  . HIS A 1 37  ? 14.507  -16.395 23.285  1.00 26.83 ? 37  HIS A CA  1 
ATOM 146  C C   . HIS A 1 37  ? 13.096  -16.801 22.912  1.00 27.47 ? 37  HIS A C   1 
ATOM 147  O O   . HIS A 1 37  ? 12.366  -16.043 22.267  1.00 27.81 ? 37  HIS A O   1 
ATOM 148  C CB  . HIS A 1 37  ? 14.513  -15.941 24.727  1.00 26.66 ? 37  HIS A CB  1 
ATOM 149  C CG  . HIS A 1 37  ? 15.878  -15.765 25.290  1.00 25.98 ? 37  HIS A CG  1 
ATOM 150  N ND1 . HIS A 1 37  ? 16.520  -14.547 25.307  1.00 25.71 ? 37  HIS A ND1 1 
ATOM 151  C CD2 . HIS A 1 37  ? 16.724  -16.650 25.861  1.00 25.56 ? 37  HIS A CD2 1 
ATOM 152  C CE1 . HIS A 1 37  ? 17.704  -14.689 25.879  1.00 25.91 ? 37  HIS A CE1 1 
ATOM 153  N NE2 . HIS A 1 37  ? 17.849  -15.956 26.227  1.00 25.80 ? 37  HIS A NE2 1 
ATOM 154  N N   . LYS A 1 38  ? 12.711  -17.996 23.356  1.00 27.96 ? 38  LYS A N   1 
ATOM 155  C CA  . LYS A 1 38  ? 11.394  -18.556 23.066  1.00 28.48 ? 38  LYS A CA  1 
ATOM 156  C C   . LYS A 1 38  ? 10.261  -17.878 23.855  1.00 28.90 ? 38  LYS A C   1 
ATOM 157  O O   . LYS A 1 38  ? 9.096   -18.278 23.743  1.00 29.38 ? 38  LYS A O   1 
ATOM 158  C CB  . LYS A 1 38  ? 11.409  -20.070 23.307  1.00 28.28 ? 38  LYS A CB  1 
ATOM 159  C CG  . LYS A 1 38  ? 12.287  -20.833 22.307  1.00 29.07 ? 38  LYS A CG  1 
ATOM 160  C CD  . LYS A 1 38  ? 12.375  -22.349 22.605  1.00 30.05 ? 38  LYS A CD  1 
ATOM 161  C CE  . LYS A 1 38  ? 13.347  -23.063 21.651  1.00 29.52 ? 38  LYS A CE  1 
ATOM 162  N NZ  . LYS A 1 38  ? 13.582  -24.499 21.992  1.00 28.43 ? 38  LYS A NZ  1 
ATOM 163  N N   . THR A 1 39  ? 10.605  -16.856 24.642  1.00 29.08 ? 39  THR A N   1 
ATOM 164  C CA  . THR A 1 39  ? 9.631   -16.070 25.412  1.00 29.32 ? 39  THR A CA  1 
ATOM 165  C C   . THR A 1 39  ? 10.121  -14.634 25.648  1.00 29.75 ? 39  THR A C   1 
ATOM 166  O O   . THR A 1 39  ? 11.317  -14.332 25.513  1.00 29.30 ? 39  THR A O   1 
ATOM 167  C CB  . THR A 1 39  ? 9.236   -16.735 26.785  1.00 29.17 ? 39  THR A CB  1 
ATOM 168  O OG1 . THR A 1 39  ? 10.312  -17.546 27.277  1.00 28.85 ? 39  THR A OG1 1 
ATOM 169  C CG2 . THR A 1 39  ? 7.986   -17.600 26.656  1.00 28.99 ? 39  THR A CG2 1 
ATOM 170  N N   . GLY A 1 40  ? 9.179   -13.761 26.002  1.00 30.50 ? 40  GLY A N   1 
ATOM 171  C CA  . GLY A 1 40  ? 9.460   -12.357 26.291  1.00 31.12 ? 40  GLY A CA  1 
ATOM 172  C C   . GLY A 1 40  ? 9.280   -11.485 25.067  1.00 31.59 ? 40  GLY A C   1 
ATOM 173  O O   . GLY A 1 40  ? 9.098   -11.979 23.946  1.00 31.75 ? 40  GLY A O   1 
ATOM 174  N N   . ASP A 1 41  ? 9.317   -10.176 25.276  1.00 32.07 ? 41  ASP A N   1 
ATOM 175  C CA  . ASP A 1 41  ? 9.284   -9.255  24.150  1.00 32.59 ? 41  ASP A CA  1 
ATOM 176  C C   . ASP A 1 41  ? 10.696  -8.801  23.901  1.00 32.82 ? 41  ASP A C   1 
ATOM 177  O O   . ASP A 1 41  ? 11.390  -8.359  24.821  1.00 32.82 ? 41  ASP A O   1 
ATOM 178  C CB  . ASP A 1 41  ? 8.374   -8.067  24.437  1.00 32.62 ? 41  ASP A CB  1 
ATOM 179  C CG  . ASP A 1 41  ? 6.999   -8.491  24.915  1.00 33.05 ? 41  ASP A CG  1 
ATOM 180  O OD1 . ASP A 1 41  ? 6.660   -9.700  24.841  1.00 33.58 ? 41  ASP A OD1 1 
ATOM 181  O OD2 . ASP A 1 41  ? 6.250   -7.604  25.371  1.00 34.10 ? 41  ASP A OD2 1 
ATOM 182  N N   . GLU A 1 42  ? 11.137  -8.946  22.660  1.00 33.11 ? 42  GLU A N   1 
ATOM 183  C CA  . GLU A 1 42  ? 12.514  -8.632  22.321  1.00 33.53 ? 42  GLU A CA  1 
ATOM 184  C C   . GLU A 1 42  ? 12.572  -7.841  21.028  1.00 32.98 ? 42  GLU A C   1 
ATOM 185  O O   . GLU A 1 42  ? 11.565  -7.712  20.325  1.00 32.96 ? 42  GLU A O   1 
ATOM 186  C CB  . GLU A 1 42  ? 13.346  -9.921  22.231  1.00 33.89 ? 42  GLU A CB  1 
ATOM 187  C CG  . GLU A 1 42  ? 13.656  -10.556 23.605  1.00 36.38 ? 42  GLU A CG  1 
ATOM 188  C CD  . GLU A 1 42  ? 14.008  -12.052 23.536  1.00 39.16 ? 42  GLU A CD  1 
ATOM 189  O OE1 . GLU A 1 42  ? 13.606  -12.707 22.532  1.00 40.82 ? 42  GLU A OE1 1 
ATOM 190  O OE2 . GLU A 1 42  ? 14.669  -12.573 24.486  1.00 39.43 ? 42  GLU A OE2 1 
ATOM 191  N N   . THR A 1 43  ? 13.748  -7.303  20.728  1.00 32.39 ? 43  THR A N   1 
ATOM 192  C CA  . THR A 1 43  ? 13.949  -6.553  19.501  1.00 32.07 ? 43  THR A CA  1 
ATOM 193  C C   . THR A 1 43  ? 14.995  -7.268  18.673  1.00 31.66 ? 43  THR A C   1 
ATOM 194  O O   . THR A 1 43  ? 15.896  -7.885  19.224  1.00 31.84 ? 43  THR A O   1 
ATOM 195  C CB  . THR A 1 43  ? 14.412  -5.128  19.805  1.00 32.14 ? 43  THR A CB  1 
ATOM 196  O OG1 . THR A 1 43  ? 13.959  -4.766  21.112  1.00 32.43 ? 43  THR A OG1 1 
ATOM 197  C CG2 . THR A 1 43  ? 13.849  -4.131  18.775  1.00 32.44 ? 43  THR A CG2 1 
ATOM 198  N N   . ILE A 1 44  ? 14.880  -7.198  17.352  1.00 31.15 ? 44  ILE A N   1 
ATOM 199  C CA  . ILE A 1 44  ? 15.837  -7.881  16.501  1.00 30.86 ? 44  ILE A CA  1 
ATOM 200  C C   . ILE A 1 44  ? 16.276  -6.998  15.321  1.00 31.17 ? 44  ILE A C   1 
ATOM 201  O O   . ILE A 1 44  ? 15.447  -6.338  14.681  1.00 31.17 ? 44  ILE A O   1 
ATOM 202  C CB  . ILE A 1 44  ? 15.282  -9.255  16.053  1.00 30.66 ? 44  ILE A CB  1 
ATOM 203  C CG1 . ILE A 1 44  ? 14.917  -10.086 17.286  1.00 29.56 ? 44  ILE A CG1 1 
ATOM 204  C CG2 . ILE A 1 44  ? 16.324  -10.026 15.252  1.00 30.67 ? 44  ILE A CG2 1 
ATOM 205  C CD1 . ILE A 1 44  ? 13.697  -10.919 17.137  1.00 27.69 ? 44  ILE A CD1 1 
ATOM 206  N N   . ALA A 1 45  ? 17.585  -6.981  15.060  1.00 31.19 ? 45  ALA A N   1 
ATOM 207  C CA  . ALA A 1 45  ? 18.171  -6.166  14.004  1.00 31.39 ? 45  ALA A CA  1 
ATOM 208  C C   . ALA A 1 45  ? 18.922  -7.022  12.987  1.00 31.73 ? 45  ALA A C   1 
ATOM 209  O O   . ALA A 1 45  ? 19.537  -8.019  13.357  1.00 31.82 ? 45  ALA A O   1 
ATOM 210  C CB  . ALA A 1 45  ? 19.097  -5.131  14.610  1.00 31.16 ? 45  ALA A CB  1 
ATOM 211  N N   . GLY A 1 46  ? 18.863  -6.628  11.712  1.00 32.16 ? 46  GLY A N   1 
ATOM 212  C CA  . GLY A 1 46  ? 19.597  -7.310  10.639  1.00 32.48 ? 46  GLY A CA  1 
ATOM 213  C C   . GLY A 1 46  ? 18.761  -8.190  9.719   1.00 32.76 ? 46  GLY A C   1 
ATOM 214  O O   . GLY A 1 46  ? 17.733  -8.723  10.114  1.00 32.62 ? 46  GLY A O   1 
ATOM 215  N N   . LYS A 1 47  ? 19.242  -8.344  8.490   1.00 33.35 ? 47  LYS A N   1 
ATOM 216  C CA  . LYS A 1 47  ? 18.596  -9.113  7.416   1.00 34.00 ? 47  LYS A CA  1 
ATOM 217  C C   . LYS A 1 47  ? 18.380  -10.607 7.745   1.00 34.04 ? 47  LYS A C   1 
ATOM 218  O O   . LYS A 1 47  ? 19.051  -11.482 7.165   1.00 34.47 ? 47  LYS A O   1 
ATOM 219  C CB  . LYS A 1 47  ? 19.430  -8.960  6.117   1.00 34.38 ? 47  LYS A CB  1 
ATOM 220  C CG  . LYS A 1 47  ? 18.929  -9.709  4.865   1.00 35.83 ? 47  LYS A CG  1 
ATOM 221  C CD  . LYS A 1 47  ? 17.685  -9.020  4.238   1.00 38.96 ? 47  LYS A CD  1 
ATOM 222  C CE  . LYS A 1 47  ? 17.030  -9.887  3.148   1.00 40.48 ? 47  LYS A CE  1 
ATOM 223  N NZ  . LYS A 1 47  ? 16.582  -11.248 3.649   1.00 41.56 ? 47  LYS A NZ  1 
ATOM 224  N N   . LYS A 1 48  ? 17.444  -10.897 8.657   1.00 33.69 ? 48  LYS A N   1 
ATOM 225  C CA  . LYS A 1 48  ? 17.035  -12.285 8.962   1.00 33.18 ? 48  LYS A CA  1 
ATOM 226  C C   . LYS A 1 48  ? 16.419  -13.016 7.760   1.00 33.43 ? 48  LYS A C   1 
ATOM 227  O O   . LYS A 1 48  ? 15.623  -12.446 7.002   1.00 33.97 ? 48  LYS A O   1 
ATOM 228  C CB  . LYS A 1 48  ? 16.064  -12.317 10.133  1.00 32.52 ? 48  LYS A CB  1 
ATOM 229  C CG  . LYS A 1 48  ? 16.527  -11.526 11.319  1.00 32.01 ? 48  LYS A CG  1 
ATOM 230  C CD  . LYS A 1 48  ? 17.866  -12.029 11.856  1.00 31.75 ? 48  LYS A CD  1 
ATOM 231  C CE  . LYS A 1 48  ? 18.385  -11.051 12.902  1.00 31.40 ? 48  LYS A CE  1 
ATOM 232  N NZ  . LYS A 1 48  ? 19.063  -11.728 14.029  1.00 30.02 ? 48  LYS A NZ  1 
ATOM 233  N N   . THR A 1 49  ? 16.796  -14.280 7.585   1.00 33.26 ? 49  THR A N   1 
ATOM 234  C CA  . THR A 1 49  ? 16.317  -15.050 6.455   1.00 33.25 ? 49  THR A CA  1 
ATOM 235  C C   . THR A 1 49  ? 15.727  -16.339 6.998   1.00 33.46 ? 49  THR A C   1 
ATOM 236  O O   . THR A 1 49  ? 16.309  -16.971 7.877   1.00 33.77 ? 49  THR A O   1 
ATOM 237  C CB  . THR A 1 49  ? 17.453  -15.284 5.420   1.00 33.18 ? 49  THR A CB  1 
ATOM 238  O OG1 . THR A 1 49  ? 17.780  -14.045 4.767   1.00 32.52 ? 49  THR A OG1 1 
ATOM 239  C CG2 . THR A 1 49  ? 17.061  -16.300 4.372   1.00 33.23 ? 49  THR A CG2 1 
ATOM 240  N N   . PHE A 1 50  ? 14.550  -16.708 6.514   1.00 33.59 ? 50  PHE A N   1 
ATOM 241  C CA  . PHE A 1 50  ? 13.882  -17.900 7.013   1.00 34.02 ? 50  PHE A CA  1 
ATOM 242  C C   . PHE A 1 50  ? 13.577  -18.874 5.885   1.00 34.56 ? 50  PHE A C   1 
ATOM 243  O O   . PHE A 1 50  ? 12.618  -18.698 5.123   1.00 34.68 ? 50  PHE A O   1 
ATOM 244  C CB  . PHE A 1 50  ? 12.603  -17.527 7.747   1.00 33.88 ? 50  PHE A CB  1 
ATOM 245  C CG  . PHE A 1 50  ? 12.825  -16.816 9.044   1.00 33.23 ? 50  PHE A CG  1 
ATOM 246  C CD1 . PHE A 1 50  ? 13.372  -15.541 9.075   1.00 33.34 ? 50  PHE A CD1 1 
ATOM 247  C CD2 . PHE A 1 50  ? 12.442  -17.403 10.240  1.00 32.79 ? 50  PHE A CD2 1 
ATOM 248  C CE1 . PHE A 1 50  ? 13.555  -14.876 10.289  1.00 33.73 ? 50  PHE A CE1 1 
ATOM 249  C CE2 . PHE A 1 50  ? 12.621  -16.746 11.454  1.00 32.46 ? 50  PHE A CE2 1 
ATOM 250  C CZ  . PHE A 1 50  ? 13.175  -15.482 11.480  1.00 32.38 ? 50  PHE A CZ  1 
ATOM 251  N N   . THR A 1 51  ? 14.399  -19.912 5.801   1.00 35.10 ? 51  THR A N   1 
ATOM 252  C CA  . THR A 1 51  ? 14.358  -20.866 4.700   1.00 35.57 ? 51  THR A CA  1 
ATOM 253  C C   . THR A 1 51  ? 13.159  -21.818 4.796   1.00 35.94 ? 51  THR A C   1 
ATOM 254  O O   . THR A 1 51  ? 12.533  -22.126 3.774   1.00 35.75 ? 51  THR A O   1 
ATOM 255  C CB  . THR A 1 51  ? 15.666  -21.662 4.642   1.00 35.63 ? 51  THR A CB  1 
ATOM 256  O OG1 . THR A 1 51  ? 15.944  -22.195 5.943   1.00 36.19 ? 51  THR A OG1 1 
ATOM 257  C CG2 . THR A 1 51  ? 16.821  -20.762 4.223   1.00 35.26 ? 51  THR A CG2 1 
ATOM 258  N N   . GLY A 1 52  ? 12.849  -22.265 6.020   1.00 36.48 ? 52  GLY A N   1 
ATOM 259  C CA  . GLY A 1 52  ? 11.686  -23.131 6.301   1.00 37.20 ? 52  GLY A CA  1 
ATOM 260  C C   . GLY A 1 52  ? 10.344  -22.395 6.351   1.00 37.70 ? 52  GLY A C   1 
ATOM 261  O O   . GLY A 1 52  ? 10.262  -21.185 6.070   1.00 37.64 ? 52  GLY A O   1 
ATOM 262  N N   . ASN A 1 53  ? 9.278   -23.121 6.690   1.00 37.95 ? 53  ASN A N   1 
ATOM 263  C CA  . ASN A 1 53  ? 7.971   -22.491 6.884   1.00 38.14 ? 53  ASN A CA  1 
ATOM 264  C C   . ASN A 1 53  ? 8.037   -21.689 8.159   1.00 38.05 ? 53  ASN A C   1 
ATOM 265  O O   . ASN A 1 53  ? 8.754   -22.061 9.096   1.00 38.19 ? 53  ASN A O   1 
ATOM 266  C CB  . ASN A 1 53  ? 6.847   -23.520 7.067   1.00 38.45 ? 53  ASN A CB  1 
ATOM 267  C CG  . ASN A 1 53  ? 6.884   -24.643 6.032   1.00 39.22 ? 53  ASN A CG  1 
ATOM 268  O OD1 . ASN A 1 53  ? 5.854   -24.977 5.430   1.00 39.96 ? 53  ASN A OD1 1 
ATOM 269  N ND2 . ASN A 1 53  ? 8.057   -25.261 5.848   1.00 40.09 ? 53  ASN A ND2 1 
ATOM 270  N N   . VAL A 1 54  ? 7.289   -20.590 8.196   1.00 38.12 ? 54  VAL A N   1 
ATOM 271  C CA  . VAL A 1 54  ? 7.121   -19.834 9.428   1.00 38.16 ? 54  VAL A CA  1 
ATOM 272  C C   . VAL A 1 54  ? 5.626   -19.693 9.687   1.00 38.51 ? 54  VAL A C   1 
ATOM 273  O O   . VAL A 1 54  ? 4.811   -19.934 8.788   1.00 38.82 ? 54  VAL A O   1 
ATOM 274  C CB  . VAL A 1 54  ? 7.814   -18.449 9.370   1.00 37.98 ? 54  VAL A CB  1 
ATOM 275  C CG1 . VAL A 1 54  ? 7.966   -17.868 10.753  1.00 37.58 ? 54  VAL A CG1 1 
ATOM 276  C CG2 . VAL A 1 54  ? 9.180   -18.568 8.755   1.00 37.77 ? 54  VAL A CG2 1 
ATOM 277  N N   . GLU A 1 55  ? 5.267   -19.344 10.917  1.00 38.63 ? 55  GLU A N   1 
ATOM 278  C CA  . GLU A 1 55  ? 3.875   -19.099 11.258  1.00 39.02 ? 55  GLU A CA  1 
ATOM 279  C C   . GLU A 1 55  ? 3.747   -17.987 12.292  1.00 38.99 ? 55  GLU A C   1 
ATOM 280  O O   . GLU A 1 55  ? 4.555   -17.897 13.222  1.00 39.33 ? 55  GLU A O   1 
ATOM 281  C CB  . GLU A 1 55  ? 3.207   -20.386 11.764  1.00 39.18 ? 55  GLU A CB  1 
ATOM 282  C CG  . GLU A 1 55  ? 1.689   -20.265 12.021  1.00 40.10 ? 55  GLU A CG  1 
ATOM 283  C CD  . GLU A 1 55  ? 0.942   -21.587 11.859  1.00 40.73 ? 55  GLU A CD  1 
ATOM 284  O OE1 . GLU A 1 55  ? 1.541   -22.659 12.126  1.00 40.93 ? 55  GLU A OE1 1 
ATOM 285  O OE2 . GLU A 1 55  ? -0.250  -21.548 11.470  1.00 40.73 ? 55  GLU A OE2 1 
ATOM 286  N N   . VAL A 1 56  ? 2.737   -17.138 12.100  1.00 38.72 ? 56  VAL A N   1 
ATOM 287  C CA  . VAL A 1 56  ? 2.318   -16.164 13.104  1.00 38.36 ? 56  VAL A CA  1 
ATOM 288  C C   . VAL A 1 56  ? 0.862   -16.444 13.491  1.00 38.26 ? 56  VAL A C   1 
ATOM 289  O O   . VAL A 1 56  ? -0.012  -16.588 12.632  1.00 38.18 ? 56  VAL A O   1 
ATOM 290  C CB  . VAL A 1 56  ? 2.490   -14.708 12.617  1.00 38.22 ? 56  VAL A CB  1 
ATOM 291  C CG1 . VAL A 1 56  ? 2.050   -13.726 13.689  1.00 38.67 ? 56  VAL A CG1 1 
ATOM 292  C CG2 . VAL A 1 56  ? 3.925   -14.447 12.266  1.00 37.80 ? 56  VAL A CG2 1 
ATOM 293  N N   . ASN A 1 57  ? 0.621   -16.544 14.793  1.00 38.05 ? 57  ASN A N   1 
ATOM 294  C CA  . ASN A 1 57  ? -0.709  -16.803 15.315  1.00 37.76 ? 57  ASN A CA  1 
ATOM 295  C C   . ASN A 1 57  ? -1.320  -15.510 15.802  1.00 37.57 ? 57  ASN A C   1 
ATOM 296  O O   . ASN A 1 57  ? -2.526  -15.313 15.719  1.00 37.64 ? 57  ASN A O   1 
ATOM 297  C CB  . ASN A 1 57  ? -0.653  -17.831 16.444  1.00 37.91 ? 57  ASN A CB  1 
ATOM 298  C CG  . ASN A 1 57  ? -0.158  -19.185 15.977  1.00 37.97 ? 57  ASN A CG  1 
ATOM 299  O OD1 . ASN A 1 57  ? -0.900  -20.174 16.042  1.00 38.32 ? 57  ASN A OD1 1 
ATOM 300  N ND2 . ASN A 1 57  ? 1.096   -19.237 15.496  1.00 37.98 ? 57  ASN A ND2 1 
ATOM 301  N N   . GLY A 1 58  ? -0.482  -14.613 16.302  1.00 37.43 ? 58  GLY A N   1 
ATOM 302  C CA  . GLY A 1 58  ? -0.963  -13.298 16.659  1.00 37.47 ? 58  GLY A CA  1 
ATOM 303  C C   . GLY A 1 58  ? -1.050  -12.365 15.460  1.00 37.43 ? 58  GLY A C   1 
ATOM 304  O O   . GLY A 1 58  ? -1.370  -12.756 14.322  1.00 36.94 ? 58  GLY A O   1 
ATOM 305  N N   . SER A 1 59  ? -0.763  -11.107 15.738  1.00 37.44 ? 59  SER A N   1 
ATOM 306  C CA  . SER A 1 59  ? -0.783  -10.086 14.727  1.00 37.18 ? 59  SER A CA  1 
ATOM 307  C C   . SER A 1 59  ? 0.629   -9.893  14.210  1.00 36.64 ? 59  SER A C   1 
ATOM 308  O O   . SER A 1 59  ? 1.579   -9.740  14.982  1.00 36.80 ? 59  SER A O   1 
ATOM 309  C CB  . SER A 1 59  ? -1.284  -8.775  15.335  1.00 37.44 ? 59  SER A CB  1 
ATOM 310  O OG  . SER A 1 59  ? -0.237  -8.132  16.067  1.00 38.59 ? 59  SER A OG  1 
ATOM 311  N N   . LEU A 1 60  ? 0.757   -9.895  12.896  1.00 35.90 ? 60  LEU A N   1 
ATOM 312  C CA  . LEU A 1 60  ? 1.996   -9.509  12.267  1.00 35.24 ? 60  LEU A CA  1 
ATOM 313  C C   . LEU A 1 60  ? 1.784   -8.098  11.752  1.00 34.65 ? 60  LEU A C   1 
ATOM 314  O O   . LEU A 1 60  ? 0.791   -7.829  11.073  1.00 34.46 ? 60  LEU A O   1 
ATOM 315  C CB  . LEU A 1 60  ? 2.300   -10.489 11.134  1.00 35.61 ? 60  LEU A CB  1 
ATOM 316  C CG  . LEU A 1 60  ? 3.185   -10.101 9.935   1.00 35.47 ? 60  LEU A CG  1 
ATOM 317  C CD1 . LEU A 1 60  ? 4.649   -9.932  10.365  1.00 36.39 ? 60  LEU A CD1 1 
ATOM 318  C CD2 . LEU A 1 60  ? 3.042   -11.207 8.924   1.00 34.50 ? 60  LEU A CD2 1 
ATOM 319  N N   . THR A 1 61  ? 2.705   -7.202  12.097  1.00 33.96 ? 61  THR A N   1 
ATOM 320  C CA  . THR A 1 61  ? 2.550   -5.790  11.771  1.00 33.44 ? 61  THR A CA  1 
ATOM 321  C C   . THR A 1 61  ? 3.610   -5.338  10.804  1.00 33.24 ? 61  THR A C   1 
ATOM 322  O O   . THR A 1 61  ? 4.733   -5.048  11.205  1.00 33.19 ? 61  THR A O   1 
ATOM 323  C CB  . THR A 1 61  ? 2.623   -4.899  13.012  1.00 33.25 ? 61  THR A CB  1 
ATOM 324  O OG1 . THR A 1 61  ? 1.749   -5.420  14.015  1.00 33.58 ? 61  THR A OG1 1 
ATOM 325  C CG2 . THR A 1 61  ? 2.206   -3.483  12.673  1.00 32.90 ? 61  THR A CG2 1 
ATOM 326  N N   . LEU A 1 62  ? 3.236   -5.281  9.529   1.00 33.06 ? 62  LEU A N   1 
ATOM 327  C CA  . LEU A 1 62  ? 4.090   -4.733  8.489   1.00 32.95 ? 62  LEU A CA  1 
ATOM 328  C C   . LEU A 1 62  ? 3.917   -3.242  8.442   1.00 32.79 ? 62  LEU A C   1 
ATOM 329  O O   . LEU A 1 62  ? 2.859   -2.738  8.811   1.00 32.81 ? 62  LEU A O   1 
ATOM 330  C CB  . LEU A 1 62  ? 3.678   -5.259  7.138   1.00 33.00 ? 62  LEU A CB  1 
ATOM 331  C CG  . LEU A 1 62  ? 4.106   -6.661  6.770   1.00 34.21 ? 62  LEU A CG  1 
ATOM 332  C CD1 . LEU A 1 62  ? 3.416   -7.656  7.758   1.00 35.66 ? 62  LEU A CD1 1 
ATOM 333  C CD2 . LEU A 1 62  ? 3.688   -6.919  5.288   1.00 34.68 ? 62  LEU A CD2 1 
ATOM 334  N N   . PRO A 1 63  ? 4.940   -2.528  7.947   1.00 32.75 ? 63  PRO A N   1 
ATOM 335  C CA  . PRO A 1 63  ? 4.878   -1.066  7.908   1.00 32.56 ? 63  PRO A CA  1 
ATOM 336  C C   . PRO A 1 63  ? 3.751   -0.589  7.018   1.00 32.18 ? 63  PRO A C   1 
ATOM 337  O O   . PRO A 1 63  ? 3.422   -1.233  6.027   1.00 31.94 ? 63  PRO A O   1 
ATOM 338  C CB  . PRO A 1 63  ? 6.224   -0.671  7.301   1.00 32.90 ? 63  PRO A CB  1 
ATOM 339  C CG  . PRO A 1 63  ? 6.694   -1.921  6.541   1.00 33.09 ? 63  PRO A CG  1 
ATOM 340  C CD  . PRO A 1 63  ? 6.203   -3.051  7.391   1.00 32.83 ? 63  PRO A CD  1 
ATOM 341  N N   . VAL A 1 64  ? 3.168   0.538   7.383   1.00 31.99 ? 64  VAL A N   1 
ATOM 342  C CA  . VAL A 1 64  ? 2.043   1.079   6.651   1.00 31.98 ? 64  VAL A CA  1 
ATOM 343  C C   . VAL A 1 64  ? 2.367   2.504   6.242   1.00 32.12 ? 64  VAL A C   1 
ATOM 344  O O   . VAL A 1 64  ? 3.089   3.202   6.939   1.00 32.59 ? 64  VAL A O   1 
ATOM 345  C CB  . VAL A 1 64  ? 0.758   1.057   7.504   1.00 31.80 ? 64  VAL A CB  1 
ATOM 346  C CG1 . VAL A 1 64  ? -0.444  1.478   6.688   1.00 31.97 ? 64  VAL A CG1 1 
ATOM 347  C CG2 . VAL A 1 64  ? 0.524   -0.326  8.083   1.00 31.99 ? 64  VAL A CG2 1 
ATOM 348  N N   . GLN A 1 65  ? 1.855   2.919   5.093   1.00 32.18 ? 65  GLN A N   1 
ATOM 349  C CA  . GLN A 1 65  ? 1.938   4.300   4.660   1.00 32.33 ? 65  GLN A CA  1 
ATOM 350  C C   . GLN A 1 65  ? 0.688   4.568   3.837   1.00 31.97 ? 65  GLN A C   1 
ATOM 351  O O   . GLN A 1 65  ? 0.252   3.710   3.061   1.00 31.84 ? 65  GLN A O   1 
ATOM 352  C CB  . GLN A 1 65  ? 3.205   4.535   3.843   1.00 32.49 ? 65  GLN A CB  1 
ATOM 353  C CG  . GLN A 1 65  ? 3.687   5.983   3.844   1.00 35.03 ? 65  GLN A CG  1 
ATOM 354  C CD  . GLN A 1 65  ? 5.010   6.183   3.072   1.00 38.68 ? 65  GLN A CD  1 
ATOM 355  O OE1 . GLN A 1 65  ? 5.898   5.303   3.062   1.00 40.06 ? 65  GLN A OE1 1 
ATOM 356  N NE2 . GLN A 1 65  ? 5.144   7.347   2.423   1.00 38.34 ? 65  GLN A NE2 1 
ATOM 357  N N   . THR A 1 66  ? 0.085   5.735   4.050   1.00 31.72 ? 66  THR A N   1 
ATOM 358  C CA  . THR A 1 66  ? -1.143  6.105   3.348   1.00 31.48 ? 66  THR A CA  1 
ATOM 359  C C   . THR A 1 66  ? -0.954  7.469   2.690   1.00 30.97 ? 66  THR A C   1 
ATOM 360  O O   . THR A 1 66  ? -0.223  8.321   3.212   1.00 31.30 ? 66  THR A O   1 
ATOM 361  C CB  . THR A 1 66  ? -2.340  6.202   4.299   1.00 31.63 ? 66  THR A CB  1 
ATOM 362  O OG1 . THR A 1 66  ? -2.312  7.490   4.959   1.00 33.28 ? 66  THR A OG1 1 
ATOM 363  C CG2 . THR A 1 66  ? -2.308  5.078   5.362   1.00 32.00 ? 66  THR A CG2 1 
ATOM 364  N N   . LEU A 1 67  ? -1.631  7.679   1.561   1.00 30.20 ? 67  LEU A N   1 
ATOM 365  C CA  . LEU A 1 67  ? -1.451  8.881   0.757   1.00 29.12 ? 67  LEU A CA  1 
ATOM 366  C C   . LEU A 1 67  ? -2.754  9.340   0.140   1.00 28.59 ? 67  LEU A C   1 
ATOM 367  O O   . LEU A 1 67  ? -3.515  8.537   -0.390  1.00 28.09 ? 67  LEU A O   1 
ATOM 368  C CB  . LEU A 1 67  ? -0.419  8.610   -0.334  1.00 28.94 ? 67  LEU A CB  1 
ATOM 369  C CG  . LEU A 1 67  ? 0.301   9.750   -1.058  1.00 28.56 ? 67  LEU A CG  1 
ATOM 370  C CD1 . LEU A 1 67  ? -0.317  10.012  -2.403  1.00 27.89 ? 67  LEU A CD1 1 
ATOM 371  C CD2 . LEU A 1 67  ? 0.348   11.013  -0.220  1.00 29.11 ? 67  LEU A CD2 1 
ATOM 372  N N   . THR A 1 68  ? -3.006  10.637  0.213   1.00 28.33 ? 68  THR A N   1 
ATOM 373  C CA  . THR A 1 68  ? -4.191  11.198  -0.409  1.00 28.40 ? 68  THR A CA  1 
ATOM 374  C C   . THR A 1 68  ? -3.812  11.989  -1.640  1.00 28.48 ? 68  THR A C   1 
ATOM 375  O O   . THR A 1 68  ? -2.846  12.755  -1.635  1.00 28.42 ? 68  THR A O   1 
ATOM 376  C CB  . THR A 1 68  ? -4.960  12.095  0.544   1.00 28.44 ? 68  THR A CB  1 
ATOM 377  O OG1 . THR A 1 68  ? -4.793  11.599  1.875   1.00 28.84 ? 68  THR A OG1 1 
ATOM 378  C CG2 . THR A 1 68  ? -6.446  12.150  0.169   1.00 27.68 ? 68  THR A CG2 1 
ATOM 379  N N   . VAL A 1 69  ? -4.581  11.783  -2.697  1.00 28.65 ? 69  VAL A N   1 
ATOM 380  C CA  . VAL A 1 69  ? -4.326  12.427  -3.965  1.00 29.26 ? 69  VAL A CA  1 
ATOM 381  C C   . VAL A 1 69  ? -5.608  13.036  -4.524  1.00 29.97 ? 69  VAL A C   1 
ATOM 382  O O   . VAL A 1 69  ? -6.640  12.362  -4.643  1.00 30.12 ? 69  VAL A O   1 
ATOM 383  C CB  . VAL A 1 69  ? -3.669  11.450  -4.986  1.00 28.91 ? 69  VAL A CB  1 
ATOM 384  C CG1 . VAL A 1 69  ? -3.923  11.898  -6.410  1.00 28.83 ? 69  VAL A CG1 1 
ATOM 385  C CG2 . VAL A 1 69  ? -2.183  11.382  -4.759  1.00 29.03 ? 69  VAL A CG2 1 
ATOM 386  N N   . GLU A 1 70  ? -5.537  14.328  -4.828  1.00 30.70 ? 70  GLU A N   1 
ATOM 387  C CA  . GLU A 1 70  ? -6.538  14.960  -5.646  1.00 31.59 ? 70  GLU A CA  1 
ATOM 388  C C   . GLU A 1 70  ? -6.040  14.838  -7.075  1.00 31.26 ? 70  GLU A C   1 
ATOM 389  O O   . GLU A 1 70  ? -5.256  15.675  -7.536  1.00 31.13 ? 70  GLU A O   1 
ATOM 390  C CB  . GLU A 1 70  ? -6.712  16.423  -5.265  1.00 31.98 ? 70  GLU A CB  1 
ATOM 391  C CG  . GLU A 1 70  ? -8.085  16.976  -5.671  1.00 35.52 ? 70  GLU A CG  1 
ATOM 392  C CD  . GLU A 1 70  ? -9.175  16.729  -4.596  1.00 38.47 ? 70  GLU A CD  1 
ATOM 393  O OE1 . GLU A 1 70  ? -10.359 16.463  -4.981  1.00 40.02 ? 70  GLU A OE1 1 
ATOM 394  O OE2 . GLU A 1 70  ? -8.841  16.809  -3.377  1.00 37.88 ? 70  GLU A OE2 1 
ATOM 395  N N   . ALA A 1 71  ? -6.491  13.774  -7.750  1.00 31.06 ? 71  ALA A N   1 
ATOM 396  C CA  . ALA A 1 71  ? -6.063  13.423  -9.102  1.00 30.97 ? 71  ALA A CA  1 
ATOM 397  C C   . ALA A 1 71  ? -6.461  14.448  -10.144 1.00 31.22 ? 71  ALA A C   1 
ATOM 398  O O   . ALA A 1 71  ? -5.981  14.403  -11.280 1.00 30.87 ? 71  ALA A O   1 
ATOM 399  C CB  . ALA A 1 71  ? -6.626  12.078  -9.483  1.00 31.06 ? 71  ALA A CB  1 
ATOM 400  N N   . GLY A 1 72  ? -7.344  15.366  -9.749  1.00 31.81 ? 72  GLY A N   1 
ATOM 401  C CA  . GLY A 1 72  ? -7.903  16.368  -10.659 1.00 32.04 ? 72  GLY A CA  1 
ATOM 402  C C   . GLY A 1 72  ? -9.258  15.948  -11.182 1.00 32.13 ? 72  GLY A C   1 
ATOM 403  O O   . GLY A 1 72  ? -9.730  14.847  -10.891 1.00 32.48 ? 72  GLY A O   1 
ATOM 404  N N   . ASN A 1 73  ? -9.888  16.834  -11.946 1.00 32.16 ? 73  ASN A N   1 
ATOM 405  C CA  . ASN A 1 73  ? -11.231 16.597  -12.503 1.00 32.19 ? 73  ASN A CA  1 
ATOM 406  C C   . ASN A 1 73  ? -12.314 16.341  -11.434 1.00 32.05 ? 73  ASN A C   1 
ATOM 407  O O   . ASN A 1 73  ? -13.521 16.257  -11.734 1.00 32.00 ? 73  ASN A O   1 
ATOM 408  C CB  . ASN A 1 73  ? -11.174 15.479  -13.553 1.00 32.13 ? 73  ASN A CB  1 
ATOM 409  C CG  . ASN A 1 73  ? -10.217 15.806  -14.686 1.00 32.30 ? 73  ASN A CG  1 
ATOM 410  O OD1 . ASN A 1 73  ? -10.470 16.724  -15.455 1.00 33.68 ? 73  ASN A OD1 1 
ATOM 411  N ND2 . ASN A 1 73  ? -9.115  15.066  -14.791 1.00 31.74 ? 73  ASN A ND2 1 
ATOM 412  N N   . GLY A 1 74  ? -11.835 16.271  -10.166 1.00 32.05 ? 74  GLY A N   1 
ATOM 413  C CA  . GLY A 1 74  ? -12.747 16.000  -9.050  1.00 32.15 ? 74  GLY A CA  1 
ATOM 414  C C   . GLY A 1 74  ? -12.552 14.620  -8.461  1.00 32.08 ? 74  GLY A C   1 
ATOM 415  O O   . GLY A 1 74  ? -13.231 14.263  -7.498  1.00 32.20 ? 74  GLY A O   1 
ATOM 416  N N   . LEU A 1 75  ? -11.623 13.858  -9.045  1.00 31.87 ? 75  LEU A N   1 
ATOM 417  C CA  . LEU A 1 75  ? -11.325 12.494  -8.635  1.00 31.74 ? 75  LEU A CA  1 
ATOM 418  C C   . LEU A 1 75  ? -10.384 12.440  -7.435  1.00 32.33 ? 75  LEU A C   1 
ATOM 419  O O   . LEU A 1 75  ? -9.204  12.773  -7.541  1.00 32.74 ? 75  LEU A O   1 
ATOM 420  C CB  . LEU A 1 75  ? -10.715 11.732  -9.799  1.00 31.30 ? 75  LEU A CB  1 
ATOM 421  C CG  . LEU A 1 75  ? -10.297 10.291  -9.545  1.00 30.73 ? 75  LEU A CG  1 
ATOM 422  C CD1 . LEU A 1 75  ? -11.477 9.416   -9.231  1.00 30.72 ? 75  LEU A CD1 1 
ATOM 423  C CD2 . LEU A 1 75  ? -9.616  9.787   -10.777 1.00 31.22 ? 75  LEU A CD2 1 
ATOM 424  N N   . GLN A 1 76  ? -10.927 12.029  -6.291  1.00 32.73 ? 76  GLN A N   1 
ATOM 425  C CA  . GLN A 1 76  ? -10.167 11.890  -5.057  1.00 32.79 ? 76  GLN A CA  1 
ATOM 426  C C   . GLN A 1 76  ? -9.589  10.507  -5.090  1.00 32.41 ? 76  GLN A C   1 
ATOM 427  O O   . GLN A 1 76  ? -10.146 9.623   -5.728  1.00 32.32 ? 76  GLN A O   1 
ATOM 428  C CB  . GLN A 1 76  ? -11.104 12.008  -3.848  1.00 33.22 ? 76  GLN A CB  1 
ATOM 429  C CG  . GLN A 1 76  ? -10.416 12.257  -2.513  1.00 34.49 ? 76  GLN A CG  1 
ATOM 430  C CD  . GLN A 1 76  ? -9.806  13.634  -2.489  1.00 36.83 ? 76  GLN A CD  1 
ATOM 431  O OE1 . GLN A 1 76  ? -10.483 14.610  -2.801  1.00 38.40 ? 76  GLN A OE1 1 
ATOM 432  N NE2 . GLN A 1 76  ? -8.522  13.725  -2.152  1.00 37.82 ? 76  GLN A NE2 1 
ATOM 433  N N   . LEU A 1 77  ? -8.490  10.308  -4.386  1.00 32.40 ? 77  LEU A N   1 
ATOM 434  C CA  . LEU A 1 77  ? -7.832  9.033   -4.424  1.00 32.91 ? 77  LEU A CA  1 
ATOM 435  C C   . LEU A 1 77  ? -7.024  8.820   -3.160  1.00 33.38 ? 77  LEU A C   1 
ATOM 436  O O   . LEU A 1 77  ? -6.013  9.479   -2.959  1.00 33.81 ? 77  LEU A O   1 
ATOM 437  C CB  . LEU A 1 77  ? -6.920  8.992   -5.653  1.00 32.84 ? 77  LEU A CB  1 
ATOM 438  C CG  . LEU A 1 77  ? -6.830  7.691   -6.446  1.00 32.79 ? 77  LEU A CG  1 
ATOM 439  C CD1 . LEU A 1 77  ? -8.187  7.344   -7.056  1.00 33.91 ? 77  LEU A CD1 1 
ATOM 440  C CD2 . LEU A 1 77  ? -5.818  7.840   -7.545  1.00 32.00 ? 77  LEU A CD2 1 
ATOM 441  N N   . GLN A 1 78  ? -7.472  7.917   -2.297  1.00 33.95 ? 78  GLN A N   1 
ATOM 442  C CA  . GLN A 1 78  ? -6.698  7.566   -1.104  1.00 34.78 ? 78  GLN A CA  1 
ATOM 443  C C   . GLN A 1 78  ? -5.989  6.239   -1.295  1.00 35.17 ? 78  GLN A C   1 
ATOM 444  O O   . GLN A 1 78  ? -6.619  5.189   -1.402  1.00 35.23 ? 78  GLN A O   1 
ATOM 445  C CB  . GLN A 1 78  ? -7.572  7.528   0.155   1.00 34.85 ? 78  GLN A CB  1 
ATOM 446  C CG  . GLN A 1 78  ? -8.083  8.909   0.626   1.00 35.91 ? 78  GLN A CG  1 
ATOM 447  C CD  . GLN A 1 78  ? -8.911  8.835   1.918   1.00 36.77 ? 78  GLN A CD  1 
ATOM 448  O OE1 . GLN A 1 78  ? -8.844  7.848   2.649   1.00 37.84 ? 78  GLN A OE1 1 
ATOM 449  N NE2 . GLN A 1 78  ? -9.693  9.883   2.197   1.00 36.43 ? 78  GLN A NE2 1 
ATOM 450  N N   . LEU A 1 79  ? -4.669  6.292   -1.349  1.00 35.83 ? 79  LEU A N   1 
ATOM 451  C CA  . LEU A 1 79  ? -3.880  5.081   -1.492  1.00 36.68 ? 79  LEU A CA  1 
ATOM 452  C C   . LEU A 1 79  ? -3.309  4.657   -0.150  1.00 37.33 ? 79  LEU A C   1 
ATOM 453  O O   . LEU A 1 79  ? -2.834  5.501   0.622   1.00 37.72 ? 79  LEU A O   1 
ATOM 454  C CB  . LEU A 1 79  ? -2.741  5.320   -2.462  1.00 36.68 ? 79  LEU A CB  1 
ATOM 455  C CG  . LEU A 1 79  ? -3.110  5.704   -3.890  1.00 36.95 ? 79  LEU A CG  1 
ATOM 456  C CD1 . LEU A 1 79  ? -2.095  6.710   -4.401  1.00 37.97 ? 79  LEU A CD1 1 
ATOM 457  C CD2 . LEU A 1 79  ? -3.118  4.478   -4.771  1.00 37.19 ? 79  LEU A CD2 1 
ATOM 458  N N   . THR A 1 80  ? -3.356  3.350   0.126   1.00 37.87 ? 80  THR A N   1 
ATOM 459  C CA  . THR A 1 80  ? -2.841  2.831   1.389   1.00 38.64 ? 80  THR A CA  1 
ATOM 460  C C   . THR A 1 80  ? -1.948  1.643   1.090   1.00 38.76 ? 80  THR A C   1 
ATOM 461  O O   . THR A 1 80  ? -2.451  0.594   0.680   1.00 38.90 ? 80  THR A O   1 
ATOM 462  C CB  . THR A 1 80  ? -4.008  2.438   2.357   1.00 38.82 ? 80  THR A CB  1 
ATOM 463  O OG1 . THR A 1 80  ? -4.748  3.618   2.693   1.00 39.55 ? 80  THR A OG1 1 
ATOM 464  C CG2 . THR A 1 80  ? -3.488  1.809   3.660   1.00 39.04 ? 80  THR A CG2 1 
ATOM 465  N N   . LYS A 1 81  ? -0.633  1.808   1.266   1.00 38.99 ? 81  LYS A N   1 
ATOM 466  C CA  . LYS A 1 81  ? 0.311   0.712   0.995   1.00 39.49 ? 81  LYS A CA  1 
ATOM 467  C C   . LYS A 1 81  ? 0.846   0.094   2.278   1.00 40.30 ? 81  LYS A C   1 
ATOM 468  O O   . LYS A 1 81  ? 1.028   0.795   3.271   1.00 40.50 ? 81  LYS A O   1 
ATOM 469  C CB  . LYS A 1 81  ? 1.457   1.142   0.061   1.00 39.05 ? 81  LYS A CB  1 
ATOM 470  C CG  . LYS A 1 81  ? 2.750   1.508   0.740   1.00 37.80 ? 81  LYS A CG  1 
ATOM 471  C CD  . LYS A 1 81  ? 3.810   1.883   -0.277  1.00 35.65 ? 81  LYS A CD  1 
ATOM 472  C CE  . LYS A 1 81  ? 5.002   2.495   0.427   1.00 35.21 ? 81  LYS A CE  1 
ATOM 473  N NZ  . LYS A 1 81  ? 4.752   3.866   0.918   1.00 34.07 ? 81  LYS A NZ  1 
ATOM 474  N N   . LYS A 1 82  ? 1.068   -1.224  2.246   1.00 41.27 ? 82  LYS A N   1 
ATOM 475  C CA  . LYS A 1 82  ? 1.605   -1.971  3.388   1.00 42.29 ? 82  LYS A CA  1 
ATOM 476  C C   . LYS A 1 82  ? 2.803   -2.803  2.980   1.00 43.03 ? 82  LYS A C   1 
ATOM 477  O O   . LYS A 1 82  ? 2.749   -3.583  2.023   1.00 42.78 ? 82  LYS A O   1 
ATOM 478  C CB  . LYS A 1 82  ? 0.539   -2.844  4.057   1.00 42.09 ? 82  LYS A CB  1 
ATOM 479  C CG  . LYS A 1 82  ? -0.685  -2.067  4.523   1.00 42.60 ? 82  LYS A CG  1 
ATOM 480  C CD  . LYS A 1 82  ? -1.327  -2.671  5.759   1.00 43.62 ? 82  LYS A CD  1 
ATOM 481  C CE  . LYS A 1 82  ? -2.423  -1.719  6.283   1.00 45.63 ? 82  LYS A CE  1 
ATOM 482  N NZ  . LYS A 1 82  ? -2.811  -1.915  7.733   1.00 45.78 ? 82  LYS A NZ  1 
ATOM 483  N N   . ASN A 1 83  ? 3.892   -2.616  3.724   1.00 44.41 ? 83  ASN A N   1 
ATOM 484  C CA  . ASN A 1 83  ? 5.187   -3.206  3.386   1.00 45.76 ? 83  ASN A CA  1 
ATOM 485  C C   . ASN A 1 83  ? 5.579   -2.874  1.971   1.00 45.92 ? 83  ASN A C   1 
ATOM 486  O O   . ASN A 1 83  ? 5.959   -3.769  1.189   1.00 46.16 ? 83  ASN A O   1 
ATOM 487  C CB  . ASN A 1 83  ? 5.204   -4.726  3.573   1.00 46.21 ? 83  ASN A CB  1 
ATOM 488  C CG  . ASN A 1 83  ? 6.599   -5.253  3.954   1.00 48.36 ? 83  ASN A CG  1 
ATOM 489  O OD1 . ASN A 1 83  ? 6.724   -6.158  4.782   1.00 51.34 ? 83  ASN A OD1 1 
ATOM 490  N ND2 . ASN A 1 83  ? 7.652   -4.654  3.381   1.00 50.07 ? 83  ASN A ND2 1 
ATOM 491  N N   . ASN A 1 84  ? 5.442   -1.580  1.640   1.00 46.25 ? 84  ASN A N   1 
ATOM 492  C CA  . ASN A 1 84  ? 5.910   -1.130  0.359   1.00 46.56 ? 84  ASN A CA  1 
ATOM 493  C C   . ASN A 1 84  ? 5.408   -1.939  -0.838  1.00 46.21 ? 84  ASN A C   1 
ATOM 494  O O   . ASN A 1 84  ? 5.706   -1.543  -1.977  1.00 46.81 ? 84  ASN A O   1 
ATOM 495  C CB  . ASN A 1 84  ? 7.444   -1.040  0.354   1.00 46.57 ? 84  ASN A CB  1 
ATOM 496  C CG  . ASN A 1 84  ? 7.964   -0.010  -0.652  1.00 48.61 ? 84  ASN A CG  1 
ATOM 497  O OD1 . ASN A 1 84  ? 8.970   -0.257  -1.366  1.00 50.80 ? 84  ASN A OD1 1 
ATOM 498  N ND2 . ASN A 1 84  ? 7.263   1.140   -0.737  1.00 50.52 ? 84  ASN A ND2 1 
ATOM 499  N N   . ASP A 1 85  ? 4.597   -3.035  -0.603  1.00 45.47 ? 85  ASP A N   1 
ATOM 500  C CA  . ASP A 1 85  ? 4.303   -3.809  -1.895  1.00 44.98 ? 85  ASP A CA  1 
ATOM 501  C C   . ASP A 1 85  ? 2.894   -3.813  -2.503  1.00 43.88 ? 85  ASP A C   1 
ATOM 502  O O   . ASP A 1 85  ? 2.718   -3.636  -3.727  1.00 44.35 ? 85  ASP A O   1 
ATOM 503  C CB  . ASP A 1 85  ? 5.010   -5.150  -2.017  1.00 45.40 ? 85  ASP A CB  1 
ATOM 504  C CG  . ASP A 1 85  ? 4.908   -5.718  -3.465  1.00 47.60 ? 85  ASP A CG  1 
ATOM 505  O OD1 . ASP A 1 85  ? 5.321   -5.032  -4.464  1.00 49.37 ? 85  ASP A OD1 1 
ATOM 506  O OD2 . ASP A 1 85  ? 4.371   -6.842  -3.612  1.00 50.18 ? 85  ASP A OD2 1 
ATOM 507  N N   . LEU A 1 86  ? 1.885   -4.012  -1.674  1.00 42.08 ? 86  LEU A N   1 
ATOM 508  C CA  . LEU A 1 86  ? 0.562   -4.030  -2.214  1.00 40.49 ? 86  LEU A CA  1 
ATOM 509  C C   . LEU A 1 86  ? -0.088  -2.795  -1.645  1.00 39.55 ? 86  LEU A C   1 
ATOM 510  O O   . LEU A 1 86  ? 0.011   -2.544  -0.436  1.00 38.87 ? 86  LEU A O   1 
ATOM 511  C CB  . LEU A 1 86  ? -0.119  -5.314  -1.729  1.00 40.46 ? 86  LEU A CB  1 
ATOM 512  C CG  . LEU A 1 86  ? -1.626  -5.452  -1.704  1.00 39.56 ? 86  LEU A CG  1 
ATOM 513  C CD1 . LEU A 1 86  ? -1.976  -6.784  -2.315  1.00 40.09 ? 86  LEU A CD1 1 
ATOM 514  C CD2 . LEU A 1 86  ? -2.023  -5.383  -0.236  1.00 38.90 ? 86  LEU A CD2 1 
ATOM 515  N N   . VAL A 1 87  ? -0.697  -2.003  -2.530  1.00 38.53 ? 87  VAL A N   1 
ATOM 516  C CA  . VAL A 1 87  ? -1.461  -0.818  -2.126  1.00 37.57 ? 87  VAL A CA  1 
ATOM 517  C C   . VAL A 1 87  ? -2.907  -0.951  -2.571  1.00 37.01 ? 87  VAL A C   1 
ATOM 518  O O   . VAL A 1 87  ? -3.170  -1.340  -3.715  1.00 37.16 ? 87  VAL A O   1 
ATOM 519  C CB  . VAL A 1 87  ? -0.819  0.530   -2.612  1.00 37.59 ? 87  VAL A CB  1 
ATOM 520  C CG1 . VAL A 1 87  ? 0.246   0.300   -3.668  1.00 37.82 ? 87  VAL A CG1 1 
ATOM 521  C CG2 . VAL A 1 87  ? -1.865  1.542   -3.074  1.00 37.44 ? 87  VAL A CG2 1 
ATOM 522  N N   . ILE A 1 88  ? -3.827  -0.671  -1.645  1.00 36.02 ? 88  ILE A N   1 
ATOM 523  C CA  . ILE A 1 88  ? -5.248  -0.611  -1.951  1.00 35.03 ? 88  ILE A CA  1 
ATOM 524  C C   . ILE A 1 88  ? -5.680  0.844   -2.185  1.00 34.33 ? 88  ILE A C   1 
ATOM 525  O O   . ILE A 1 88  ? -5.361  1.751   -1.392  1.00 34.48 ? 88  ILE A O   1 
ATOM 526  C CB  . ILE A 1 88  ? -6.094  -1.279  -0.845  1.00 35.12 ? 88  ILE A CB  1 
ATOM 527  C CG1 . ILE A 1 88  ? -6.926  -2.418  -1.417  1.00 34.68 ? 88  ILE A CG1 1 
ATOM 528  C CG2 . ILE A 1 88  ? -6.958  -0.258  -0.070  1.00 36.27 ? 88  ILE A CG2 1 
ATOM 529  C CD1 . ILE A 1 88  ? -6.130  -3.657  -1.577  1.00 34.17 ? 88  ILE A CD1 1 
ATOM 530  N N   . VAL A 1 89  ? -6.403  1.052   -3.284  1.00 33.20 ? 89  VAL A N   1 
ATOM 531  C CA  . VAL A 1 89  ? -6.787  2.383   -3.732  1.00 31.96 ? 89  VAL A CA  1 
ATOM 532  C C   . VAL A 1 89  ? -8.257  2.586   -3.505  1.00 31.35 ? 89  VAL A C   1 
ATOM 533  O O   . VAL A 1 89  ? -9.074  1.739   -3.846  1.00 31.20 ? 89  VAL A O   1 
ATOM 534  C CB  . VAL A 1 89  ? -6.533  2.564   -5.221  1.00 31.84 ? 89  VAL A CB  1 
ATOM 535  C CG1 . VAL A 1 89  ? -6.775  4.003   -5.624  1.00 31.60 ? 89  VAL A CG1 1 
ATOM 536  C CG2 . VAL A 1 89  ? -5.134  2.134   -5.565  1.00 31.65 ? 89  VAL A CG2 1 
ATOM 537  N N   . ARG A 1 90  ? -8.596  3.717   -2.925  1.00 30.65 ? 90  ARG A N   1 
ATOM 538  C CA  . ARG A 1 90  ? -9.980  3.990   -2.672  1.00 30.39 ? 90  ARG A CA  1 
ATOM 539  C C   . ARG A 1 90  ? -10.352 5.224   -3.476  1.00 30.71 ? 90  ARG A C   1 
ATOM 540  O O   . ARG A 1 90  ? -9.727  6.284   -3.364  1.00 30.95 ? 90  ARG A O   1 
ATOM 541  C CB  . ARG A 1 90  ? -10.227 4.125   -1.173  1.00 30.09 ? 90  ARG A CB  1 
ATOM 542  C CG  . ARG A 1 90  ? -9.742  2.901   -0.392  1.00 29.04 ? 90  ARG A CG  1 
ATOM 543  C CD  . ARG A 1 90  ? -9.788  3.118   1.083   1.00 27.89 ? 90  ARG A CD  1 
ATOM 544  N NE  . ARG A 1 90  ? -11.101 3.601   1.477   1.00 28.67 ? 90  ARG A NE  1 
ATOM 545  C CZ  . ARG A 1 90  ? -11.331 4.340   2.556   1.00 29.20 ? 90  ARG A CZ  1 
ATOM 546  N NH1 . ARG A 1 90  ? -10.330 4.671   3.352   1.00 29.69 ? 90  ARG A NH1 1 
ATOM 547  N NH2 . ARG A 1 90  ? -12.562 4.752   2.844   1.00 29.17 ? 90  ARG A NH2 1 
ATOM 548  N N   . PHE A 1 91  ? -11.347 5.051   -4.339  1.00 30.91 ? 91  PHE A N   1 
ATOM 549  C CA  . PHE A 1 91  ? -11.760 6.088   -5.268  1.00 30.93 ? 91  PHE A CA  1 
ATOM 550  C C   . PHE A 1 91  ? -12.811 6.916   -4.572  1.00 30.70 ? 91  PHE A C   1 
ATOM 551  O O   . PHE A 1 91  ? -13.691 6.358   -3.898  1.00 31.00 ? 91  PHE A O   1 
ATOM 552  C CB  . PHE A 1 91  ? -12.366 5.457   -6.525  1.00 31.19 ? 91  PHE A CB  1 
ATOM 553  C CG  . PHE A 1 91  ? -11.357 4.833   -7.453  1.00 31.93 ? 91  PHE A CG  1 
ATOM 554  C CD1 . PHE A 1 91  ? -10.401 3.943   -6.990  1.00 33.56 ? 91  PHE A CD1 1 
ATOM 555  C CD2 . PHE A 1 91  ? -11.384 5.113   -8.799  1.00 32.66 ? 91  PHE A CD2 1 
ATOM 556  C CE1 . PHE A 1 91  ? -9.472  3.365   -7.861  1.00 34.32 ? 91  PHE A CE1 1 
ATOM 557  C CE2 . PHE A 1 91  ? -10.464 4.540   -9.669  1.00 33.75 ? 91  PHE A CE2 1 
ATOM 558  C CZ  . PHE A 1 91  ? -9.506  3.668   -9.201  1.00 33.84 ? 91  PHE A CZ  1 
ATOM 559  N N   . PHE A 1 92  ? -12.713 8.238   -4.717  1.00 30.07 ? 92  PHE A N   1 
ATOM 560  C CA  . PHE A 1 92  ? -13.703 9.141   -4.151  1.00 29.38 ? 92  PHE A CA  1 
ATOM 561  C C   . PHE A 1 92  ? -13.960 10.275  -5.100  1.00 28.55 ? 92  PHE A C   1 
ATOM 562  O O   . PHE A 1 92  ? -13.530 10.227  -6.242  1.00 28.30 ? 92  PHE A O   1 
ATOM 563  C CB  . PHE A 1 92  ? -13.277 9.645   -2.768  1.00 29.72 ? 92  PHE A CB  1 
ATOM 564  C CG  . PHE A 1 92  ? -13.411 8.607   -1.696  1.00 31.31 ? 92  PHE A CG  1 
ATOM 565  C CD1 . PHE A 1 92  ? -14.675 8.138   -1.318  1.00 31.76 ? 92  PHE A CD1 1 
ATOM 566  C CD2 . PHE A 1 92  ? -12.278 8.069   -1.080  1.00 33.08 ? 92  PHE A CD2 1 
ATOM 567  C CE1 . PHE A 1 92  ? -14.815 7.157   -0.336  1.00 32.66 ? 92  PHE A CE1 1 
ATOM 568  C CE2 . PHE A 1 92  ? -12.403 7.079   -0.093  1.00 33.97 ? 92  PHE A CE2 1 
ATOM 569  C CZ  . PHE A 1 92  ? -13.677 6.625   0.279   1.00 33.89 ? 92  PHE A CZ  1 
ATOM 570  N N   . GLY A 1 93  ? -14.678 11.282  -4.625  1.00 27.93 ? 93  GLY A N   1 
ATOM 571  C CA  . GLY A 1 93  ? -15.042 12.414  -5.443  1.00 27.41 ? 93  GLY A CA  1 
ATOM 572  C C   . GLY A 1 93  ? -15.822 12.046  -6.685  1.00 27.26 ? 93  GLY A C   1 
ATOM 573  O O   . GLY A 1 93  ? -16.416 10.975  -6.782  1.00 26.73 ? 93  GLY A O   1 
ATOM 574  N N   . SER A 1 94  ? -15.790 12.961  -7.644  1.00 27.70 ? 94  SER A N   1 
ATOM 575  C CA  . SER A 1 94  ? -16.578 12.882  -8.869  1.00 27.91 ? 94  SER A CA  1 
ATOM 576  C C   . SER A 1 94  ? -15.813 13.500  -10.029 1.00 27.88 ? 94  SER A C   1 
ATOM 577  O O   . SER A 1 94  ? -15.377 14.654  -9.962  1.00 28.16 ? 94  SER A O   1 
ATOM 578  C CB  . SER A 1 94  ? -17.889 13.650  -8.709  1.00 27.93 ? 94  SER A CB  1 
ATOM 579  O OG  . SER A 1 94  ? -18.480 13.390  -7.450  1.00 28.71 ? 94  SER A OG  1 
ATOM 580  N N   . VAL A 1 95  ? -15.696 12.738  -11.108 1.00 27.68 ? 95  VAL A N   1 
ATOM 581  C CA  . VAL A 1 95  ? -14.948 13.163  -12.285 1.00 27.45 ? 95  VAL A CA  1 
ATOM 582  C C   . VAL A 1 95  ? -15.831 13.893  -13.303 1.00 27.27 ? 95  VAL A C   1 
ATOM 583  O O   . VAL A 1 95  ? -16.993 13.551  -13.489 1.00 27.27 ? 95  VAL A O   1 
ATOM 584  C CB  . VAL A 1 95  ? -14.289 11.952  -12.940 1.00 27.40 ? 95  VAL A CB  1 
ATOM 585  C CG1 . VAL A 1 95  ? -12.934 12.328  -13.496 1.00 27.35 ? 95  VAL A CG1 1 
ATOM 586  C CG2 . VAL A 1 95  ? -14.106 10.854  -11.895 1.00 27.93 ? 95  VAL A CG2 1 
ATOM 587  N N   . SER A 1 96  ? -15.267 14.906  -13.953 1.00 27.26 ? 96  SER A N   1 
ATOM 588  C CA  . SER A 1 96  ? -15.983 15.668  -14.975 1.00 27.37 ? 96  SER A CA  1 
ATOM 589  C C   . SER A 1 96  ? -14.974 16.279  -15.946 1.00 27.15 ? 96  SER A C   1 
ATOM 590  O O   . SER A 1 96  ? -13.804 16.659  -15.523 1.00 27.30 ? 96  SER A O   1 
ATOM 591  C CB  . SER A 1 96  ? -16.820 16.776  -14.332 1.00 27.62 ? 96  SER A CB  1 
ATOM 592  O OG  . SER A 1 96  ? -16.002 17.585  -13.501 1.00 28.70 ? 96  SER A OG  1 
ATOM 593  N N   . ASN A 1 97  ? -15.420 16.345  -17.240 1.00 26.77 ? 97  ASN A N   1 
ATOM 594  C CA  . ASN A 1 97  ? -14.594 16.993  -18.269 1.00 26.75 ? 97  ASN A CA  1 
ATOM 595  C C   . ASN A 1 97  ? -13.349 16.223  -18.715 1.00 26.86 ? 97  ASN A C   1 
ATOM 596  O O   . ASN A 1 97  ? -12.240 16.771  -18.695 1.00 26.96 ? 97  ASN A O   1 
ATOM 597  C CB  . ASN A 1 97  ? -14.191 18.397  -17.818 1.00 26.61 ? 97  ASN A CB  1 
ATOM 598  C CG  . ASN A 1 97  ? -15.344 19.343  -17.802 1.00 27.32 ? 97  ASN A CG  1 
ATOM 599  O OD1 . ASN A 1 97  ? -16.328 19.155  -18.523 1.00 28.68 ? 97  ASN A OD1 1 
ATOM 600  N ND2 . ASN A 1 97  ? -15.236 20.390  -16.996 1.00 27.62 ? 97  ASN A ND2 1 
ATOM 601  N N   . ILE A 1 98  ? -13.526 14.967  -19.133 1.00 26.77 ? 98  ILE A N   1 
ATOM 602  C CA  . ILE A 1 98  ? -12.406 14.135  -19.587 1.00 26.91 ? 98  ILE A CA  1 
ATOM 603  C C   . ILE A 1 98  ? -12.793 13.303  -20.801 1.00 26.85 ? 98  ILE A C   1 
ATOM 604  O O   . ILE A 1 98  ? -13.923 12.839  -20.904 1.00 26.70 ? 98  ILE A O   1 
ATOM 605  C CB  . ILE A 1 98  ? -11.903 13.184  -18.472 1.00 26.95 ? 98  ILE A CB  1 
ATOM 606  C CG1 . ILE A 1 98  ? -11.961 13.854  -17.109 1.00 27.63 ? 98  ILE A CG1 1 
ATOM 607  C CG2 . ILE A 1 98  ? -10.457 12.767  -18.700 1.00 27.85 ? 98  ILE A CG2 1 
ATOM 608  C CD1 . ILE A 1 98  ? -13.266 13.700  -16.437 1.00 29.28 ? 98  ILE A CD1 1 
ATOM 609  N N   . GLN A 1 99  ? -11.850 13.122  -21.719 1.00 27.18 ? 99  GLN A N   1 
ATOM 610  C CA  . GLN A 1 99  ? -12.062 12.273  -22.888 1.00 27.69 ? 99  GLN A CA  1 
ATOM 611  C C   . GLN A 1 99  ? -11.711 10.824  -22.612 1.00 27.70 ? 99  GLN A C   1 
ATOM 612  O O   . GLN A 1 99  ? -10.889 10.520  -21.739 1.00 27.53 ? 99  GLN A O   1 
ATOM 613  C CB  . GLN A 1 99  ? -11.214 12.732  -24.079 1.00 28.02 ? 99  GLN A CB  1 
ATOM 614  C CG  . GLN A 1 99  ? -11.268 14.220  -24.390 1.00 29.22 ? 99  GLN A CG  1 
ATOM 615  C CD  . GLN A 1 99  ? -12.521 14.671  -25.097 1.00 31.20 ? 99  GLN A CD  1 
ATOM 616  O OE1 . GLN A 1 99  ? -13.014 13.997  -26.003 1.00 33.18 ? 99  GLN A OE1 1 
ATOM 617  N NE2 . GLN A 1 99  ? -13.039 15.837  -24.703 1.00 31.10 ? 99  GLN A NE2 1 
ATOM 618  N N   . LYS A 1 100 ? -12.306 9.942   -23.418 1.00 28.04 ? 100 LYS A N   1 
ATOM 619  C CA  . LYS A 1 100 ? -12.047 8.499   -23.353 1.00 28.30 ? 100 LYS A CA  1 
ATOM 620  C C   . LYS A 1 100 ? -10.583 8.089   -23.139 1.00 28.12 ? 100 LYS A C   1 
ATOM 621  O O   . LYS A 1 100 ? -10.341 6.985   -22.666 1.00 28.79 ? 100 LYS A O   1 
ATOM 622  C CB  . LYS A 1 100 ? -12.598 7.782   -24.598 1.00 28.23 ? 100 LYS A CB  1 
ATOM 623  C CG  . LYS A 1 100 ? -12.328 8.551   -25.900 1.00 29.55 ? 100 LYS A CG  1 
ATOM 624  C CD  . LYS A 1 100 ? -12.682 7.680   -27.114 1.00 32.15 ? 100 LYS A CD  1 
ATOM 625  C CE  . LYS A 1 100 ? -12.528 8.567   -28.429 1.00 33.31 ? 100 LYS A CE  1 
ATOM 626  N NZ  . LYS A 1 100 ? -12.249 7.554   -29.640 1.00 33.90 ? 100 LYS A NZ  1 
ATOM 627  N N   . GLY A 1 101 ? -9.613  8.943   -23.471 1.00 27.53 ? 101 GLY A N   1 
ATOM 628  C CA  . GLY A 1 101 ? -8.212  8.508   -23.422 1.00 26.84 ? 101 GLY A CA  1 
ATOM 629  C C   . GLY A 1 101 ? -7.273  9.377   -22.608 1.00 26.59 ? 101 GLY A C   1 
ATOM 630  O O   . GLY A 1 101 ? -6.062  9.091   -22.492 1.00 26.13 ? 101 GLY A O   1 
ATOM 631  N N   . TRP A 1 102 ? -7.833  10.426  -22.021 1.00 26.40 ? 102 TRP A N   1 
ATOM 632  C CA  . TRP A 1 102 ? -7.024  11.492  -21.443 1.00 26.26 ? 102 TRP A CA  1 
ATOM 633  C C   . TRP A 1 102 ? -6.231  11.171  -20.190 1.00 25.97 ? 102 TRP A C   1 
ATOM 634  O O   . TRP A 1 102 ? -6.593  10.313  -19.401 1.00 26.49 ? 102 TRP A O   1 
ATOM 635  C CB  . TRP A 1 102 ? -7.882  12.721  -21.197 1.00 26.26 ? 102 TRP A CB  1 
ATOM 636  C CG  . TRP A 1 102 ? -8.062  13.550  -22.430 1.00 26.87 ? 102 TRP A CG  1 
ATOM 637  C CD1 . TRP A 1 102 ? -7.536  13.313  -23.681 1.00 26.45 ? 102 TRP A CD1 1 
ATOM 638  C CD2 . TRP A 1 102 ? -8.768  14.788  -22.520 1.00 26.77 ? 102 TRP A CD2 1 
ATOM 639  N NE1 . TRP A 1 102 ? -7.900  14.316  -24.538 1.00 26.32 ? 102 TRP A NE1 1 
ATOM 640  C CE2 . TRP A 1 102 ? -8.650  15.237  -23.857 1.00 26.30 ? 102 TRP A CE2 1 
ATOM 641  C CE3 . TRP A 1 102 ? -9.509  15.551  -21.608 1.00 25.74 ? 102 TRP A CE3 1 
ATOM 642  C CZ2 . TRP A 1 102 ? -9.246  16.403  -24.301 1.00 25.89 ? 102 TRP A CZ2 1 
ATOM 643  C CZ3 . TRP A 1 102 ? -10.092 16.707  -22.049 1.00 25.95 ? 102 TRP A CZ3 1 
ATOM 644  C CH2 . TRP A 1 102 ? -9.963  17.124  -23.388 1.00 26.16 ? 102 TRP A CH2 1 
ATOM 645  N N   . ASN A 1 103 ? -5.134  11.885  -20.015 1.00 25.54 ? 103 ASN A N   1 
ATOM 646  C CA  . ASN A 1 103 ? -4.383  11.812  -18.792 1.00 25.19 ? 103 ASN A CA  1 
ATOM 647  C C   . ASN A 1 103 ? -4.999  12.795  -17.829 1.00 25.17 ? 103 ASN A C   1 
ATOM 648  O O   . ASN A 1 103 ? -5.122  13.969  -18.157 1.00 25.20 ? 103 ASN A O   1 
ATOM 649  C CB  . ASN A 1 103 ? -2.933  12.187  -19.063 1.00 25.26 ? 103 ASN A CB  1 
ATOM 650  C CG  . ASN A 1 103 ? -1.979  11.467  -18.160 1.00 25.10 ? 103 ASN A CG  1 
ATOM 651  O OD1 . ASN A 1 103 ? -2.364  11.028  -17.078 1.00 25.80 ? 103 ASN A OD1 1 
ATOM 652  N ND2 . ASN A 1 103 ? -0.726  11.326  -18.595 1.00 24.71 ? 103 ASN A ND2 1 
ATOM 653  N N   . MET A 1 104 ? -5.399  12.307  -16.654 1.00 25.27 ? 104 MET A N   1 
ATOM 654  C CA  . MET A 1 104 ? -6.018  13.122  -15.605 1.00 25.63 ? 104 MET A CA  1 
ATOM 655  C C   . MET A 1 104 ? -5.237  14.409  -15.333 1.00 25.54 ? 104 MET A C   1 
ATOM 656  O O   . MET A 1 104 ? -4.025  14.450  -15.529 1.00 25.94 ? 104 MET A O   1 
ATOM 657  C CB  . MET A 1 104 ? -6.080  12.311  -14.325 1.00 25.76 ? 104 MET A CB  1 
ATOM 658  C CG  . MET A 1 104 ? -7.337  12.535  -13.513 1.00 28.30 ? 104 MET A CG  1 
ATOM 659  S SD  . MET A 1 104 ? -8.783  11.582  -14.063 1.00 31.53 ? 104 MET A SD  1 
ATOM 660  C CE  . MET A 1 104 ? -8.045  9.941   -14.161 1.00 29.95 ? 104 MET A CE  1 
ATOM 661  N N   . SER A 1 105 ? -5.912  15.457  -14.866 1.00 25.26 ? 105 SER A N   1 
ATOM 662  C CA  . SER A 1 105 ? -5.283  16.784  -14.799 1.00 24.69 ? 105 SER A CA  1 
ATOM 663  C C   . SER A 1 105 ? -4.672  17.195  -13.455 1.00 24.31 ? 105 SER A C   1 
ATOM 664  O O   . SER A 1 105 ? -3.941  18.178  -13.408 1.00 24.43 ? 105 SER A O   1 
ATOM 665  C CB  . SER A 1 105 ? -6.253  17.862  -15.287 1.00 24.53 ? 105 SER A CB  1 
ATOM 666  O OG  . SER A 1 105 ? -7.397  17.906  -14.444 1.00 25.23 ? 105 SER A OG  1 
ATOM 667  N N   . GLY A 1 106 ? -4.958  16.464  -12.379 1.00 23.90 ? 106 GLY A N   1 
ATOM 668  C CA  . GLY A 1 106 ? -4.514  16.880  -11.043 1.00 23.87 ? 106 GLY A CA  1 
ATOM 669  C C   . GLY A 1 106 ? -3.422  16.044  -10.390 1.00 23.86 ? 106 GLY A C   1 
ATOM 670  O O   . GLY A 1 106 ? -3.038  15.005  -10.917 1.00 24.02 ? 106 GLY A O   1 
ATOM 671  N N   . THR A 1 107 ? -2.931  16.511  -9.239  1.00 23.71 ? 107 THR A N   1 
ATOM 672  C CA  . THR A 1 107 ? -1.795  15.928  -8.504  1.00 23.49 ? 107 THR A CA  1 
ATOM 673  C C   . THR A 1 107 ? -1.455  14.485  -8.872  1.00 23.30 ? 107 THR A C   1 
ATOM 674  O O   . THR A 1 107 ? -2.318  13.600  -8.876  1.00 23.06 ? 107 THR A O   1 
ATOM 675  C CB  . THR A 1 107 ? -1.994  16.048  -6.962  1.00 23.63 ? 107 THR A CB  1 
ATOM 676  O OG1 . THR A 1 107 ? -2.314  17.397  -6.624  1.00 24.05 ? 107 THR A OG1 1 
ATOM 677  C CG2 . THR A 1 107 ? -0.741  15.663  -6.200  1.00 23.80 ? 107 THR A CG2 1 
ATOM 678  N N   . TRP A 1 108 ? -0.176  14.271  -9.174  1.00 23.27 ? 108 TRP A N   1 
ATOM 679  C CA  . TRP A 1 108 ? 0.367   12.951  -9.519  1.00 22.99 ? 108 TRP A CA  1 
ATOM 680  C C   . TRP A 1 108 ? 0.647   12.069  -8.311  1.00 22.79 ? 108 TRP A C   1 
ATOM 681  O O   . TRP A 1 108 ? 0.758   12.549  -7.175  1.00 22.93 ? 108 TRP A O   1 
ATOM 682  C CB  . TRP A 1 108 ? 1.652   13.118  -10.331 1.00 22.96 ? 108 TRP A CB  1 
ATOM 683  C CG  . TRP A 1 108 ? 1.409   13.329  -11.804 1.00 22.94 ? 108 TRP A CG  1 
ATOM 684  C CD1 . TRP A 1 108 ? 0.265   13.801  -12.393 1.00 22.96 ? 108 TRP A CD1 1 
ATOM 685  C CD2 . TRP A 1 108 ? 2.337   13.097  -12.868 1.00 22.04 ? 108 TRP A CD2 1 
ATOM 686  N NE1 . TRP A 1 108 ? 0.422   13.858  -13.752 1.00 21.97 ? 108 TRP A NE1 1 
ATOM 687  C CE2 . TRP A 1 108 ? 1.686   13.438  -14.072 1.00 21.77 ? 108 TRP A CE2 1 
ATOM 688  C CE3 . TRP A 1 108 ? 3.653   12.623  -12.920 1.00 22.08 ? 108 TRP A CE3 1 
ATOM 689  C CZ2 . TRP A 1 108 ? 2.307   13.323  -15.320 1.00 21.89 ? 108 TRP A CZ2 1 
ATOM 690  C CZ3 . TRP A 1 108 ? 4.270   12.505  -14.155 1.00 22.76 ? 108 TRP A CZ3 1 
ATOM 691  C CH2 . TRP A 1 108 ? 3.596   12.858  -15.342 1.00 22.78 ? 108 TRP A CH2 1 
ATOM 692  N N   . VAL A 1 109 ? 0.767   10.772  -8.567  1.00 22.34 ? 109 VAL A N   1 
ATOM 693  C CA  . VAL A 1 109 ? 1.032   9.813   -7.517  1.00 21.96 ? 109 VAL A CA  1 
ATOM 694  C C   . VAL A 1 109 ? 2.486   9.953   -7.078  1.00 22.43 ? 109 VAL A C   1 
ATOM 695  O O   . VAL A 1 109 ? 3.403   10.005  -7.896  1.00 22.42 ? 109 VAL A O   1 
ATOM 696  C CB  . VAL A 1 109 ? 0.740   8.395   -7.997  1.00 21.70 ? 109 VAL A CB  1 
ATOM 697  C CG1 . VAL A 1 109 ? 1.216   7.395   -6.984  1.00 21.75 ? 109 VAL A CG1 1 
ATOM 698  C CG2 . VAL A 1 109 ? -0.741  8.216   -8.259  1.00 20.52 ? 109 VAL A CG2 1 
ATOM 699  N N   . ASP A 1 110 ? 2.687   10.040  -5.776  1.00 23.16 ? 110 ASP A N   1 
ATOM 700  C CA  . ASP A 1 110 ? 4.022   10.246  -5.234  1.00 24.45 ? 110 ASP A CA  1 
ATOM 701  C C   . ASP A 1 110 ? 4.929   9.063   -5.466  1.00 24.43 ? 110 ASP A C   1 
ATOM 702  O O   . ASP A 1 110 ? 4.452   7.933   -5.535  1.00 24.64 ? 110 ASP A O   1 
ATOM 703  C CB  . ASP A 1 110 ? 3.955   10.506  -3.732  1.00 25.09 ? 110 ASP A CB  1 
ATOM 704  C CG  . ASP A 1 110 ? 3.448   11.896  -3.406  1.00 27.15 ? 110 ASP A CG  1 
ATOM 705  O OD1 . ASP A 1 110 ? 2.670   12.462  -4.244  1.00 28.55 ? 110 ASP A OD1 1 
ATOM 706  O OD2 . ASP A 1 110 ? 3.832   12.410  -2.305  1.00 29.46 ? 110 ASP A OD2 1 
ATOM 707  N N   . ARG A 1 111 ? 6.235   9.338   -5.545  1.00 24.33 ? 111 ARG A N   1 
ATOM 708  C CA  . ARG A 1 111 ? 7.269   8.317   -5.708  1.00 23.99 ? 111 ARG A CA  1 
ATOM 709  C C   . ARG A 1 111 ? 7.013   7.060   -4.865  1.00 23.66 ? 111 ARG A C   1 
ATOM 710  O O   . ARG A 1 111 ? 7.025   5.954   -5.414  1.00 23.87 ? 111 ARG A O   1 
ATOM 711  C CB  . ARG A 1 111 ? 8.652   8.889   -5.400  1.00 23.99 ? 111 ARG A CB  1 
ATOM 712  C CG  . ARG A 1 111 ? 9.182   9.853   -6.439  1.00 25.39 ? 111 ARG A CG  1 
ATOM 713  C CD  . ARG A 1 111 ? 10.675  10.045  -6.273  1.00 28.23 ? 111 ARG A CD  1 
ATOM 714  N NE  . ARG A 1 111 ? 11.372  8.749   -6.200  1.00 30.62 ? 111 ARG A NE  1 
ATOM 715  C CZ  . ARG A 1 111 ? 12.000  8.157   -7.226  1.00 32.23 ? 111 ARG A CZ  1 
ATOM 716  N NH1 . ARG A 1 111 ? 12.039  8.745   -8.431  1.00 33.78 ? 111 ARG A NH1 1 
ATOM 717  N NH2 . ARG A 1 111 ? 12.599  6.973   -7.046  1.00 31.26 ? 111 ARG A NH2 1 
ATOM 718  N N   . PRO A 1 112 ? 6.759   7.217   -3.542  1.00 23.23 ? 112 PRO A N   1 
ATOM 719  C CA  . PRO A 1 112 ? 6.544   6.057   -2.656  1.00 22.80 ? 112 PRO A CA  1 
ATOM 720  C C   . PRO A 1 112 ? 5.400   5.123   -3.052  1.00 22.41 ? 112 PRO A C   1 
ATOM 721  O O   . PRO A 1 112 ? 5.373   3.969   -2.611  1.00 22.50 ? 112 PRO A O   1 
ATOM 722  C CB  . PRO A 1 112 ? 6.212   6.699   -1.308  1.00 22.90 ? 112 PRO A CB  1 
ATOM 723  C CG  . PRO A 1 112 ? 6.842   8.035   -1.378  1.00 23.68 ? 112 PRO A CG  1 
ATOM 724  C CD  . PRO A 1 112 ? 6.674   8.484   -2.789  1.00 23.27 ? 112 PRO A CD  1 
ATOM 725  N N   . PHE A 1 113 ? 4.467   5.604   -3.865  1.00 21.82 ? 113 PHE A N   1 
ATOM 726  C CA  . PHE A 1 113 ? 3.306   4.808   -4.216  1.00 21.38 ? 113 PHE A CA  1 
ATOM 727  C C   . PHE A 1 113 ? 3.243   4.486   -5.696  1.00 21.11 ? 113 PHE A C   1 
ATOM 728  O O   . PHE A 1 113 ? 2.244   3.971   -6.166  1.00 21.41 ? 113 PHE A O   1 
ATOM 729  C CB  . PHE A 1 113 ? 2.023   5.523   -3.786  1.00 21.55 ? 113 PHE A CB  1 
ATOM 730  C CG  . PHE A 1 113 ? 1.775   5.526   -2.280  1.00 22.37 ? 113 PHE A CG  1 
ATOM 731  C CD1 . PHE A 1 113 ? 0.787   4.718   -1.720  1.00 22.07 ? 113 PHE A CD1 1 
ATOM 732  C CD2 . PHE A 1 113 ? 2.513   6.365   -1.426  1.00 23.14 ? 113 PHE A CD2 1 
ATOM 733  C CE1 . PHE A 1 113 ? 0.547   4.737   -0.341  1.00 22.49 ? 113 PHE A CE1 1 
ATOM 734  C CE2 . PHE A 1 113 ? 2.281   6.377   -0.038  1.00 22.49 ? 113 PHE A CE2 1 
ATOM 735  C CZ  . PHE A 1 113 ? 1.300   5.567   0.501   1.00 21.98 ? 113 PHE A CZ  1 
ATOM 736  N N   . ARG A 1 114 ? 4.305   4.765   -6.440  1.00 20.91 ? 114 ARG A N   1 
ATOM 737  C CA  . ARG A 1 114 ? 4.240   4.605   -7.889  1.00 20.74 ? 114 ARG A CA  1 
ATOM 738  C C   . ARG A 1 114 ? 4.651   3.220   -8.271  1.00 21.11 ? 114 ARG A C   1 
ATOM 739  O O   . ARG A 1 114 ? 5.683   2.762   -7.810  1.00 21.39 ? 114 ARG A O   1 
ATOM 740  C CB  . ARG A 1 114 ? 5.117   5.625   -8.593  1.00 20.33 ? 114 ARG A CB  1 
ATOM 741  C CG  . ARG A 1 114 ? 4.721   7.027   -8.187  1.00 20.38 ? 114 ARG A CG  1 
ATOM 742  C CD  . ARG A 1 114 ? 5.096   8.078   -9.170  1.00 18.88 ? 114 ARG A CD  1 
ATOM 743  N NE  . ARG A 1 114 ? 6.528   8.231   -9.269  1.00 18.38 ? 114 ARG A NE  1 
ATOM 744  C CZ  . ARG A 1 114 ? 7.103   9.407   -9.428  1.00 18.78 ? 114 ARG A CZ  1 
ATOM 745  N NH1 . ARG A 1 114 ? 6.342   10.513  -9.473  1.00 18.28 ? 114 ARG A NH1 1 
ATOM 746  N NH2 . ARG A 1 114 ? 8.428   9.470   -9.526  1.00 19.59 ? 114 ARG A NH2 1 
ATOM 747  N N   . PRO A 1 115 ? 3.830   2.532   -9.097  1.00 21.54 ? 115 PRO A N   1 
ATOM 748  C CA  . PRO A 1 115 ? 4.115   1.176   -9.581  1.00 21.51 ? 115 PRO A CA  1 
ATOM 749  C C   . PRO A 1 115 ? 5.334   1.113   -10.480 1.00 21.59 ? 115 PRO A C   1 
ATOM 750  O O   . PRO A 1 115 ? 5.754   2.139   -11.043 1.00 21.54 ? 115 PRO A O   1 
ATOM 751  C CB  . PRO A 1 115 ? 2.872   0.828   -10.405 1.00 21.36 ? 115 PRO A CB  1 
ATOM 752  C CG  . PRO A 1 115 ? 2.308   2.129   -10.815 1.00 21.51 ? 115 PRO A CG  1 
ATOM 753  C CD  . PRO A 1 115 ? 2.538   3.015   -9.617  1.00 21.72 ? 115 PRO A CD  1 
ATOM 754  N N   . ALA A 1 116 ? 5.898   -0.085  -10.595 1.00 21.65 ? 116 ALA A N   1 
ATOM 755  C CA  . ALA A 1 116 ? 6.980   -0.319  -11.535 1.00 22.00 ? 116 ALA A CA  1 
ATOM 756  C C   . ALA A 1 116 ? 6.381   -0.423  -12.933 1.00 22.25 ? 116 ALA A C   1 
ATOM 757  O O   . ALA A 1 116 ? 6.807   0.288   -13.855 1.00 22.25 ? 116 ALA A O   1 
ATOM 758  C CB  . ALA A 1 116 ? 7.743   -1.571  -11.174 1.00 22.10 ? 116 ALA A CB  1 
ATOM 759  N N   . ALA A 1 117 ? 5.374   -1.289  -13.076 1.00 22.43 ? 117 ALA A N   1 
ATOM 760  C CA  . ALA A 1 117 ? 4.624   -1.413  -14.334 1.00 22.69 ? 117 ALA A CA  1 
ATOM 761  C C   . ALA A 1 117 ? 3.216   -0.857  -14.171 1.00 22.57 ? 117 ALA A C   1 
ATOM 762  O O   . ALA A 1 117 ? 2.686   -0.851  -13.068 1.00 22.55 ? 117 ALA A O   1 
ATOM 763  C CB  . ALA A 1 117 ? 4.576   -2.866  -14.795 1.00 22.96 ? 117 ALA A CB  1 
ATOM 764  N N   . VAL A 1 118 ? 2.625   -0.395  -15.271 1.00 22.53 ? 118 VAL A N   1 
ATOM 765  C CA  . VAL A 1 118 ? 1.309   0.254   -15.250 1.00 22.41 ? 118 VAL A CA  1 
ATOM 766  C C   . VAL A 1 118 ? 0.262   -0.641  -14.577 1.00 22.55 ? 118 VAL A C   1 
ATOM 767  O O   . VAL A 1 118 ? 0.308   -1.866  -14.721 1.00 22.63 ? 118 VAL A O   1 
ATOM 768  C CB  . VAL A 1 118 ? 0.877   0.696   -16.688 1.00 22.38 ? 118 VAL A CB  1 
ATOM 769  C CG1 . VAL A 1 118 ? 0.653   -0.506  -17.611 1.00 22.46 ? 118 VAL A CG1 1 
ATOM 770  C CG2 . VAL A 1 118 ? -0.338  1.604   -16.648 1.00 22.28 ? 118 VAL A CG2 1 
ATOM 771  N N   . GLN A 1 119 ? -0.652  -0.030  -13.817 1.00 22.59 ? 119 GLN A N   1 
ATOM 772  C CA  . GLN A 1 119 ? -1.767  -0.774  -13.198 1.00 22.58 ? 119 GLN A CA  1 
ATOM 773  C C   . GLN A 1 119 ? -3.146  -0.120  -13.320 1.00 22.17 ? 119 GLN A C   1 
ATOM 774  O O   . GLN A 1 119 ? -3.362  0.989   -12.811 1.00 22.34 ? 119 GLN A O   1 
ATOM 775  C CB  . GLN A 1 119 ? -1.477  -1.091  -11.735 1.00 22.59 ? 119 GLN A CB  1 
ATOM 776  C CG  . GLN A 1 119 ? -0.911  -2.477  -11.546 1.00 23.01 ? 119 GLN A CG  1 
ATOM 777  C CD  . GLN A 1 119 ? 0.569   -2.439  -11.382 1.00 24.01 ? 119 GLN A CD  1 
ATOM 778  O OE1 . GLN A 1 119 ? 1.123   -1.404  -11.020 1.00 25.52 ? 119 GLN A OE1 1 
ATOM 779  N NE2 . GLN A 1 119 ? 1.233   -3.564  -11.640 1.00 25.04 ? 119 GLN A NE2 1 
ATOM 780  N N   . SER A 1 120 ? -4.076  -0.825  -13.982 1.00 21.49 ? 120 SER A N   1 
ATOM 781  C CA  . SER A 1 120 ? -5.426  -0.306  -14.162 1.00 20.86 ? 120 SER A CA  1 
ATOM 782  C C   . SER A 1 120 ? -6.263  -0.774  -13.012 1.00 20.54 ? 120 SER A C   1 
ATOM 783  O O   . SER A 1 120 ? -6.277  -1.955  -12.693 1.00 20.90 ? 120 SER A O   1 
ATOM 784  C CB  . SER A 1 120 ? -6.035  -0.732  -15.505 1.00 20.83 ? 120 SER A CB  1 
ATOM 785  O OG  . SER A 1 120 ? -5.622  -2.029  -15.916 1.00 20.50 ? 120 SER A OG  1 
ATOM 786  N N   . LEU A 1 121 ? -6.930  0.153   -12.356 1.00 20.25 ? 121 LEU A N   1 
ATOM 787  C CA  . LEU A 1 121 ? -7.817  -0.223  -11.267 1.00 20.37 ? 121 LEU A CA  1 
ATOM 788  C C   . LEU A 1 121 ? -9.200  0.153   -11.723 1.00 20.51 ? 121 LEU A C   1 
ATOM 789  O O   . LEU A 1 121 ? -9.371  1.156   -12.439 1.00 20.94 ? 121 LEU A O   1 
ATOM 790  C CB  . LEU A 1 121 ? -7.485  0.534   -9.989  1.00 20.24 ? 121 LEU A CB  1 
ATOM 791  C CG  . LEU A 1 121 ? -6.030  0.966   -9.843  1.00 20.18 ? 121 LEU A CG  1 
ATOM 792  C CD1 . LEU A 1 121 ? -5.963  2.193   -8.975  1.00 19.86 ? 121 LEU A CD1 1 
ATOM 793  C CD2 . LEU A 1 121 ? -5.163  -0.158  -9.288  1.00 20.41 ? 121 LEU A CD2 1 
ATOM 794  N N   . VAL A 1 122 ? -10.192 -0.628  -11.306 1.00 19.98 ? 122 VAL A N   1 
ATOM 795  C CA  . VAL A 1 122 ? -11.527 -0.453  -11.844 1.00 19.20 ? 122 VAL A CA  1 
ATOM 796  C C   . VAL A 1 122 ? -12.465 0.186   -10.851 1.00 18.86 ? 122 VAL A C   1 
ATOM 797  O O   . VAL A 1 122 ? -12.734 -0.373  -9.800  1.00 18.97 ? 122 VAL A O   1 
ATOM 798  C CB  . VAL A 1 122 ? -12.108 -1.777  -12.272 1.00 19.16 ? 122 VAL A CB  1 
ATOM 799  C CG1 . VAL A 1 122 ? -13.404 -1.538  -12.994 1.00 19.50 ? 122 VAL A CG1 1 
ATOM 800  C CG2 . VAL A 1 122 ? -11.115 -2.531  -13.156 1.00 19.13 ? 122 VAL A CG2 1 
ATOM 801  N N   . GLY A 1 123 ? -12.959 1.366   -11.190 1.00 18.60 ? 123 GLY A N   1 
ATOM 802  C CA  . GLY A 1 123 ? -13.930 2.052   -10.343 1.00 18.39 ? 123 GLY A CA  1 
ATOM 803  C C   . GLY A 1 123 ? -15.340 1.853   -10.866 1.00 18.10 ? 123 GLY A C   1 
ATOM 804  O O   . GLY A 1 123 ? -15.547 1.214   -11.899 1.00 17.85 ? 123 GLY A O   1 
ATOM 805  N N   . HIS A 1 124 ? -16.314 2.400   -10.150 1.00 17.78 ? 124 HIS A N   1 
ATOM 806  C CA  . HIS A 1 124 ? -17.704 2.295   -10.558 1.00 17.64 ? 124 HIS A CA  1 
ATOM 807  C C   . HIS A 1 124 ? -18.400 3.608   -10.270 1.00 17.64 ? 124 HIS A C   1 
ATOM 808  O O   . HIS A 1 124 ? -18.011 4.315   -9.340  1.00 17.83 ? 124 HIS A O   1 
ATOM 809  C CB  . HIS A 1 124 ? -18.381 1.149   -9.819  1.00 17.55 ? 124 HIS A CB  1 
ATOM 810  C CG  . HIS A 1 124 ? -19.844 1.034   -10.092 1.00 17.92 ? 124 HIS A CG  1 
ATOM 811  N ND1 . HIS A 1 124 ? -20.799 1.225   -9.116  1.00 18.14 ? 124 HIS A ND1 1 
ATOM 812  C CD2 . HIS A 1 124 ? -20.520 0.759   -11.233 1.00 18.83 ? 124 HIS A CD2 1 
ATOM 813  C CE1 . HIS A 1 124 ? -22.001 1.065   -9.638  1.00 18.00 ? 124 HIS A CE1 1 
ATOM 814  N NE2 . HIS A 1 124 ? -21.860 0.785   -10.924 1.00 18.99 ? 124 HIS A NE2 1 
ATOM 815  N N   . PHE A 1 125 ? -19.403 3.948   -11.077 1.00 17.51 ? 125 PHE A N   1 
ATOM 816  C CA  . PHE A 1 125 ? -20.131 5.199   -10.896 1.00 17.88 ? 125 PHE A CA  1 
ATOM 817  C C   . PHE A 1 125 ? -21.297 5.005   -9.937  1.00 18.16 ? 125 PHE A C   1 
ATOM 818  O O   . PHE A 1 125 ? -22.130 4.106   -10.142 1.00 18.36 ? 125 PHE A O   1 
ATOM 819  C CB  . PHE A 1 125 ? -20.644 5.740   -12.229 1.00 17.87 ? 125 PHE A CB  1 
ATOM 820  C CG  . PHE A 1 125 ? -19.558 6.183   -13.173 1.00 17.96 ? 125 PHE A CG  1 
ATOM 821  C CD1 . PHE A 1 125 ? -18.702 7.236   -12.840 1.00 18.22 ? 125 PHE A CD1 1 
ATOM 822  C CD2 . PHE A 1 125 ? -19.404 5.562   -14.410 1.00 17.84 ? 125 PHE A CD2 1 
ATOM 823  C CE1 . PHE A 1 125 ? -17.710 7.663   -13.720 1.00 17.81 ? 125 PHE A CE1 1 
ATOM 824  C CE2 . PHE A 1 125 ? -18.411 5.975   -15.300 1.00 17.73 ? 125 PHE A CE2 1 
ATOM 825  C CZ  . PHE A 1 125 ? -17.568 7.030   -14.952 1.00 18.42 ? 125 PHE A CZ  1 
ATOM 826  N N   . ALA A 1 126 ? -21.356 5.854   -8.903  1.00 18.10 ? 126 ALA A N   1 
ATOM 827  C CA  . ALA A 1 126 ? -22.312 5.696   -7.805  1.00 17.93 ? 126 ALA A CA  1 
ATOM 828  C C   . ALA A 1 126 ? -23.734 5.898   -8.287  1.00 18.33 ? 126 ALA A C   1 
ATOM 829  O O   . ALA A 1 126 ? -24.038 6.914   -8.911  1.00 18.61 ? 126 ALA A O   1 
ATOM 830  C CB  . ALA A 1 126 ? -21.989 6.645   -6.677  1.00 17.51 ? 126 ALA A CB  1 
ATOM 831  N N   . GLY A 1 127 ? -24.590 4.916   -8.015  1.00 18.74 ? 127 GLY A N   1 
ATOM 832  C CA  . GLY A 1 127 ? -25.990 4.950   -8.427  1.00 19.49 ? 127 GLY A CA  1 
ATOM 833  C C   . GLY A 1 127 ? -26.159 4.793   -9.927  1.00 20.14 ? 127 GLY A C   1 
ATOM 834  O O   . GLY A 1 127 ? -27.021 5.437   -10.536 1.00 20.68 ? 127 GLY A O   1 
ATOM 835  N N   . ARG A 1 128 ? -25.319 3.951   -10.530 1.00 20.47 ? 128 ARG A N   1 
ATOM 836  C CA  . ARG A 1 128 ? -25.420 3.675   -11.961 1.00 20.93 ? 128 ARG A CA  1 
ATOM 837  C C   . ARG A 1 128 ? -24.803 2.321   -12.298 1.00 20.81 ? 128 ARG A C   1 
ATOM 838  O O   . ARG A 1 128 ? -24.166 1.682   -11.458 1.00 20.36 ? 128 ARG A O   1 
ATOM 839  C CB  . ARG A 1 128 ? -24.750 4.778   -12.789 1.00 21.19 ? 128 ARG A CB  1 
ATOM 840  C CG  . ARG A 1 128 ? -25.669 5.903   -13.257 1.00 22.56 ? 128 ARG A CG  1 
ATOM 841  C CD  . ARG A 1 128 ? -24.872 6.924   -14.101 1.00 25.84 ? 128 ARG A CD  1 
ATOM 842  N NE  . ARG A 1 128 ? -25.465 8.270   -14.074 1.00 29.01 ? 128 ARG A NE  1 
ATOM 843  C CZ  . ARG A 1 128 ? -25.330 9.149   -13.074 1.00 30.83 ? 128 ARG A CZ  1 
ATOM 844  N NH1 . ARG A 1 128 ? -24.616 8.839   -11.990 1.00 31.85 ? 128 ARG A NH1 1 
ATOM 845  N NH2 . ARG A 1 128 ? -25.914 10.346  -13.149 1.00 31.61 ? 128 ARG A NH2 1 
ATOM 846  N N   . ASP A 1 129 ? -25.014 1.888   -13.533 1.00 20.90 ? 129 ASP A N   1 
ATOM 847  C CA  . ASP A 1 129 ? -24.458 0.638   -14.013 1.00 20.96 ? 129 ASP A CA  1 
ATOM 848  C C   . ASP A 1 129 ? -23.175 0.902   -14.754 1.00 20.51 ? 129 ASP A C   1 
ATOM 849  O O   . ASP A 1 129 ? -22.323 0.024   -14.881 1.00 20.47 ? 129 ASP A O   1 
ATOM 850  C CB  . ASP A 1 129 ? -25.449 -0.059  -14.934 1.00 21.35 ? 129 ASP A CB  1 
ATOM 851  C CG  . ASP A 1 129 ? -26.524 -0.819  -14.164 1.00 23.66 ? 129 ASP A CG  1 
ATOM 852  O OD1 . ASP A 1 129 ? -26.378 -0.963  -12.909 1.00 26.01 ? 129 ASP A OD1 1 
ATOM 853  O OD2 . ASP A 1 129 ? -27.507 -1.279  -14.818 1.00 25.56 ? 129 ASP A OD2 1 
ATOM 854  N N   . THR A 1 130 ? -23.041 2.128   -15.238 1.00 20.01 ? 130 THR A N   1 
ATOM 855  C CA  . THR A 1 130 ? -21.850 2.532   -15.937 1.00 19.75 ? 130 THR A CA  1 
ATOM 856  C C   . THR A 1 130 ? -20.615 2.382   -15.056 1.00 19.62 ? 130 THR A C   1 
ATOM 857  O O   . THR A 1 130 ? -20.657 2.557   -13.843 1.00 19.25 ? 130 THR A O   1 
ATOM 858  C CB  . THR A 1 130 ? -21.974 3.965   -16.482 1.00 19.79 ? 130 THR A CB  1 
ATOM 859  O OG1 . THR A 1 130 ? -22.548 4.819   -15.486 1.00 19.85 ? 130 THR A OG1 1 
ATOM 860  C CG2 . THR A 1 130 ? -22.866 3.979   -17.681 1.00 20.08 ? 130 THR A CG2 1 
ATOM 861  N N   . SER A 1 131 ? -19.512 2.046   -15.700 1.00 19.81 ? 131 SER A N   1 
ATOM 862  C CA  . SER A 1 131 ? -18.268 1.785   -15.026 1.00 19.94 ? 131 SER A CA  1 
ATOM 863  C C   . SER A 1 131 ? -17.087 2.534   -15.688 1.00 20.34 ? 131 SER A C   1 
ATOM 864  O O   . SER A 1 131 ? -17.239 3.144   -16.758 1.00 20.25 ? 131 SER A O   1 
ATOM 865  C CB  . SER A 1 131 ? -18.043 0.282   -15.035 1.00 19.76 ? 131 SER A CB  1 
ATOM 866  O OG  . SER A 1 131 ? -16.835 -0.028  -14.394 1.00 19.82 ? 131 SER A OG  1 
ATOM 867  N N   . PHE A 1 132 ? -15.918 2.493   -15.035 1.00 20.85 ? 132 PHE A N   1 
ATOM 868  C CA  . PHE A 1 132 ? -14.675 3.106   -15.557 1.00 21.11 ? 132 PHE A CA  1 
ATOM 869  C C   . PHE A 1 132 ? -13.416 2.462   -14.967 1.00 21.47 ? 132 PHE A C   1 
ATOM 870  O O   . PHE A 1 132 ? -13.472 1.788   -13.932 1.00 21.79 ? 132 PHE A O   1 
ATOM 871  C CB  . PHE A 1 132 ? -14.628 4.595   -15.229 1.00 20.76 ? 132 PHE A CB  1 
ATOM 872  C CG  . PHE A 1 132 ? -14.337 4.869   -13.790 1.00 19.81 ? 132 PHE A CG  1 
ATOM 873  C CD1 . PHE A 1 132 ? -13.041 5.095   -13.367 1.00 19.02 ? 132 PHE A CD1 1 
ATOM 874  C CD2 . PHE A 1 132 ? -15.349 4.865   -12.857 1.00 19.52 ? 132 PHE A CD2 1 
ATOM 875  C CE1 . PHE A 1 132 ? -12.766 5.333   -12.047 1.00 18.10 ? 132 PHE A CE1 1 
ATOM 876  C CE2 . PHE A 1 132 ? -15.075 5.101   -11.534 1.00 20.06 ? 132 PHE A CE2 1 
ATOM 877  C CZ  . PHE A 1 132 ? -13.777 5.338   -11.129 1.00 19.05 ? 132 PHE A CZ  1 
ATOM 878  N N   . HIS A 1 133 ? -12.275 2.712   -15.598 1.00 21.60 ? 133 HIS A N   1 
ATOM 879  C CA  . HIS A 1 133 ? -11.008 2.357   -14.987 1.00 21.82 ? 133 HIS A CA  1 
ATOM 880  C C   . HIS A 1 133 ? -9.985  3.462   -15.201 1.00 21.50 ? 133 HIS A C   1 
ATOM 881  O O   . HIS A 1 133 ? -10.135 4.289   -16.093 1.00 21.79 ? 133 HIS A O   1 
ATOM 882  C CB  . HIS A 1 133 ? -10.519 0.991   -15.494 1.00 22.24 ? 133 HIS A CB  1 
ATOM 883  C CG  . HIS A 1 133 ? -9.769  1.036   -16.795 1.00 23.87 ? 133 HIS A CG  1 
ATOM 884  N ND1 . HIS A 1 133 ? -8.419  1.318   -16.868 1.00 25.75 ? 133 HIS A ND1 1 
ATOM 885  C CD2 . HIS A 1 133 ? -10.169 0.792   -18.068 1.00 25.10 ? 133 HIS A CD2 1 
ATOM 886  C CE1 . HIS A 1 133 ? -8.022  1.263   -18.128 1.00 25.78 ? 133 HIS A CE1 1 
ATOM 887  N NE2 . HIS A 1 133 ? -9.065  0.944   -18.876 1.00 26.14 ? 133 HIS A NE2 1 
ATOM 888  N N   . ILE A 1 134 ? -8.955  3.497   -14.372 1.00 21.19 ? 134 ILE A N   1 
ATOM 889  C CA  . ILE A 1 134 ? -7.880  4.456   -14.579 1.00 21.04 ? 134 ILE A CA  1 
ATOM 890  C C   . ILE A 1 134 ? -6.544  3.765   -14.533 1.00 21.18 ? 134 ILE A C   1 
ATOM 891  O O   . ILE A 1 134 ? -6.387  2.763   -13.836 1.00 21.41 ? 134 ILE A O   1 
ATOM 892  C CB  . ILE A 1 134 ? -7.898  5.604   -13.538 1.00 21.00 ? 134 ILE A CB  1 
ATOM 893  C CG1 . ILE A 1 134 ? -7.994  5.064   -12.113 1.00 20.43 ? 134 ILE A CG1 1 
ATOM 894  C CG2 . ILE A 1 134 ? -9.049  6.527   -13.785 1.00 20.88 ? 134 ILE A CG2 1 
ATOM 895  C CD1 . ILE A 1 134 ? -6.683  4.974   -11.429 1.00 21.22 ? 134 ILE A CD1 1 
ATOM 896  N N   . ASP A 1 135 ? -5.584  4.304   -15.271 1.00 21.28 ? 135 ASP A N   1 
ATOM 897  C CA  . ASP A 1 135 ? -4.232  3.771   -15.265 1.00 21.70 ? 135 ASP A CA  1 
ATOM 898  C C   . ASP A 1 135 ? -3.277  4.610   -14.438 1.00 22.02 ? 135 ASP A C   1 
ATOM 899  O O   . ASP A 1 135 ? -2.962  5.761   -14.808 1.00 22.11 ? 135 ASP A O   1 
ATOM 900  C CB  . ASP A 1 135 ? -3.687  3.654   -16.686 1.00 21.63 ? 135 ASP A CB  1 
ATOM 901  C CG  . ASP A 1 135 ? -4.196  2.432   -17.398 1.00 22.38 ? 135 ASP A CG  1 
ATOM 902  O OD1 . ASP A 1 135 ? -4.039  1.324   -16.854 1.00 23.49 ? 135 ASP A OD1 1 
ATOM 903  O OD2 . ASP A 1 135 ? -4.751  2.561   -18.507 1.00 24.13 ? 135 ASP A OD2 1 
ATOM 904  N N   . ILE A 1 136 ? -2.833  4.040   -13.314 1.00 22.05 ? 136 ILE A N   1 
ATOM 905  C CA  . ILE A 1 136 ? -1.618  4.518   -12.644 1.00 22.00 ? 136 ILE A CA  1 
ATOM 906  C C   . ILE A 1 136 ? -0.435  3.911   -13.387 1.00 21.92 ? 136 ILE A C   1 
ATOM 907  O O   . ILE A 1 136 ? -0.381  2.690   -13.598 1.00 22.19 ? 136 ILE A O   1 
ATOM 908  C CB  . ILE A 1 136 ? -1.514  4.105   -11.159 1.00 21.86 ? 136 ILE A CB  1 
ATOM 909  C CG1 . ILE A 1 136 ? -2.784  4.458   -10.387 1.00 21.83 ? 136 ILE A CG1 1 
ATOM 910  C CG2 . ILE A 1 136 ? -0.311  4.770   -10.518 1.00 21.87 ? 136 ILE A CG2 1 
ATOM 911  C CD1 . ILE A 1 136 ? -2.690  4.165   -8.895  1.00 21.84 ? 136 ILE A CD1 1 
ATOM 912  N N   . ASN A 1 137 ? 0.497   4.769   -13.799 1.00 21.54 ? 137 ASN A N   1 
ATOM 913  C CA  . ASN A 1 137 ? 1.668   4.310   -14.524 1.00 21.42 ? 137 ASN A CA  1 
ATOM 914  C C   . ASN A 1 137 ? 2.925   4.729   -13.772 1.00 21.49 ? 137 ASN A C   1 
ATOM 915  O O   . ASN A 1 137 ? 2.847   5.606   -12.902 1.00 21.31 ? 137 ASN A O   1 
ATOM 916  C CB  . ASN A 1 137 ? 1.651   4.767   -15.999 1.00 21.19 ? 137 ASN A CB  1 
ATOM 917  C CG  . ASN A 1 137 ? 0.744   5.965   -16.245 1.00 21.11 ? 137 ASN A CG  1 
ATOM 918  O OD1 . ASN A 1 137 ? -0.160  5.912   -17.080 1.00 21.13 ? 137 ASN A OD1 1 
ATOM 919  N ND2 . ASN A 1 137 ? 0.990   7.050   -15.529 1.00 20.86 ? 137 ASN A ND2 1 
ATOM 920  N N   . PRO A 1 138 ? 4.083   4.102   -14.094 1.00 21.63 ? 138 PRO A N   1 
ATOM 921  C CA  . PRO A 1 138 ? 5.283   4.213   -13.255 1.00 21.36 ? 138 PRO A CA  1 
ATOM 922  C C   . PRO A 1 138 ? 5.682   5.656   -12.924 1.00 20.99 ? 138 PRO A C   1 
ATOM 923  O O   . PRO A 1 138 ? 5.980   5.957   -11.771 1.00 21.12 ? 138 PRO A O   1 
ATOM 924  C CB  . PRO A 1 138 ? 6.366   3.507   -14.088 1.00 21.38 ? 138 PRO A CB  1 
ATOM 925  C CG  . PRO A 1 138 ? 5.809   3.447   -15.497 1.00 21.56 ? 138 PRO A CG  1 
ATOM 926  C CD  . PRO A 1 138 ? 4.347   3.274   -15.290 1.00 21.73 ? 138 PRO A CD  1 
ATOM 927  N N   . ASN A 1 139 ? 5.667   6.539   -13.914 1.00 20.36 ? 139 ASN A N   1 
ATOM 928  C CA  . ASN A 1 139 ? 5.989   7.933   -13.673 1.00 20.09 ? 139 ASN A CA  1 
ATOM 929  C C   . ASN A 1 139 ? 5.044   8.618   -12.681 1.00 19.58 ? 139 ASN A C   1 
ATOM 930  O O   . ASN A 1 139 ? 5.410   9.620   -12.069 1.00 19.87 ? 139 ASN A O   1 
ATOM 931  C CB  . ASN A 1 139 ? 6.005   8.695   -14.990 1.00 20.36 ? 139 ASN A CB  1 
ATOM 932  C CG  . ASN A 1 139 ? 4.662   8.703   -15.656 1.00 21.36 ? 139 ASN A CG  1 
ATOM 933  O OD1 . ASN A 1 139 ? 3.811   7.862   -15.362 1.00 23.68 ? 139 ASN A OD1 1 
ATOM 934  N ND2 . ASN A 1 139 ? 4.447   9.662   -16.549 1.00 22.36 ? 139 ASN A ND2 1 
ATOM 935  N N   . GLY A 1 140 ? 3.835   8.089   -12.534 1.00 18.76 ? 140 GLY A N   1 
ATOM 936  C CA  . GLY A 1 140 ? 2.919   8.583   -11.523 1.00 18.37 ? 140 GLY A CA  1 
ATOM 937  C C   . GLY A 1 140 ? 1.754   9.394   -12.031 1.00 18.32 ? 140 GLY A C   1 
ATOM 938  O O   . GLY A 1 140 ? 0.973   9.933   -11.248 1.00 17.96 ? 140 GLY A O   1 
ATOM 939  N N   . SER A 1 141 ? 1.650   9.493   -13.346 1.00 18.60 ? 141 SER A N   1 
ATOM 940  C CA  . SER A 1 141 ? 0.506   10.126  -13.973 1.00 19.28 ? 141 SER A CA  1 
ATOM 941  C C   . SER A 1 141 ? -0.667  9.177   -13.938 1.00 19.87 ? 141 SER A C   1 
ATOM 942  O O   . SER A 1 141 ? -0.485  7.969   -13.808 1.00 19.98 ? 141 SER A O   1 
ATOM 943  C CB  . SER A 1 141 ? 0.832   10.455  -15.419 1.00 19.46 ? 141 SER A CB  1 
ATOM 944  O OG  . SER A 1 141 ? 1.558   9.406   -16.025 1.00 19.06 ? 141 SER A OG  1 
ATOM 945  N N   . ILE A 1 142 ? -1.878  9.702   -14.065 1.00 20.54 ? 142 ILE A N   1 
ATOM 946  C CA  . ILE A 1 142 ? -3.034  8.818   -14.046 1.00 21.52 ? 142 ILE A CA  1 
ATOM 947  C C   . ILE A 1 142 ? -3.865  9.028   -15.292 1.00 22.18 ? 142 ILE A C   1 
ATOM 948  O O   . ILE A 1 142 ? -4.645  9.991   -15.353 1.00 23.10 ? 142 ILE A O   1 
ATOM 949  C CB  . ILE A 1 142 ? -3.928  9.067   -12.816 1.00 21.49 ? 142 ILE A CB  1 
ATOM 950  C CG1 . ILE A 1 142 ? -3.146  8.845   -11.526 1.00 21.93 ? 142 ILE A CG1 1 
ATOM 951  C CG2 . ILE A 1 142 ? -5.129  8.144   -12.837 1.00 22.00 ? 142 ILE A CG2 1 
ATOM 952  C CD1 . ILE A 1 142 ? -3.803  9.424   -10.306 1.00 21.92 ? 142 ILE A CD1 1 
ATOM 953  N N   . THR A 1 143 ? -3.717  8.157   -16.293 1.00 22.27 ? 143 THR A N   1 
ATOM 954  C CA  . THR A 1 143 ? -4.542  8.320   -17.495 1.00 22.33 ? 143 THR A CA  1 
ATOM 955  C C   . THR A 1 143 ? -5.920  7.721   -17.231 1.00 22.10 ? 143 THR A C   1 
ATOM 956  O O   . THR A 1 143 ? -6.054  6.740   -16.502 1.00 22.06 ? 143 THR A O   1 
ATOM 957  C CB  . THR A 1 143 ? -3.892  7.765   -18.795 1.00 22.41 ? 143 THR A CB  1 
ATOM 958  O OG1 . THR A 1 143 ? -3.886  6.336   -18.765 1.00 23.88 ? 143 THR A OG1 1 
ATOM 959  C CG2 . THR A 1 143 ? -2.437  8.264   -18.957 1.00 22.39 ? 143 THR A CG2 1 
ATOM 960  N N   . TRP A 1 144 ? -6.938  8.365   -17.780 1.00 22.25 ? 144 TRP A N   1 
ATOM 961  C CA  . TRP A 1 144 ? -8.333  7.958   -17.610 1.00 22.54 ? 144 TRP A CA  1 
ATOM 962  C C   . TRP A 1 144 ? -8.718  7.055   -18.765 1.00 22.84 ? 144 TRP A C   1 
ATOM 963  O O   . TRP A 1 144 ? -8.356  7.339   -19.909 1.00 23.16 ? 144 TRP A O   1 
ATOM 964  C CB  . TRP A 1 144 ? -9.226  9.205   -17.615 1.00 22.43 ? 144 TRP A CB  1 
ATOM 965  C CG  . TRP A 1 144 ? -10.701 8.933   -17.651 1.00 21.76 ? 144 TRP A CG  1 
ATOM 966  C CD1 . TRP A 1 144 ? -11.488 8.831   -18.760 1.00 22.24 ? 144 TRP A CD1 1 
ATOM 967  C CD2 . TRP A 1 144 ? -11.566 8.751   -16.532 1.00 20.66 ? 144 TRP A CD2 1 
ATOM 968  N NE1 . TRP A 1 144 ? -12.789 8.591   -18.401 1.00 21.55 ? 144 TRP A NE1 1 
ATOM 969  C CE2 . TRP A 1 144 ? -12.860 8.536   -17.034 1.00 21.01 ? 144 TRP A CE2 1 
ATOM 970  C CE3 . TRP A 1 144 ? -11.375 8.756   -15.153 1.00 20.09 ? 144 TRP A CE3 1 
ATOM 971  C CZ2 . TRP A 1 144 ? -13.954 8.322   -16.200 1.00 21.09 ? 144 TRP A CZ2 1 
ATOM 972  C CZ3 . TRP A 1 144 ? -12.463 8.543   -14.331 1.00 20.15 ? 144 TRP A CZ3 1 
ATOM 973  C CH2 . TRP A 1 144 ? -13.735 8.328   -14.854 1.00 19.99 ? 144 TRP A CH2 1 
ATOM 974  N N   . TRP A 1 145 ? -9.442  5.973   -18.488 1.00 23.08 ? 145 TRP A N   1 
ATOM 975  C CA  . TRP A 1 145 ? -9.894  5.090   -19.569 1.00 23.57 ? 145 TRP A CA  1 
ATOM 976  C C   . TRP A 1 145 ? -11.349 4.640   -19.420 1.00 24.23 ? 145 TRP A C   1 
ATOM 977  O O   . TRP A 1 145 ? -11.692 3.463   -19.594 1.00 24.18 ? 145 TRP A O   1 
ATOM 978  C CB  . TRP A 1 145 ? -8.931  3.915   -19.786 1.00 23.27 ? 145 TRP A CB  1 
ATOM 979  C CG  . TRP A 1 145 ? -7.635  4.338   -20.372 1.00 22.82 ? 145 TRP A CG  1 
ATOM 980  C CD1 . TRP A 1 145 ? -6.534  4.729   -19.689 1.00 23.32 ? 145 TRP A CD1 1 
ATOM 981  C CD2 . TRP A 1 145 ? -7.310  4.464   -21.761 1.00 22.43 ? 145 TRP A CD2 1 
ATOM 982  N NE1 . TRP A 1 145 ? -5.528  5.082   -20.554 1.00 23.40 ? 145 TRP A NE1 1 
ATOM 983  C CE2 . TRP A 1 145 ? -5.977  4.926   -21.837 1.00 23.06 ? 145 TRP A CE2 1 
ATOM 984  C CE3 . TRP A 1 145 ? -8.009  4.230   -22.946 1.00 21.63 ? 145 TRP A CE3 1 
ATOM 985  C CZ2 . TRP A 1 145 ? -5.323  5.151   -23.056 1.00 22.53 ? 145 TRP A CZ2 1 
ATOM 986  C CZ3 . TRP A 1 145 ? -7.356  4.450   -24.156 1.00 22.16 ? 145 TRP A CZ3 1 
ATOM 987  C CH2 . TRP A 1 145 ? -6.025  4.903   -24.200 1.00 22.13 ? 145 TRP A CH2 1 
ATOM 988  N N   . GLY A 1 146 ? -12.196 5.609   -19.088 1.00 25.01 ? 146 GLY A N   1 
ATOM 989  C CA  . GLY A 1 146 ? -13.640 5.448   -19.173 1.00 25.94 ? 146 GLY A CA  1 
ATOM 990  C C   . GLY A 1 146 ? -14.123 6.263   -20.359 1.00 26.51 ? 146 GLY A C   1 
ATOM 991  O O   . GLY A 1 146 ? -13.315 6.863   -21.074 1.00 26.18 ? 146 GLY A O   1 
ATOM 992  N N   . ALA A 1 147 ? -15.441 6.287   -20.555 1.00 27.38 ? 147 ALA A N   1 
ATOM 993  C CA  . ALA A 1 147 ? -16.058 7.090   -21.618 1.00 28.28 ? 147 ALA A CA  1 
ATOM 994  C C   . ALA A 1 147 ? -15.962 8.611   -21.372 1.00 28.80 ? 147 ALA A C   1 
ATOM 995  O O   . ALA A 1 147 ? -15.702 9.071   -20.242 1.00 29.00 ? 147 ALA A O   1 
ATOM 996  C CB  . ALA A 1 147 ? -17.505 6.673   -21.826 1.00 28.33 ? 147 ALA A CB  1 
ATOM 997  N N   . ASN A 1 148 ? -16.169 9.382   -22.440 1.00 29.00 ? 148 ASN A N   1 
ATOM 998  C CA  . ASN A 1 148 ? -15.976 10.829  -22.385 1.00 29.31 ? 148 ASN A CA  1 
ATOM 999  C C   . ASN A 1 148 ? -16.984 11.474  -21.434 1.00 29.57 ? 148 ASN A C   1 
ATOM 1000 O O   . ASN A 1 148 ? -18.187 11.420  -21.678 1.00 29.70 ? 148 ASN A O   1 
ATOM 1001 C CB  . ASN A 1 148 ? -16.038 11.451  -23.794 1.00 29.16 ? 148 ASN A CB  1 
ATOM 1002 C CG  . ASN A 1 148 ? -15.144 10.738  -24.787 1.00 28.12 ? 148 ASN A CG  1 
ATOM 1003 O OD1 . ASN A 1 148 ? -14.096 11.245  -25.160 1.00 27.00 ? 148 ASN A OD1 1 
ATOM 1004 N ND2 . ASN A 1 148 ? -15.548 9.547   -25.201 1.00 27.83 ? 148 ASN A ND2 1 
ATOM 1005 N N   . ILE A 1 149 ? -16.490 12.057  -20.343 1.00 29.91 ? 149 ILE A N   1 
ATOM 1006 C CA  . ILE A 1 149 ? -17.367 12.655  -19.336 1.00 30.30 ? 149 ILE A CA  1 
ATOM 1007 C C   . ILE A 1 149 ? -17.566 14.153  -19.543 1.00 30.76 ? 149 ILE A C   1 
ATOM 1008 O O   . ILE A 1 149 ? -16.610 14.923  -19.699 1.00 30.47 ? 149 ILE A O   1 
ATOM 1009 C CB  . ILE A 1 149 ? -16.897 12.374  -17.882 1.00 30.37 ? 149 ILE A CB  1 
ATOM 1010 C CG1 . ILE A 1 149 ? -16.913 10.864  -17.565 1.00 30.27 ? 149 ILE A CG1 1 
ATOM 1011 C CG2 . ILE A 1 149 ? -17.694 13.207  -16.861 1.00 29.96 ? 149 ILE A CG2 1 
ATOM 1012 C CD1 . ILE A 1 149 ? -18.287 10.176  -17.673 1.00 31.65 ? 149 ILE A CD1 1 
ATOM 1013 N N   . ASP A 1 150 ? -18.844 14.529  -19.523 1.00 31.46 ? 150 ASP A N   1 
ATOM 1014 C CA  . ASP A 1 150 ? -19.307 15.893  -19.723 1.00 31.91 ? 150 ASP A CA  1 
ATOM 1015 C C   . ASP A 1 150 ? -19.097 16.749  -18.475 1.00 31.48 ? 150 ASP A C   1 
ATOM 1016 O O   . ASP A 1 150 ? -18.792 16.224  -17.400 1.00 31.81 ? 150 ASP A O   1 
ATOM 1017 C CB  . ASP A 1 150 ? -20.794 15.839  -20.067 1.00 32.43 ? 150 ASP A CB  1 
ATOM 1018 C CG  . ASP A 1 150 ? -21.340 17.178  -20.527 1.00 34.80 ? 150 ASP A CG  1 
ATOM 1019 O OD1 . ASP A 1 150 ? -20.549 18.031  -21.019 1.00 37.32 ? 150 ASP A OD1 1 
ATOM 1020 O OD2 . ASP A 1 150 ? -22.572 17.377  -20.391 1.00 37.34 ? 150 ASP A OD2 1 
ATOM 1021 N N   . LYS A 1 151 ? -19.271 18.062  -18.626 1.00 30.89 ? 151 LYS A N   1 
ATOM 1022 C CA  . LYS A 1 151 ? -19.202 19.020  -17.506 1.00 30.36 ? 151 LYS A CA  1 
ATOM 1023 C C   . LYS A 1 151 ? -19.996 18.607  -16.257 1.00 29.73 ? 151 LYS A C   1 
ATOM 1024 O O   . LYS A 1 151 ? -19.536 18.792  -15.120 1.00 29.58 ? 151 LYS A O   1 
ATOM 1025 C CB  . LYS A 1 151 ? -19.569 20.436  -17.964 1.00 30.44 ? 151 LYS A CB  1 
ATOM 1026 C CG  . LYS A 1 151 ? -20.804 20.529  -18.830 1.00 30.53 ? 151 LYS A CG  1 
ATOM 1027 C CD  . LYS A 1 151 ? -20.834 21.866  -19.540 1.00 31.95 ? 151 LYS A CD  1 
ATOM 1028 C CE  . LYS A 1 151 ? -22.274 22.260  -19.869 1.00 33.12 ? 151 LYS A CE  1 
ATOM 1029 N NZ  . LYS A 1 151 ? -22.459 23.747  -19.866 1.00 33.11 ? 151 LYS A NZ  1 
ATOM 1030 N N   . THR A 1 152 ? -21.172 18.036  -16.481 1.00 29.01 ? 152 THR A N   1 
ATOM 1031 C CA  . THR A 1 152 ? -21.980 17.497  -15.396 1.00 28.42 ? 152 THR A CA  1 
ATOM 1032 C C   . THR A 1 152 ? -21.301 16.257  -14.779 1.00 28.04 ? 152 THR A C   1 
ATOM 1033 O O   . THR A 1 152 ? -21.241 15.195  -15.423 1.00 27.94 ? 152 THR A O   1 
ATOM 1034 C CB  . THR A 1 152 ? -23.409 17.191  -15.880 1.00 28.42 ? 152 THR A CB  1 
ATOM 1035 O OG1 . THR A 1 152 ? -24.191 16.742  -14.763 1.00 28.30 ? 152 THR A OG1 1 
ATOM 1036 C CG2 . THR A 1 152 ? -23.400 16.113  -17.018 1.00 28.37 ? 152 THR A CG2 1 
ATOM 1037 N N   . PRO A 1 153 ? -20.780 16.400  -13.534 1.00 27.49 ? 153 PRO A N   1 
ATOM 1038 C CA  . PRO A 1 153 ? -19.906 15.413  -12.876 1.00 26.96 ? 153 PRO A CA  1 
ATOM 1039 C C   . PRO A 1 153 ? -20.633 14.150  -12.437 1.00 26.46 ? 153 PRO A C   1 
ATOM 1040 O O   . PRO A 1 153 ? -21.842 14.189  -12.209 1.00 26.47 ? 153 PRO A O   1 
ATOM 1041 C CB  . PRO A 1 153 ? -19.412 16.167  -11.645 1.00 26.94 ? 153 PRO A CB  1 
ATOM 1042 C CG  . PRO A 1 153 ? -20.539 17.078  -11.318 1.00 27.25 ? 153 PRO A CG  1 
ATOM 1043 C CD  . PRO A 1 153 ? -21.033 17.554  -12.652 1.00 27.40 ? 153 PRO A CD  1 
ATOM 1044 N N   . ILE A 1 154 ? -19.896 13.045  -12.321 1.00 25.73 ? 154 ILE A N   1 
ATOM 1045 C CA  . ILE A 1 154 ? -20.454 11.779  -11.842 1.00 25.30 ? 154 ILE A CA  1 
ATOM 1046 C C   . ILE A 1 154 ? -19.592 11.238  -10.704 1.00 24.81 ? 154 ILE A C   1 
ATOM 1047 O O   . ILE A 1 154 ? -18.382 11.262  -10.804 1.00 24.68 ? 154 ILE A O   1 
ATOM 1048 C CB  . ILE A 1 154 ? -20.592 10.705  -12.975 1.00 25.36 ? 154 ILE A CB  1 
ATOM 1049 C CG1 . ILE A 1 154 ? -21.480 11.194  -14.131 1.00 25.02 ? 154 ILE A CG1 1 
ATOM 1050 C CG2 . ILE A 1 154 ? -21.209 9.406   -12.418 1.00 26.22 ? 154 ILE A CG2 1 
ATOM 1051 C CD1 . ILE A 1 154 ? -20.739 11.822  -15.290 1.00 24.20 ? 154 ILE A CD1 1 
ATOM 1052 N N   . ALA A 1 155 ? -20.221 10.752  -9.634  1.00 24.58 ? 155 ALA A N   1 
ATOM 1053 C CA  . ALA A 1 155 ? -19.501 10.242  -8.455  1.00 24.43 ? 155 ALA A CA  1 
ATOM 1054 C C   . ALA A 1 155 ? -18.774 8.921   -8.709  1.00 24.38 ? 155 ALA A C   1 
ATOM 1055 O O   . ALA A 1 155 ? -19.331 8.003   -9.321  1.00 24.29 ? 155 ALA A O   1 
ATOM 1056 C CB  . ALA A 1 155 ? -20.451 10.099  -7.281  1.00 24.42 ? 155 ALA A CB  1 
ATOM 1057 N N   . THR A 1 156 ? -17.538 8.828   -8.221  1.00 24.37 ? 156 THR A N   1 
ATOM 1058 C CA  . THR A 1 156 ? -16.671 7.672   -8.504  1.00 24.44 ? 156 THR A CA  1 
ATOM 1059 C C   . THR A 1 156 ? -16.154 6.955   -7.256  1.00 24.60 ? 156 THR A C   1 
ATOM 1060 O O   . THR A 1 156 ? -15.326 7.497   -6.522  1.00 24.69 ? 156 THR A O   1 
ATOM 1061 C CB  . THR A 1 156 ? -15.453 8.070   -9.375  1.00 24.25 ? 156 THR A CB  1 
ATOM 1062 O OG1 . THR A 1 156 ? -14.852 9.252   -8.851  1.00 23.70 ? 156 THR A OG1 1 
ATOM 1063 C CG2 . THR A 1 156 ? -15.874 8.329   -10.793 1.00 24.23 ? 156 THR A CG2 1 
ATOM 1064 N N   . ARG A 1 157 ? -16.641 5.736   -7.033  1.00 24.65 ? 157 ARG A N   1 
ATOM 1065 C CA  . ARG A 1 157 ? -16.198 4.914   -5.910  1.00 24.90 ? 157 ARG A CA  1 
ATOM 1066 C C   . ARG A 1 157 ? -15.577 3.628   -6.402  1.00 24.97 ? 157 ARG A C   1 
ATOM 1067 O O   . ARG A 1 157 ? -15.616 3.338   -7.613  1.00 25.06 ? 157 ARG A O   1 
ATOM 1068 C CB  . ARG A 1 157 ? -17.361 4.555   -4.983  1.00 25.02 ? 157 ARG A CB  1 
ATOM 1069 C CG  . ARG A 1 157 ? -18.099 5.731   -4.375  1.00 25.69 ? 157 ARG A CG  1 
ATOM 1070 C CD  . ARG A 1 157 ? -17.182 6.610   -3.519  1.00 26.29 ? 157 ARG A CD  1 
ATOM 1071 N NE  . ARG A 1 157 ? -17.872 7.837   -3.141  1.00 26.76 ? 157 ARG A NE  1 
ATOM 1072 C CZ  . ARG A 1 157 ? -18.030 8.886   -3.948  1.00 26.95 ? 157 ARG A CZ  1 
ATOM 1073 N NH1 . ARG A 1 157 ? -17.538 8.865   -5.189  1.00 26.92 ? 157 ARG A NH1 1 
ATOM 1074 N NH2 . ARG A 1 157 ? -18.683 9.960   -3.512  1.00 26.87 ? 157 ARG A NH2 1 
ATOM 1075 N N   . GLY A 1 158 ? -15.019 2.863   -5.454  1.00 24.77 ? 158 GLY A N   1 
ATOM 1076 C CA  . GLY A 1 158 ? -14.513 1.520   -5.725  1.00 24.62 ? 158 GLY A CA  1 
ATOM 1077 C C   . GLY A 1 158 ? -13.070 1.352   -5.310  1.00 24.52 ? 158 GLY A C   1 
ATOM 1078 O O   . GLY A 1 158 ? -12.288 2.292   -5.389  1.00 24.36 ? 158 GLY A O   1 
ATOM 1079 N N   . ASN A 1 159 ? -12.718 0.147   -4.872  1.00 24.62 ? 159 ASN A N   1 
ATOM 1080 C CA  . ASN A 1 159 ? -11.377 -0.117  -4.366  1.00 24.68 ? 159 ASN A CA  1 
ATOM 1081 C C   . ASN A 1 159 ? -10.520 -0.899  -5.348  1.00 24.62 ? 159 ASN A C   1 
ATOM 1082 O O   . ASN A 1 159 ? -10.953 -1.903  -5.901  1.00 24.37 ? 159 ASN A O   1 
ATOM 1083 C CB  . ASN A 1 159 ? -11.449 -0.860  -3.028  1.00 24.96 ? 159 ASN A CB  1 
ATOM 1084 C CG  . ASN A 1 159 ? -11.496 0.080   -1.824  1.00 25.34 ? 159 ASN A CG  1 
ATOM 1085 O OD1 . ASN A 1 159 ? -11.939 1.220   -1.912  1.00 25.91 ? 159 ASN A OD1 1 
ATOM 1086 N ND2 . ASN A 1 159 ? -11.029 -0.414  -0.685  1.00 26.35 ? 159 ASN A ND2 1 
ATOM 1087 N N   . GLY A 1 160 ? -9.298  -0.431  -5.553  1.00 24.84 ? 160 GLY A N   1 
ATOM 1088 C CA  . GLY A 1 160 ? -8.335  -1.127  -6.403  1.00 25.27 ? 160 GLY A CA  1 
ATOM 1089 C C   . GLY A 1 160 ? -7.162  -1.666  -5.605  1.00 25.54 ? 160 GLY A C   1 
ATOM 1090 O O   . GLY A 1 160 ? -6.962  -1.282  -4.458  1.00 25.67 ? 160 GLY A O   1 
ATOM 1091 N N   . SER A 1 161 ? -6.395  -2.566  -6.211  1.00 25.91 ? 161 SER A N   1 
ATOM 1092 C CA  . SER A 1 161 ? -5.215  -3.145  -5.570  1.00 26.35 ? 161 SER A CA  1 
ATOM 1093 C C   . SER A 1 161 ? -4.166  -3.504  -6.606  1.00 26.53 ? 161 SER A C   1 
ATOM 1094 O O   . SER A 1 161 ? -4.477  -4.142  -7.625  1.00 26.16 ? 161 SER A O   1 
ATOM 1095 C CB  . SER A 1 161 ? -5.571  -4.371  -4.713  1.00 26.56 ? 161 SER A CB  1 
ATOM 1096 O OG  . SER A 1 161 ? -6.337  -5.346  -5.421  1.00 27.20 ? 161 SER A OG  1 
ATOM 1097 N N   . TYR A 1 162 ? -2.927  -3.079  -6.339  1.00 26.96 ? 162 TYR A N   1 
ATOM 1098 C CA  . TYR A 1 162 ? -1.782  -3.377  -7.219  1.00 27.26 ? 162 TYR A CA  1 
ATOM 1099 C C   . TYR A 1 162 ? -0.473  -3.577  -6.442  1.00 27.29 ? 162 TYR A C   1 
ATOM 1100 O O   . TYR A 1 162 ? -0.263  -2.943  -5.388  1.00 27.25 ? 162 TYR A O   1 
ATOM 1101 C CB  . TYR A 1 162 ? -1.609  -2.271  -8.245  1.00 27.04 ? 162 TYR A CB  1 
ATOM 1102 C CG  . TYR A 1 162 ? -1.282  -0.929  -7.644  1.00 27.69 ? 162 TYR A CG  1 
ATOM 1103 C CD1 . TYR A 1 162 ? 0.046   -0.480  -7.558  1.00 29.23 ? 162 TYR A CD1 1 
ATOM 1104 C CD2 . TYR A 1 162 ? -2.287  -0.097  -7.165  1.00 27.87 ? 162 TYR A CD2 1 
ATOM 1105 C CE1 . TYR A 1 162 ? 0.362   0.781   -7.012  1.00 28.55 ? 162 TYR A CE1 1 
ATOM 1106 C CE2 . TYR A 1 162 ? -1.985  1.159   -6.616  1.00 28.21 ? 162 TYR A CE2 1 
ATOM 1107 C CZ  . TYR A 1 162 ? -0.664  1.585   -6.548  1.00 28.26 ? 162 TYR A CZ  1 
ATOM 1108 O OH  . TYR A 1 162 ? -0.384  2.807   -6.003  1.00 28.12 ? 162 TYR A OH  1 
ATOM 1109 N N   . PHE A 1 163 ? 0.384   -4.472  -6.956  1.00 27.15 ? 163 PHE A N   1 
ATOM 1110 C CA  . PHE A 1 163 ? 1.699   -4.712  -6.366  1.00 27.01 ? 163 PHE A CA  1 
ATOM 1111 C C   . PHE A 1 163 ? 2.648   -3.603  -6.762  1.00 27.34 ? 163 PHE A C   1 
ATOM 1112 O O   . PHE A 1 163 ? 2.781   -3.285  -7.935  1.00 27.18 ? 163 PHE A O   1 
ATOM 1113 C CB  . PHE A 1 163 ? 2.286   -6.036  -6.832  1.00 26.72 ? 163 PHE A CB  1 
ATOM 1114 C CG  . PHE A 1 163 ? 1.645   -7.229  -6.222  1.00 26.54 ? 163 PHE A CG  1 
ATOM 1115 C CD1 . PHE A 1 163 ? 1.282   -7.236  -4.878  1.00 25.63 ? 163 PHE A CD1 1 
ATOM 1116 C CD2 . PHE A 1 163 ? 1.434   -8.375  -6.980  1.00 27.41 ? 163 PHE A CD2 1 
ATOM 1117 C CE1 . PHE A 1 163 ? 0.693   -8.350  -4.302  1.00 25.14 ? 163 PHE A CE1 1 
ATOM 1118 C CE2 . PHE A 1 163 ? 0.842   -9.502  -6.406  1.00 27.41 ? 163 PHE A CE2 1 
ATOM 1119 C CZ  . PHE A 1 163 ? 0.472   -9.484  -5.065  1.00 26.47 ? 163 PHE A CZ  1 
ATOM 1120 N N   . ILE A 1 164 ? 3.330   -3.022  -5.787  1.00 27.95 ? 164 ILE A N   1 
ATOM 1121 C CA  . ILE A 1 164 ? 4.157   -1.867  -6.070  1.00 28.76 ? 164 ILE A CA  1 
ATOM 1122 C C   . ILE A 1 164 ? 5.420   -2.223  -6.872  1.00 29.19 ? 164 ILE A C   1 
ATOM 1123 O O   . ILE A 1 164 ? 5.814   -1.464  -7.768  1.00 29.63 ? 164 ILE A O   1 
ATOM 1124 C CB  . ILE A 1 164 ? 4.498   -1.084  -4.787  1.00 28.70 ? 164 ILE A CB  1 
ATOM 1125 C CG1 . ILE A 1 164 ? 4.840   0.374   -5.112  1.00 30.11 ? 164 ILE A CG1 1 
ATOM 1126 C CG2 . ILE A 1 164 ? 5.656   -1.713  -4.096  1.00 28.75 ? 164 ILE A CG2 1 
ATOM 1127 C CD1 . ILE A 1 164 ? 3.642   1.226   -5.501  1.00 32.67 ? 164 ILE A CD1 1 
ATOM 1128 N N   . LYS A 1 165 ? 6.044   -3.363  -6.569  1.00 29.44 ? 165 LYS A N   1 
ATOM 1129 C CA  . LYS A 1 165 ? 7.261   -3.754  -7.277  1.00 30.00 ? 165 LYS A CA  1 
ATOM 1130 C C   . LYS A 1 165 ? 6.981   -4.940  -8.186  1.00 30.26 ? 165 LYS A C   1 
ATOM 1131 O O   . LYS A 1 165 ? 6.112   -5.757  -7.849  1.00 30.64 ? 165 LYS A O   1 
ATOM 1132 C CB  . LYS A 1 165 ? 8.402   -4.051  -6.296  1.00 30.09 ? 165 LYS A CB  1 
ATOM 1133 C CG  . LYS A 1 165 ? 8.110   -5.169  -5.290  1.00 31.61 ? 165 LYS A CG  1 
ATOM 1134 C CD  . LYS A 1 165 ? 8.711   -4.868  -3.898  1.00 32.94 ? 165 LYS A CD  1 
ATOM 1135 C CE  . LYS A 1 165 ? 8.590   -6.069  -2.923  1.00 32.35 ? 165 LYS A CE  1 
ATOM 1136 N NZ  . LYS A 1 165 ? 9.333   -5.804  -1.644  1.00 30.15 ? 165 LYS A NZ  1 
ATOM 1137 O OXT . LYS A 1 165 ? 7.590   -5.105  -9.256  1.00 30.40 ? 165 LYS A OXT 1 
# 
loop_
_pdbx_poly_seq_scheme.asym_id 
_pdbx_poly_seq_scheme.entity_id 
_pdbx_poly_seq_scheme.seq_id 
_pdbx_poly_seq_scheme.mon_id 
_pdbx_poly_seq_scheme.ndb_seq_num 
_pdbx_poly_seq_scheme.pdb_seq_num 
_pdbx_poly_seq_scheme.auth_seq_num 
_pdbx_poly_seq_scheme.pdb_mon_id 
_pdbx_poly_seq_scheme.auth_mon_id 
_pdbx_poly_seq_scheme.pdb_strand_id 
_pdbx_poly_seq_scheme.pdb_ins_code 
_pdbx_poly_seq_scheme.hetero 
A 1 1   MET 1   1   ?   ?   ?   A . n 
A 1 2   ALA 2   2   ?   ?   ?   A . n 
A 1 3   SER 3   3   ?   ?   ?   A . n 
A 1 4   ILE 4   4   ?   ?   ?   A . n 
A 1 5   LYS 5   5   ?   ?   ?   A . n 
A 1 6   LYS 6   6   ?   ?   ?   A . n 
A 1 7   VAL 7   7   ?   ?   ?   A . n 
A 1 8   TYR 8   8   ?   ?   ?   A . n 
A 1 9   ARG 9   9   ?   ?   ?   A . n 
A 1 10  GLY 10  10  ?   ?   ?   A . n 
A 1 11  MET 11  11  ?   ?   ?   A . n 
A 1 12  LYS 12  12  ?   ?   ?   A . n 
A 1 13  ASN 13  13  ?   ?   ?   A . n 
A 1 14  GLY 14  14  ?   ?   ?   A . n 
A 1 15  ALA 15  15  ?   ?   ?   A . n 
A 1 16  GLU 16  16  ?   ?   ?   A . n 
A 1 17  THR 17  17  17  THR THR A . n 
A 1 18  ILE 18  18  18  ILE ILE A . n 
A 1 19  ASN 19  19  19  ASN ASN A . n 
A 1 20  ASP 20  20  20  ASP ASP A . n 
A 1 21  ASP 21  21  21  ASP ASP A . n 
A 1 22  LEU 22  22  22  LEU LEU A . n 
A 1 23  GLU 23  23  23  GLU GLU A . n 
A 1 24  ALA 24  24  24  ALA ALA A . n 
A 1 25  ILE 25  25  25  ILE ILE A . n 
A 1 26  ASN 26  26  26  ASN ASN A . n 
A 1 27  SER 27  27  27  SER SER A . n 
A 1 28  GLU 28  28  28  GLU GLU A . n 
A 1 29  LEU 29  29  29  LEU LEU A . n 
A 1 30  THR 30  30  30  THR THR A . n 
A 1 31  SER 31  31  31  SER SER A . n 
A 1 32  GLY 32  32  32  GLY GLY A . n 
A 1 33  GLY 33  33  33  GLY GLY A . n 
A 1 34  ASN 34  34  34  ASN ASN A . n 
A 1 35  VAL 35  35  35  VAL VAL A . n 
A 1 36  VAL 36  36  36  VAL VAL A . n 
A 1 37  HIS 37  37  37  HIS HIS A . n 
A 1 38  LYS 38  38  38  LYS LYS A . n 
A 1 39  THR 39  39  39  THR THR A . n 
A 1 40  GLY 40  40  40  GLY GLY A . n 
A 1 41  ASP 41  41  41  ASP ASP A . n 
A 1 42  GLU 42  42  42  GLU GLU A . n 
A 1 43  THR 43  43  43  THR THR A . n 
A 1 44  ILE 44  44  44  ILE ILE A . n 
A 1 45  ALA 45  45  45  ALA ALA A . n 
A 1 46  GLY 46  46  46  GLY GLY A . n 
A 1 47  LYS 47  47  47  LYS LYS A . n 
A 1 48  LYS 48  48  48  LYS LYS A . n 
A 1 49  THR 49  49  49  THR THR A . n 
A 1 50  PHE 50  50  50  PHE PHE A . n 
A 1 51  THR 51  51  51  THR THR A . n 
A 1 52  GLY 52  52  52  GLY GLY A . n 
A 1 53  ASN 53  53  53  ASN ASN A . n 
A 1 54  VAL 54  54  54  VAL VAL A . n 
A 1 55  GLU 55  55  55  GLU GLU A . n 
A 1 56  VAL 56  56  56  VAL VAL A . n 
A 1 57  ASN 57  57  57  ASN ASN A . n 
A 1 58  GLY 58  58  58  GLY GLY A . n 
A 1 59  SER 59  59  59  SER SER A . n 
A 1 60  LEU 60  60  60  LEU LEU A . n 
A 1 61  THR 61  61  61  THR THR A . n 
A 1 62  LEU 62  62  62  LEU LEU A . n 
A 1 63  PRO 63  63  63  PRO PRO A . n 
A 1 64  VAL 64  64  64  VAL VAL A . n 
A 1 65  GLN 65  65  65  GLN GLN A . n 
A 1 66  THR 66  66  66  THR THR A . n 
A 1 67  LEU 67  67  67  LEU LEU A . n 
A 1 68  THR 68  68  68  THR THR A . n 
A 1 69  VAL 69  69  69  VAL VAL A . n 
A 1 70  GLU 70  70  70  GLU GLU A . n 
A 1 71  ALA 71  71  71  ALA ALA A . n 
A 1 72  GLY 72  72  72  GLY GLY A . n 
A 1 73  ASN 73  73  73  ASN ASN A . n 
A 1 74  GLY 74  74  74  GLY GLY A . n 
A 1 75  LEU 75  75  75  LEU LEU A . n 
A 1 76  GLN 76  76  76  GLN GLN A . n 
A 1 77  LEU 77  77  77  LEU LEU A . n 
A 1 78  GLN 78  78  78  GLN GLN A . n 
A 1 79  LEU 79  79  79  LEU LEU A . n 
A 1 80  THR 80  80  80  THR THR A . n 
A 1 81  LYS 81  81  81  LYS LYS A . n 
A 1 82  LYS 82  82  82  LYS LYS A . n 
A 1 83  ASN 83  83  83  ASN ASN A . n 
A 1 84  ASN 84  84  84  ASN ASN A . n 
A 1 85  ASP 85  85  85  ASP ASP A . n 
A 1 86  LEU 86  86  86  LEU LEU A . n 
A 1 87  VAL 87  87  87  VAL VAL A . n 
A 1 88  ILE 88  88  88  ILE ILE A . n 
A 1 89  VAL 89  89  89  VAL VAL A . n 
A 1 90  ARG 90  90  90  ARG ARG A . n 
A 1 91  PHE 91  91  91  PHE PHE A . n 
A 1 92  PHE 92  92  92  PHE PHE A . n 
A 1 93  GLY 93  93  93  GLY GLY A . n 
A 1 94  SER 94  94  94  SER SER A . n 
A 1 95  VAL 95  95  95  VAL VAL A . n 
A 1 96  SER 96  96  96  SER SER A . n 
A 1 97  ASN 97  97  97  ASN ASN A . n 
A 1 98  ILE 98  98  98  ILE ILE A . n 
A 1 99  GLN 99  99  99  GLN GLN A . n 
A 1 100 LYS 100 100 100 LYS LYS A . n 
A 1 101 GLY 101 101 101 GLY GLY A . n 
A 1 102 TRP 102 102 102 TRP TRP A . n 
A 1 103 ASN 103 103 103 ASN ASN A . n 
A 1 104 MET 104 104 104 MET MET A . n 
A 1 105 SER 105 105 105 SER SER A . n 
A 1 106 GLY 106 106 106 GLY GLY A . n 
A 1 107 THR 107 107 107 THR THR A . n 
A 1 108 TRP 108 108 108 TRP TRP A . n 
A 1 109 VAL 109 109 109 VAL VAL A . n 
A 1 110 ASP 110 110 110 ASP ASP A . n 
A 1 111 ARG 111 111 111 ARG ARG A . n 
A 1 112 PRO 112 112 112 PRO PRO A . n 
A 1 113 PHE 113 113 113 PHE PHE A . n 
A 1 114 ARG 114 114 114 ARG ARG A . n 
A 1 115 PRO 115 115 115 PRO PRO A . n 
A 1 116 ALA 116 116 116 ALA ALA A . n 
A 1 117 ALA 117 117 117 ALA ALA A . n 
A 1 118 VAL 118 118 118 VAL VAL A . n 
A 1 119 GLN 119 119 119 GLN GLN A . n 
A 1 120 SER 120 120 120 SER SER A . n 
A 1 121 LEU 121 121 121 LEU LEU A . n 
A 1 122 VAL 122 122 122 VAL VAL A . n 
A 1 123 GLY 123 123 123 GLY GLY A . n 
A 1 124 HIS 124 124 124 HIS HIS A . n 
A 1 125 PHE 125 125 125 PHE PHE A . n 
A 1 126 ALA 126 126 126 ALA ALA A . n 
A 1 127 GLY 127 127 127 GLY GLY A . n 
A 1 128 ARG 128 128 128 ARG ARG A . n 
A 1 129 ASP 129 129 129 ASP ASP A . n 
A 1 130 THR 130 130 130 THR THR A . n 
A 1 131 SER 131 131 131 SER SER A . n 
A 1 132 PHE 132 132 132 PHE PHE A . n 
A 1 133 HIS 133 133 133 HIS HIS A . n 
A 1 134 ILE 134 134 134 ILE ILE A . n 
A 1 135 ASP 135 135 135 ASP ASP A . n 
A 1 136 ILE 136 136 136 ILE ILE A . n 
A 1 137 ASN 137 137 137 ASN ASN A . n 
A 1 138 PRO 138 138 138 PRO PRO A . n 
A 1 139 ASN 139 139 139 ASN ASN A . n 
A 1 140 GLY 140 140 140 GLY GLY A . n 
A 1 141 SER 141 141 141 SER SER A . n 
A 1 142 ILE 142 142 142 ILE ILE A . n 
A 1 143 THR 143 143 143 THR THR A . n 
A 1 144 TRP 144 144 144 TRP TRP A . n 
A 1 145 TRP 145 145 145 TRP TRP A . n 
A 1 146 GLY 146 146 146 GLY GLY A . n 
A 1 147 ALA 147 147 147 ALA ALA A . n 
A 1 148 ASN 148 148 148 ASN ASN A . n 
A 1 149 ILE 149 149 149 ILE ILE A . n 
A 1 150 ASP 150 150 150 ASP ASP A . n 
A 1 151 LYS 151 151 151 LYS LYS A . n 
A 1 152 THR 152 152 152 THR THR A . n 
A 1 153 PRO 153 153 153 PRO PRO A . n 
A 1 154 ILE 154 154 154 ILE ILE A . n 
A 1 155 ALA 155 155 155 ALA ALA A . n 
A 1 156 THR 156 156 156 THR THR A . n 
A 1 157 ARG 157 157 157 ARG ARG A . n 
A 1 158 GLY 158 158 158 GLY GLY A . n 
A 1 159 ASN 159 159 159 ASN ASN A . n 
A 1 160 GLY 160 160 160 GLY GLY A . n 
A 1 161 SER 161 161 161 SER SER A . n 
A 1 162 TYR 162 162 162 TYR TYR A . n 
A 1 163 PHE 163 163 163 PHE PHE A . n 
A 1 164 ILE 164 164 164 ILE ILE A . n 
A 1 165 LYS 165 165 165 LYS LYS A . n 
# 
_pdbx_struct_assembly.id                   1 
_pdbx_struct_assembly.details              author_and_software_defined_assembly 
_pdbx_struct_assembly.method_details       PISA 
_pdbx_struct_assembly.oligomeric_details   trimeric 
_pdbx_struct_assembly.oligomeric_count     3 
# 
_pdbx_struct_assembly_gen.assembly_id       1 
_pdbx_struct_assembly_gen.oper_expression   1,2,3 
_pdbx_struct_assembly_gen.asym_id_list      A 
# 
loop_
_pdbx_struct_assembly_prop.biol_id 
_pdbx_struct_assembly_prop.type 
_pdbx_struct_assembly_prop.value 
_pdbx_struct_assembly_prop.details 
1 'ABSA (A^2)' 12860 ? 
1 MORE         -55.4 ? 
1 'SSA (A^2)'  17500 ? 
# 
loop_
_pdbx_struct_oper_list.id 
_pdbx_struct_oper_list.type 
_pdbx_struct_oper_list.name 
_pdbx_struct_oper_list.symmetry_operation 
_pdbx_struct_oper_list.matrix[1][1] 
_pdbx_struct_oper_list.matrix[1][2] 
_pdbx_struct_oper_list.matrix[1][3] 
_pdbx_struct_oper_list.vector[1] 
_pdbx_struct_oper_list.matrix[2][1] 
_pdbx_struct_oper_list.matrix[2][2] 
_pdbx_struct_oper_list.matrix[2][3] 
_pdbx_struct_oper_list.vector[2] 
_pdbx_struct_oper_list.matrix[3][1] 
_pdbx_struct_oper_list.matrix[3][2] 
_pdbx_struct_oper_list.matrix[3][3] 
_pdbx_struct_oper_list.vector[3] 
1 'identity operation'         1_555  x,y,z           1.0000000000 0.0000000000  0.0000000000 0.0000000000  0.0000000000  1.0000000000  0.0000000000  0.0000000000   0.0000000000 0.0000000000  1.0000000000 0.0000000000  
2 'crystal symmetry operation' 8_555  -z,x+1/2,-y+1/2 0.2305195689 0.2667017737  0.9358049435 0.0662009516  -0.8692748881 -0.3757410569 0.3212161689  -14.2066644557 0.4372892605 -0.8875183503 0.1452214880 -6.3049397499 
3 'crystal symmetry operation' 11_455 y-1/2,-z+1/2,-x 0.2305195689 -0.8692748881 0.4372892605 -9.6076748287 0.2667017737  -0.3757410569 -0.8875183503 -10.9514327543 0.9358049435 0.3212161689  0.1452214880 5.4170718834  
# 
loop_
_pdbx_audit_revision_history.ordinal 
_pdbx_audit_revision_history.data_content_type 
_pdbx_audit_revision_history.major_revision 
_pdbx_audit_revision_history.minor_revision 
_pdbx_audit_revision_history.revision_date 
1 'Structure model' 1 0 2009-04-14 
2 'Structure model' 1 1 2011-07-13 
3 'Structure model' 1 2 2017-08-16 
4 'Structure model' 1 3 2023-11-01 
# 
_pdbx_audit_revision_details.ordinal             1 
_pdbx_audit_revision_details.revision_ordinal    1 
_pdbx_audit_revision_details.data_content_type   'Structure model' 
_pdbx_audit_revision_details.provider            repository 
_pdbx_audit_revision_details.type                'Initial release' 
_pdbx_audit_revision_details.description         ? 
_pdbx_audit_revision_details.details             ? 
# 
loop_
_pdbx_audit_revision_group.ordinal 
_pdbx_audit_revision_group.revision_ordinal 
_pdbx_audit_revision_group.data_content_type 
_pdbx_audit_revision_group.group 
1 2 'Structure model' Advisory                    
2 2 'Structure model' 'Version format compliance' 
3 3 'Structure model' 'Source and taxonomy'       
4 4 'Structure model' 'Data collection'           
5 4 'Structure model' 'Database references'       
6 4 'Structure model' 'Refinement description'    
# 
loop_
_pdbx_audit_revision_category.ordinal 
_pdbx_audit_revision_category.revision_ordinal 
_pdbx_audit_revision_category.data_content_type 
_pdbx_audit_revision_category.category 
1 3 'Structure model' entity_src_gen                
2 4 'Structure model' chem_comp_atom                
3 4 'Structure model' chem_comp_bond                
4 4 'Structure model' database_2                    
5 4 'Structure model' pdbx_initial_refinement_model 
# 
loop_
_pdbx_audit_revision_item.ordinal 
_pdbx_audit_revision_item.revision_ordinal 
_pdbx_audit_revision_item.data_content_type 
_pdbx_audit_revision_item.item 
1 4 'Structure model' '_database_2.pdbx_DOI'                
2 4 'Structure model' '_database_2.pdbx_database_accession' 
# 
_pdbx_refine_tls.id               1 
_pdbx_refine_tls.details          ? 
_pdbx_refine_tls.method           refined 
_pdbx_refine_tls.origin_x         -0.0825 
_pdbx_refine_tls.origin_y         0.2061 
_pdbx_refine_tls.origin_z         -0.5285 
_pdbx_refine_tls.T[1][1]          -0.1542 
_pdbx_refine_tls.T[2][2]          -0.1462 
_pdbx_refine_tls.T[3][3]          -0.1149 
_pdbx_refine_tls.T[1][2]          -0.0689 
_pdbx_refine_tls.T[1][3]          0.0573 
_pdbx_refine_tls.T[2][3]          0.0075 
_pdbx_refine_tls.L[1][1]          2.0783 
_pdbx_refine_tls.L[2][2]          2.4842 
_pdbx_refine_tls.L[3][3]          3.7712 
_pdbx_refine_tls.L[1][2]          -1.9255 
_pdbx_refine_tls.L[1][3]          2.2377 
_pdbx_refine_tls.L[2][3]          -2.5103 
_pdbx_refine_tls.S[1][1]          -0.0098 
_pdbx_refine_tls.S[1][2]          -0.0079 
_pdbx_refine_tls.S[1][3]          0.1504 
_pdbx_refine_tls.S[2][1]          -0.0210 
_pdbx_refine_tls.S[2][2]          -0.1570 
_pdbx_refine_tls.S[2][3]          -0.1044 
_pdbx_refine_tls.S[3][1]          -0.1582 
_pdbx_refine_tls.S[3][2]          0.1585 
_pdbx_refine_tls.S[3][3]          0.1668 
_pdbx_refine_tls.pdbx_refine_id   'X-RAY DIFFRACTION' 
# 
loop_
_pdbx_refine_tls_group.id 
_pdbx_refine_tls_group.refine_tls_id 
_pdbx_refine_tls_group.beg_auth_asym_id 
_pdbx_refine_tls_group.beg_auth_seq_id 
_pdbx_refine_tls_group.beg_label_asym_id 
_pdbx_refine_tls_group.beg_label_seq_id 
_pdbx_refine_tls_group.end_auth_asym_id 
_pdbx_refine_tls_group.end_auth_seq_id 
_pdbx_refine_tls_group.end_label_asym_id 
_pdbx_refine_tls_group.end_label_seq_id 
_pdbx_refine_tls_group.selection 
_pdbx_refine_tls_group.pdbx_refine_id 
_pdbx_refine_tls_group.selection_details 
1 1 A 17  A 17  A 40  A 40  ? 'X-RAY DIFFRACTION' ? 
2 1 A 41  A 41  A 108 A 108 ? 'X-RAY DIFFRACTION' ? 
3 1 A 109 A 109 A 165 A 165 ? 'X-RAY DIFFRACTION' ? 
# 
loop_
_software.name 
_software.classification 
_software.version 
_software.citation_id 
_software.pdbx_ordinal 
REFMAC refinement        5.2.0019 ? 1 
ADSC   'data collection' Quantum  ? 2 
MOSFLM 'data reduction'  .        ? 3 
SCALA  'data scaling'    .        ? 4 
BALBES phasing           .        ? 5 
# 
_pdbx_validate_close_contact.id               1 
_pdbx_validate_close_contact.PDB_model_num    1 
_pdbx_validate_close_contact.auth_atom_id_1   O 
_pdbx_validate_close_contact.auth_asym_id_1   A 
_pdbx_validate_close_contact.auth_comp_id_1   ASN 
_pdbx_validate_close_contact.auth_seq_id_1    84 
_pdbx_validate_close_contact.PDB_ins_code_1   ? 
_pdbx_validate_close_contact.label_alt_id_1   ? 
_pdbx_validate_close_contact.auth_atom_id_2   CG2 
_pdbx_validate_close_contact.auth_asym_id_2   A 
_pdbx_validate_close_contact.auth_comp_id_2   ILE 
_pdbx_validate_close_contact.auth_seq_id_2    164 
_pdbx_validate_close_contact.PDB_ins_code_2   ? 
_pdbx_validate_close_contact.label_alt_id_2   ? 
_pdbx_validate_close_contact.dist             2.13 
# 
loop_
_pdbx_validate_torsion.id 
_pdbx_validate_torsion.PDB_model_num 
_pdbx_validate_torsion.auth_comp_id 
_pdbx_validate_torsion.auth_asym_id 
_pdbx_validate_torsion.auth_seq_id 
_pdbx_validate_torsion.PDB_ins_code 
_pdbx_validate_torsion.label_alt_id 
_pdbx_validate_torsion.phi 
_pdbx_validate_torsion.psi 
1 1 ASN A 26  ? ? -62.17  3.78    
2 1 THR A 30  ? ? -132.66 -46.10  
3 1 SER A 31  ? ? -170.42 -176.88 
4 1 LYS A 47  ? ? -59.92  71.13   
5 1 ASN A 73  ? ? 59.00   -4.92   
6 1 ASN A 84  ? ? 51.52   -1.82   
7 1 ASN A 97  ? ? 72.50   53.99   
8 1 MET A 104 ? ? -48.14  152.55  
9 1 THR A 107 ? ? -18.92  128.63  
# 
loop_
_pdbx_unobs_or_zero_occ_residues.id 
_pdbx_unobs_or_zero_occ_residues.PDB_model_num 
_pdbx_unobs_or_zero_occ_residues.polymer_flag 
_pdbx_unobs_or_zero_occ_residues.occupancy_flag 
_pdbx_unobs_or_zero_occ_residues.auth_asym_id 
_pdbx_unobs_or_zero_occ_residues.auth_comp_id 
_pdbx_unobs_or_zero_occ_residues.auth_seq_id 
_pdbx_unobs_or_zero_occ_residues.PDB_ins_code 
_pdbx_unobs_or_zero_occ_residues.label_asym_id 
_pdbx_unobs_or_zero_occ_residues.label_comp_id 
_pdbx_unobs_or_zero_occ_residues.label_seq_id 
1  1 Y 1 A MET 1  ? A MET 1  
2  1 Y 1 A ALA 2  ? A ALA 2  
3  1 Y 1 A SER 3  ? A SER 3  
4  1 Y 1 A ILE 4  ? A ILE 4  
5  1 Y 1 A LYS 5  ? A LYS 5  
6  1 Y 1 A LYS 6  ? A LYS 6  
7  1 Y 1 A VAL 7  ? A VAL 7  
8  1 Y 1 A TYR 8  ? A TYR 8  
9  1 Y 1 A ARG 9  ? A ARG 9  
10 1 Y 1 A GLY 10 ? A GLY 10 
11 1 Y 1 A MET 11 ? A MET 11 
12 1 Y 1 A LYS 12 ? A LYS 12 
13 1 Y 1 A ASN 13 ? A ASN 13 
14 1 Y 1 A GLY 14 ? A GLY 14 
15 1 Y 1 A ALA 15 ? A ALA 15 
16 1 Y 1 A GLU 16 ? A GLU 16 
# 
loop_
_chem_comp_atom.comp_id 
_chem_comp_atom.atom_id 
_chem_comp_atom.type_symbol 
_chem_comp_atom.pdbx_aromatic_flag 
_chem_comp_atom.pdbx_stereo_config 
_chem_comp_atom.pdbx_ordinal 
ALA N    N N N 1   
ALA CA   C N S 2   
ALA C    C N N 3   
ALA O    O N N 4   
ALA CB   C N N 5   
ALA OXT  O N N 6   
ALA H    H N N 7   
ALA H2   H N N 8   
ALA HA   H N N 9   
ALA HB1  H N N 10  
ALA HB2  H N N 11  
ALA HB3  H N N 12  
ALA HXT  H N N 13  
ARG N    N N N 14  
ARG CA   C N S 15  
ARG C    C N N 16  
ARG O    O N N 17  
ARG CB   C N N 18  
ARG CG   C N N 19  
ARG CD   C N N 20  
ARG NE   N N N 21  
ARG CZ   C N N 22  
ARG NH1  N N N 23  
ARG NH2  N N N 24  
ARG OXT  O N N 25  
ARG H    H N N 26  
ARG H2   H N N 27  
ARG HA   H N N 28  
ARG HB2  H N N 29  
ARG HB3  H N N 30  
ARG HG2  H N N 31  
ARG HG3  H N N 32  
ARG HD2  H N N 33  
ARG HD3  H N N 34  
ARG HE   H N N 35  
ARG HH11 H N N 36  
ARG HH12 H N N 37  
ARG HH21 H N N 38  
ARG HH22 H N N 39  
ARG HXT  H N N 40  
ASN N    N N N 41  
ASN CA   C N S 42  
ASN C    C N N 43  
ASN O    O N N 44  
ASN CB   C N N 45  
ASN CG   C N N 46  
ASN OD1  O N N 47  
ASN ND2  N N N 48  
ASN OXT  O N N 49  
ASN H    H N N 50  
ASN H2   H N N 51  
ASN HA   H N N 52  
ASN HB2  H N N 53  
ASN HB3  H N N 54  
ASN HD21 H N N 55  
ASN HD22 H N N 56  
ASN HXT  H N N 57  
ASP N    N N N 58  
ASP CA   C N S 59  
ASP C    C N N 60  
ASP O    O N N 61  
ASP CB   C N N 62  
ASP CG   C N N 63  
ASP OD1  O N N 64  
ASP OD2  O N N 65  
ASP OXT  O N N 66  
ASP H    H N N 67  
ASP H2   H N N 68  
ASP HA   H N N 69  
ASP HB2  H N N 70  
ASP HB3  H N N 71  
ASP HD2  H N N 72  
ASP HXT  H N N 73  
GLN N    N N N 74  
GLN CA   C N S 75  
GLN C    C N N 76  
GLN O    O N N 77  
GLN CB   C N N 78  
GLN CG   C N N 79  
GLN CD   C N N 80  
GLN OE1  O N N 81  
GLN NE2  N N N 82  
GLN OXT  O N N 83  
GLN H    H N N 84  
GLN H2   H N N 85  
GLN HA   H N N 86  
GLN HB2  H N N 87  
GLN HB3  H N N 88  
GLN HG2  H N N 89  
GLN HG3  H N N 90  
GLN HE21 H N N 91  
GLN HE22 H N N 92  
GLN HXT  H N N 93  
GLU N    N N N 94  
GLU CA   C N S 95  
GLU C    C N N 96  
GLU O    O N N 97  
GLU CB   C N N 98  
GLU CG   C N N 99  
GLU CD   C N N 100 
GLU OE1  O N N 101 
GLU OE2  O N N 102 
GLU OXT  O N N 103 
GLU H    H N N 104 
GLU H2   H N N 105 
GLU HA   H N N 106 
GLU HB2  H N N 107 
GLU HB3  H N N 108 
GLU HG2  H N N 109 
GLU HG3  H N N 110 
GLU HE2  H N N 111 
GLU HXT  H N N 112 
GLY N    N N N 113 
GLY CA   C N N 114 
GLY C    C N N 115 
GLY O    O N N 116 
GLY OXT  O N N 117 
GLY H    H N N 118 
GLY H2   H N N 119 
GLY HA2  H N N 120 
GLY HA3  H N N 121 
GLY HXT  H N N 122 
HIS N    N N N 123 
HIS CA   C N S 124 
HIS C    C N N 125 
HIS O    O N N 126 
HIS CB   C N N 127 
HIS CG   C Y N 128 
HIS ND1  N Y N 129 
HIS CD2  C Y N 130 
HIS CE1  C Y N 131 
HIS NE2  N Y N 132 
HIS OXT  O N N 133 
HIS H    H N N 134 
HIS H2   H N N 135 
HIS HA   H N N 136 
HIS HB2  H N N 137 
HIS HB3  H N N 138 
HIS HD1  H N N 139 
HIS HD2  H N N 140 
HIS HE1  H N N 141 
HIS HE2  H N N 142 
HIS HXT  H N N 143 
ILE N    N N N 144 
ILE CA   C N S 145 
ILE C    C N N 146 
ILE O    O N N 147 
ILE CB   C N S 148 
ILE CG1  C N N 149 
ILE CG2  C N N 150 
ILE CD1  C N N 151 
ILE OXT  O N N 152 
ILE H    H N N 153 
ILE H2   H N N 154 
ILE HA   H N N 155 
ILE HB   H N N 156 
ILE HG12 H N N 157 
ILE HG13 H N N 158 
ILE HG21 H N N 159 
ILE HG22 H N N 160 
ILE HG23 H N N 161 
ILE HD11 H N N 162 
ILE HD12 H N N 163 
ILE HD13 H N N 164 
ILE HXT  H N N 165 
LEU N    N N N 166 
LEU CA   C N S 167 
LEU C    C N N 168 
LEU O    O N N 169 
LEU CB   C N N 170 
LEU CG   C N N 171 
LEU CD1  C N N 172 
LEU CD2  C N N 173 
LEU OXT  O N N 174 
LEU H    H N N 175 
LEU H2   H N N 176 
LEU HA   H N N 177 
LEU HB2  H N N 178 
LEU HB3  H N N 179 
LEU HG   H N N 180 
LEU HD11 H N N 181 
LEU HD12 H N N 182 
LEU HD13 H N N 183 
LEU HD21 H N N 184 
LEU HD22 H N N 185 
LEU HD23 H N N 186 
LEU HXT  H N N 187 
LYS N    N N N 188 
LYS CA   C N S 189 
LYS C    C N N 190 
LYS O    O N N 191 
LYS CB   C N N 192 
LYS CG   C N N 193 
LYS CD   C N N 194 
LYS CE   C N N 195 
LYS NZ   N N N 196 
LYS OXT  O N N 197 
LYS H    H N N 198 
LYS H2   H N N 199 
LYS HA   H N N 200 
LYS HB2  H N N 201 
LYS HB3  H N N 202 
LYS HG2  H N N 203 
LYS HG3  H N N 204 
LYS HD2  H N N 205 
LYS HD3  H N N 206 
LYS HE2  H N N 207 
LYS HE3  H N N 208 
LYS HZ1  H N N 209 
LYS HZ2  H N N 210 
LYS HZ3  H N N 211 
LYS HXT  H N N 212 
MET N    N N N 213 
MET CA   C N S 214 
MET C    C N N 215 
MET O    O N N 216 
MET CB   C N N 217 
MET CG   C N N 218 
MET SD   S N N 219 
MET CE   C N N 220 
MET OXT  O N N 221 
MET H    H N N 222 
MET H2   H N N 223 
MET HA   H N N 224 
MET HB2  H N N 225 
MET HB3  H N N 226 
MET HG2  H N N 227 
MET HG3  H N N 228 
MET HE1  H N N 229 
MET HE2  H N N 230 
MET HE3  H N N 231 
MET HXT  H N N 232 
PHE N    N N N 233 
PHE CA   C N S 234 
PHE C    C N N 235 
PHE O    O N N 236 
PHE CB   C N N 237 
PHE CG   C Y N 238 
PHE CD1  C Y N 239 
PHE CD2  C Y N 240 
PHE CE1  C Y N 241 
PHE CE2  C Y N 242 
PHE CZ   C Y N 243 
PHE OXT  O N N 244 
PHE H    H N N 245 
PHE H2   H N N 246 
PHE HA   H N N 247 
PHE HB2  H N N 248 
PHE HB3  H N N 249 
PHE HD1  H N N 250 
PHE HD2  H N N 251 
PHE HE1  H N N 252 
PHE HE2  H N N 253 
PHE HZ   H N N 254 
PHE HXT  H N N 255 
PRO N    N N N 256 
PRO CA   C N S 257 
PRO C    C N N 258 
PRO O    O N N 259 
PRO CB   C N N 260 
PRO CG   C N N 261 
PRO CD   C N N 262 
PRO OXT  O N N 263 
PRO H    H N N 264 
PRO HA   H N N 265 
PRO HB2  H N N 266 
PRO HB3  H N N 267 
PRO HG2  H N N 268 
PRO HG3  H N N 269 
PRO HD2  H N N 270 
PRO HD3  H N N 271 
PRO HXT  H N N 272 
SER N    N N N 273 
SER CA   C N S 274 
SER C    C N N 275 
SER O    O N N 276 
SER CB   C N N 277 
SER OG   O N N 278 
SER OXT  O N N 279 
SER H    H N N 280 
SER H2   H N N 281 
SER HA   H N N 282 
SER HB2  H N N 283 
SER HB3  H N N 284 
SER HG   H N N 285 
SER HXT  H N N 286 
THR N    N N N 287 
THR CA   C N S 288 
THR C    C N N 289 
THR O    O N N 290 
THR CB   C N R 291 
THR OG1  O N N 292 
THR CG2  C N N 293 
THR OXT  O N N 294 
THR H    H N N 295 
THR H2   H N N 296 
THR HA   H N N 297 
THR HB   H N N 298 
THR HG1  H N N 299 
THR HG21 H N N 300 
THR HG22 H N N 301 
THR HG23 H N N 302 
THR HXT  H N N 303 
TRP N    N N N 304 
TRP CA   C N S 305 
TRP C    C N N 306 
TRP O    O N N 307 
TRP CB   C N N 308 
TRP CG   C Y N 309 
TRP CD1  C Y N 310 
TRP CD2  C Y N 311 
TRP NE1  N Y N 312 
TRP CE2  C Y N 313 
TRP CE3  C Y N 314 
TRP CZ2  C Y N 315 
TRP CZ3  C Y N 316 
TRP CH2  C Y N 317 
TRP OXT  O N N 318 
TRP H    H N N 319 
TRP H2   H N N 320 
TRP HA   H N N 321 
TRP HB2  H N N 322 
TRP HB3  H N N 323 
TRP HD1  H N N 324 
TRP HE1  H N N 325 
TRP HE3  H N N 326 
TRP HZ2  H N N 327 
TRP HZ3  H N N 328 
TRP HH2  H N N 329 
TRP HXT  H N N 330 
TYR N    N N N 331 
TYR CA   C N S 332 
TYR C    C N N 333 
TYR O    O N N 334 
TYR CB   C N N 335 
TYR CG   C Y N 336 
TYR CD1  C Y N 337 
TYR CD2  C Y N 338 
TYR CE1  C Y N 339 
TYR CE2  C Y N 340 
TYR CZ   C Y N 341 
TYR OH   O N N 342 
TYR OXT  O N N 343 
TYR H    H N N 344 
TYR H2   H N N 345 
TYR HA   H N N 346 
TYR HB2  H N N 347 
TYR HB3  H N N 348 
TYR HD1  H N N 349 
TYR HD2  H N N 350 
TYR HE1  H N N 351 
TYR HE2  H N N 352 
TYR HH   H N N 353 
TYR HXT  H N N 354 
VAL N    N N N 355 
VAL CA   C N S 356 
VAL C    C N N 357 
VAL O    O N N 358 
VAL CB   C N N 359 
VAL CG1  C N N 360 
VAL CG2  C N N 361 
VAL OXT  O N N 362 
VAL H    H N N 363 
VAL H2   H N N 364 
VAL HA   H N N 365 
VAL HB   H N N 366 
VAL HG11 H N N 367 
VAL HG12 H N N 368 
VAL HG13 H N N 369 
VAL HG21 H N N 370 
VAL HG22 H N N 371 
VAL HG23 H N N 372 
VAL HXT  H N N 373 
# 
loop_
_chem_comp_bond.comp_id 
_chem_comp_bond.atom_id_1 
_chem_comp_bond.atom_id_2 
_chem_comp_bond.value_order 
_chem_comp_bond.pdbx_aromatic_flag 
_chem_comp_bond.pdbx_stereo_config 
_chem_comp_bond.pdbx_ordinal 
ALA N   CA   sing N N 1   
ALA N   H    sing N N 2   
ALA N   H2   sing N N 3   
ALA CA  C    sing N N 4   
ALA CA  CB   sing N N 5   
ALA CA  HA   sing N N 6   
ALA C   O    doub N N 7   
ALA C   OXT  sing N N 8   
ALA CB  HB1  sing N N 9   
ALA CB  HB2  sing N N 10  
ALA CB  HB3  sing N N 11  
ALA OXT HXT  sing N N 12  
ARG N   CA   sing N N 13  
ARG N   H    sing N N 14  
ARG N   H2   sing N N 15  
ARG CA  C    sing N N 16  
ARG CA  CB   sing N N 17  
ARG CA  HA   sing N N 18  
ARG C   O    doub N N 19  
ARG C   OXT  sing N N 20  
ARG CB  CG   sing N N 21  
ARG CB  HB2  sing N N 22  
ARG CB  HB3  sing N N 23  
ARG CG  CD   sing N N 24  
ARG CG  HG2  sing N N 25  
ARG CG  HG3  sing N N 26  
ARG CD  NE   sing N N 27  
ARG CD  HD2  sing N N 28  
ARG CD  HD3  sing N N 29  
ARG NE  CZ   sing N N 30  
ARG NE  HE   sing N N 31  
ARG CZ  NH1  sing N N 32  
ARG CZ  NH2  doub N N 33  
ARG NH1 HH11 sing N N 34  
ARG NH1 HH12 sing N N 35  
ARG NH2 HH21 sing N N 36  
ARG NH2 HH22 sing N N 37  
ARG OXT HXT  sing N N 38  
ASN N   CA   sing N N 39  
ASN N   H    sing N N 40  
ASN N   H2   sing N N 41  
ASN CA  C    sing N N 42  
ASN CA  CB   sing N N 43  
ASN CA  HA   sing N N 44  
ASN C   O    doub N N 45  
ASN C   OXT  sing N N 46  
ASN CB  CG   sing N N 47  
ASN CB  HB2  sing N N 48  
ASN CB  HB3  sing N N 49  
ASN CG  OD1  doub N N 50  
ASN CG  ND2  sing N N 51  
ASN ND2 HD21 sing N N 52  
ASN ND2 HD22 sing N N 53  
ASN OXT HXT  sing N N 54  
ASP N   CA   sing N N 55  
ASP N   H    sing N N 56  
ASP N   H2   sing N N 57  
ASP CA  C    sing N N 58  
ASP CA  CB   sing N N 59  
ASP CA  HA   sing N N 60  
ASP C   O    doub N N 61  
ASP C   OXT  sing N N 62  
ASP CB  CG   sing N N 63  
ASP CB  HB2  sing N N 64  
ASP CB  HB3  sing N N 65  
ASP CG  OD1  doub N N 66  
ASP CG  OD2  sing N N 67  
ASP OD2 HD2  sing N N 68  
ASP OXT HXT  sing N N 69  
GLN N   CA   sing N N 70  
GLN N   H    sing N N 71  
GLN N   H2   sing N N 72  
GLN CA  C    sing N N 73  
GLN CA  CB   sing N N 74  
GLN CA  HA   sing N N 75  
GLN C   O    doub N N 76  
GLN C   OXT  sing N N 77  
GLN CB  CG   sing N N 78  
GLN CB  HB2  sing N N 79  
GLN CB  HB3  sing N N 80  
GLN CG  CD   sing N N 81  
GLN CG  HG2  sing N N 82  
GLN CG  HG3  sing N N 83  
GLN CD  OE1  doub N N 84  
GLN CD  NE2  sing N N 85  
GLN NE2 HE21 sing N N 86  
GLN NE2 HE22 sing N N 87  
GLN OXT HXT  sing N N 88  
GLU N   CA   sing N N 89  
GLU N   H    sing N N 90  
GLU N   H2   sing N N 91  
GLU CA  C    sing N N 92  
GLU CA  CB   sing N N 93  
GLU CA  HA   sing N N 94  
GLU C   O    doub N N 95  
GLU C   OXT  sing N N 96  
GLU CB  CG   sing N N 97  
GLU CB  HB2  sing N N 98  
GLU CB  HB3  sing N N 99  
GLU CG  CD   sing N N 100 
GLU CG  HG2  sing N N 101 
GLU CG  HG3  sing N N 102 
GLU CD  OE1  doub N N 103 
GLU CD  OE2  sing N N 104 
GLU OE2 HE2  sing N N 105 
GLU OXT HXT  sing N N 106 
GLY N   CA   sing N N 107 
GLY N   H    sing N N 108 
GLY N   H2   sing N N 109 
GLY CA  C    sing N N 110 
GLY CA  HA2  sing N N 111 
GLY CA  HA3  sing N N 112 
GLY C   O    doub N N 113 
GLY C   OXT  sing N N 114 
GLY OXT HXT  sing N N 115 
HIS N   CA   sing N N 116 
HIS N   H    sing N N 117 
HIS N   H2   sing N N 118 
HIS CA  C    sing N N 119 
HIS CA  CB   sing N N 120 
HIS CA  HA   sing N N 121 
HIS C   O    doub N N 122 
HIS C   OXT  sing N N 123 
HIS CB  CG   sing N N 124 
HIS CB  HB2  sing N N 125 
HIS CB  HB3  sing N N 126 
HIS CG  ND1  sing Y N 127 
HIS CG  CD2  doub Y N 128 
HIS ND1 CE1  doub Y N 129 
HIS ND1 HD1  sing N N 130 
HIS CD2 NE2  sing Y N 131 
HIS CD2 HD2  sing N N 132 
HIS CE1 NE2  sing Y N 133 
HIS CE1 HE1  sing N N 134 
HIS NE2 HE2  sing N N 135 
HIS OXT HXT  sing N N 136 
ILE N   CA   sing N N 137 
ILE N   H    sing N N 138 
ILE N   H2   sing N N 139 
ILE CA  C    sing N N 140 
ILE CA  CB   sing N N 141 
ILE CA  HA   sing N N 142 
ILE C   O    doub N N 143 
ILE C   OXT  sing N N 144 
ILE CB  CG1  sing N N 145 
ILE CB  CG2  sing N N 146 
ILE CB  HB   sing N N 147 
ILE CG1 CD1  sing N N 148 
ILE CG1 HG12 sing N N 149 
ILE CG1 HG13 sing N N 150 
ILE CG2 HG21 sing N N 151 
ILE CG2 HG22 sing N N 152 
ILE CG2 HG23 sing N N 153 
ILE CD1 HD11 sing N N 154 
ILE CD1 HD12 sing N N 155 
ILE CD1 HD13 sing N N 156 
ILE OXT HXT  sing N N 157 
LEU N   CA   sing N N 158 
LEU N   H    sing N N 159 
LEU N   H2   sing N N 160 
LEU CA  C    sing N N 161 
LEU CA  CB   sing N N 162 
LEU CA  HA   sing N N 163 
LEU C   O    doub N N 164 
LEU C   OXT  sing N N 165 
LEU CB  CG   sing N N 166 
LEU CB  HB2  sing N N 167 
LEU CB  HB3  sing N N 168 
LEU CG  CD1  sing N N 169 
LEU CG  CD2  sing N N 170 
LEU CG  HG   sing N N 171 
LEU CD1 HD11 sing N N 172 
LEU CD1 HD12 sing N N 173 
LEU CD1 HD13 sing N N 174 
LEU CD2 HD21 sing N N 175 
LEU CD2 HD22 sing N N 176 
LEU CD2 HD23 sing N N 177 
LEU OXT HXT  sing N N 178 
LYS N   CA   sing N N 179 
LYS N   H    sing N N 180 
LYS N   H2   sing N N 181 
LYS CA  C    sing N N 182 
LYS CA  CB   sing N N 183 
LYS CA  HA   sing N N 184 
LYS C   O    doub N N 185 
LYS C   OXT  sing N N 186 
LYS CB  CG   sing N N 187 
LYS CB  HB2  sing N N 188 
LYS CB  HB3  sing N N 189 
LYS CG  CD   sing N N 190 
LYS CG  HG2  sing N N 191 
LYS CG  HG3  sing N N 192 
LYS CD  CE   sing N N 193 
LYS CD  HD2  sing N N 194 
LYS CD  HD3  sing N N 195 
LYS CE  NZ   sing N N 196 
LYS CE  HE2  sing N N 197 
LYS CE  HE3  sing N N 198 
LYS NZ  HZ1  sing N N 199 
LYS NZ  HZ2  sing N N 200 
LYS NZ  HZ3  sing N N 201 
LYS OXT HXT  sing N N 202 
MET N   CA   sing N N 203 
MET N   H    sing N N 204 
MET N   H2   sing N N 205 
MET CA  C    sing N N 206 
MET CA  CB   sing N N 207 
MET CA  HA   sing N N 208 
MET C   O    doub N N 209 
MET C   OXT  sing N N 210 
MET CB  CG   sing N N 211 
MET CB  HB2  sing N N 212 
MET CB  HB3  sing N N 213 
MET CG  SD   sing N N 214 
MET CG  HG2  sing N N 215 
MET CG  HG3  sing N N 216 
MET SD  CE   sing N N 217 
MET CE  HE1  sing N N 218 
MET CE  HE2  sing N N 219 
MET CE  HE3  sing N N 220 
MET OXT HXT  sing N N 221 
PHE N   CA   sing N N 222 
PHE N   H    sing N N 223 
PHE N   H2   sing N N 224 
PHE CA  C    sing N N 225 
PHE CA  CB   sing N N 226 
PHE CA  HA   sing N N 227 
PHE C   O    doub N N 228 
PHE C   OXT  sing N N 229 
PHE CB  CG   sing N N 230 
PHE CB  HB2  sing N N 231 
PHE CB  HB3  sing N N 232 
PHE CG  CD1  doub Y N 233 
PHE CG  CD2  sing Y N 234 
PHE CD1 CE1  sing Y N 235 
PHE CD1 HD1  sing N N 236 
PHE CD2 CE2  doub Y N 237 
PHE CD2 HD2  sing N N 238 
PHE CE1 CZ   doub Y N 239 
PHE CE1 HE1  sing N N 240 
PHE CE2 CZ   sing Y N 241 
PHE CE2 HE2  sing N N 242 
PHE CZ  HZ   sing N N 243 
PHE OXT HXT  sing N N 244 
PRO N   CA   sing N N 245 
PRO N   CD   sing N N 246 
PRO N   H    sing N N 247 
PRO CA  C    sing N N 248 
PRO CA  CB   sing N N 249 
PRO CA  HA   sing N N 250 
PRO C   O    doub N N 251 
PRO C   OXT  sing N N 252 
PRO CB  CG   sing N N 253 
PRO CB  HB2  sing N N 254 
PRO CB  HB3  sing N N 255 
PRO CG  CD   sing N N 256 
PRO CG  HG2  sing N N 257 
PRO CG  HG3  sing N N 258 
PRO CD  HD2  sing N N 259 
PRO CD  HD3  sing N N 260 
PRO OXT HXT  sing N N 261 
SER N   CA   sing N N 262 
SER N   H    sing N N 263 
SER N   H2   sing N N 264 
SER CA  C    sing N N 265 
SER CA  CB   sing N N 266 
SER CA  HA   sing N N 267 
SER C   O    doub N N 268 
SER C   OXT  sing N N 269 
SER CB  OG   sing N N 270 
SER CB  HB2  sing N N 271 
SER CB  HB3  sing N N 272 
SER OG  HG   sing N N 273 
SER OXT HXT  sing N N 274 
THR N   CA   sing N N 275 
THR N   H    sing N N 276 
THR N   H2   sing N N 277 
THR CA  C    sing N N 278 
THR CA  CB   sing N N 279 
THR CA  HA   sing N N 280 
THR C   O    doub N N 281 
THR C   OXT  sing N N 282 
THR CB  OG1  sing N N 283 
THR CB  CG2  sing N N 284 
THR CB  HB   sing N N 285 
THR OG1 HG1  sing N N 286 
THR CG2 HG21 sing N N 287 
THR CG2 HG22 sing N N 288 
THR CG2 HG23 sing N N 289 
THR OXT HXT  sing N N 290 
TRP N   CA   sing N N 291 
TRP N   H    sing N N 292 
TRP N   H2   sing N N 293 
TRP CA  C    sing N N 294 
TRP CA  CB   sing N N 295 
TRP CA  HA   sing N N 296 
TRP C   O    doub N N 297 
TRP C   OXT  sing N N 298 
TRP CB  CG   sing N N 299 
TRP CB  HB2  sing N N 300 
TRP CB  HB3  sing N N 301 
TRP CG  CD1  doub Y N 302 
TRP CG  CD2  sing Y N 303 
TRP CD1 NE1  sing Y N 304 
TRP CD1 HD1  sing N N 305 
TRP CD2 CE2  doub Y N 306 
TRP CD2 CE3  sing Y N 307 
TRP NE1 CE2  sing Y N 308 
TRP NE1 HE1  sing N N 309 
TRP CE2 CZ2  sing Y N 310 
TRP CE3 CZ3  doub Y N 311 
TRP CE3 HE3  sing N N 312 
TRP CZ2 CH2  doub Y N 313 
TRP CZ2 HZ2  sing N N 314 
TRP CZ3 CH2  sing Y N 315 
TRP CZ3 HZ3  sing N N 316 
TRP CH2 HH2  sing N N 317 
TRP OXT HXT  sing N N 318 
TYR N   CA   sing N N 319 
TYR N   H    sing N N 320 
TYR N   H2   sing N N 321 
TYR CA  C    sing N N 322 
TYR CA  CB   sing N N 323 
TYR CA  HA   sing N N 324 
TYR C   O    doub N N 325 
TYR C   OXT  sing N N 326 
TYR CB  CG   sing N N 327 
TYR CB  HB2  sing N N 328 
TYR CB  HB3  sing N N 329 
TYR CG  CD1  doub Y N 330 
TYR CG  CD2  sing Y N 331 
TYR CD1 CE1  sing Y N 332 
TYR CD1 HD1  sing N N 333 
TYR CD2 CE2  doub Y N 334 
TYR CD2 HD2  sing N N 335 
TYR CE1 CZ   doub Y N 336 
TYR CE1 HE1  sing N N 337 
TYR CE2 CZ   sing Y N 338 
TYR CE2 HE2  sing N N 339 
TYR CZ  OH   sing N N 340 
TYR OH  HH   sing N N 341 
TYR OXT HXT  sing N N 342 
VAL N   CA   sing N N 343 
VAL N   H    sing N N 344 
VAL N   H2   sing N N 345 
VAL CA  C    sing N N 346 
VAL CA  CB   sing N N 347 
VAL CA  HA   sing N N 348 
VAL C   O    doub N N 349 
VAL C   OXT  sing N N 350 
VAL CB  CG1  sing N N 351 
VAL CB  CG2  sing N N 352 
VAL CB  HB   sing N N 353 
VAL CG1 HG11 sing N N 354 
VAL CG1 HG12 sing N N 355 
VAL CG1 HG13 sing N N 356 
VAL CG2 HG21 sing N N 357 
VAL CG2 HG22 sing N N 358 
VAL CG2 HG23 sing N N 359 
VAL OXT HXT  sing N N 360 
# 
loop_
_pdbx_initial_refinement_model.id 
_pdbx_initial_refinement_model.entity_id_list 
_pdbx_initial_refinement_model.type 
_pdbx_initial_refinement_model.source_name 
_pdbx_initial_refinement_model.accession_code 
_pdbx_initial_refinement_model.details 
1 ? 'experimental model' PDB 2BSD 'PDB ENTRY 2BSD, 2F0C' 
2 ? 'experimental model' PDB 2F0C 'PDB ENTRY 2BSD, 2F0C' 
# 
